data_3AQU
#
_entry.id   3AQU
#
_cell.length_a   74.574
_cell.length_b   75.079
_cell.length_c   97.347
_cell.angle_alpha   73.63
_cell.angle_beta   73.34
_cell.angle_gamma   68.47
#
_symmetry.space_group_name_H-M   'P 1'
#
loop_
_entity.id
_entity.type
_entity.pdbx_description
1 polymer At4g19810
2 non-polymer 'CITRATE ANION'
3 water water
#
_entity_poly.entity_id   1
_entity_poly.type   'polypeptide(L)'
_entity_poly.pdbx_seq_one_letter_code
;MQTVVKASYWFPASEFPVTDIDSSLFTHLFCAFADLNSQTNQVTVSSANQPKFSTFTQTVQRRNPSVKTLLSIGGGIADK
TAYASMASNPTSRKSFIDSSIRVARSYGFHGLDLDWEYPSSATEMTNFGTLLREWRSAVVAEASSSGKPRLLLAAAVFYS
NNYYSVLYPVSAVASSLDWVNLMAYDFYGPGWSRVTGPPAALFDPSNAGPSGDAGTRSWIQAGLPAKKAVLGFPYYGYAW
RLTNANSHSYYAPTTGAAISPDGSIGYGQIRKFIVDNGATTVYNSTVVGDYCYAGTNWIGYDDNQSIVTKVRYAKQRGLL
GYFSWHVGADDNSGLSRAASQAWDATTATTRTIQKV
;
_entity_poly.pdbx_strand_id   A,B,C,D
#
# COMPACT_ATOMS: atom_id res chain seq x y z
N THR A 3 -4.98 8.64 40.43
CA THR A 3 -5.78 9.57 41.31
C THR A 3 -7.14 9.96 40.72
N VAL A 4 -7.13 10.42 39.47
CA VAL A 4 -8.37 10.75 38.76
C VAL A 4 -8.17 10.60 37.24
N VAL A 5 -9.13 9.95 36.61
CA VAL A 5 -9.13 9.88 35.17
C VAL A 5 -10.30 10.70 34.65
N LYS A 6 -9.98 11.72 33.85
CA LYS A 6 -11.00 12.45 33.08
C LYS A 6 -10.64 12.19 31.63
N ALA A 7 -11.44 11.37 30.94
CA ALA A 7 -11.00 10.83 29.66
C ALA A 7 -12.02 10.96 28.54
N SER A 8 -11.52 10.81 27.33
CA SER A 8 -12.38 10.74 26.15
C SER A 8 -11.63 9.98 25.08
N TYR A 9 -12.39 9.45 24.11
CA TYR A 9 -11.85 8.77 22.95
C TYR A 9 -11.87 9.68 21.72
N TRP A 10 -10.83 9.56 20.90
CA TRP A 10 -10.79 10.19 19.60
C TRP A 10 -10.55 9.14 18.52
N PHE A 11 -11.33 9.21 17.44
CA PHE A 11 -11.11 8.38 16.24
C PHE A 11 -11.14 9.18 14.93
N PRO A 12 -10.27 8.81 13.96
CA PRO A 12 -10.03 9.65 12.78
C PRO A 12 -11.24 9.84 11.86
N ALA A 13 -12.16 8.88 11.82
CA ALA A 13 -13.34 8.99 10.95
C ALA A 13 -14.36 10.02 11.45
N SER A 14 -14.22 10.45 12.71
CA SER A 14 -15.06 11.53 13.26
C SER A 14 -14.83 12.84 12.52
N GLU A 15 -13.66 12.95 11.86
CA GLU A 15 -13.23 14.14 11.14
C GLU A 15 -13.02 15.36 12.06
N PHE A 16 -12.87 15.09 13.36
CA PHE A 16 -12.62 16.14 14.34
C PHE A 16 -11.11 16.39 14.41
N PRO A 17 -10.66 17.63 14.12
CA PRO A 17 -9.21 17.88 14.19
C PRO A 17 -8.68 17.65 15.62
N VAL A 18 -7.53 16.96 15.71
CA VAL A 18 -6.87 16.68 16.99
C VAL A 18 -6.55 17.98 17.75
N THR A 19 -6.20 19.02 16.99
CA THR A 19 -5.96 20.35 17.56
C THR A 19 -7.21 20.94 18.21
N ASP A 20 -8.40 20.49 17.81
CA ASP A 20 -9.64 21.01 18.41
C ASP A 20 -10.01 20.38 19.75
N ILE A 21 -9.29 19.33 20.16
CA ILE A 21 -9.50 18.74 21.49
C ILE A 21 -8.98 19.69 22.57
N ASP A 22 -9.86 20.08 23.49
CA ASP A 22 -9.47 20.97 24.58
C ASP A 22 -8.88 20.12 25.69
N SER A 23 -7.57 19.89 25.59
CA SER A 23 -6.83 18.96 26.45
C SER A 23 -6.80 19.35 27.91
N SER A 24 -7.05 20.64 28.18
CA SER A 24 -7.09 21.13 29.56
C SER A 24 -8.30 20.53 30.32
N LEU A 25 -9.25 19.95 29.59
CA LEU A 25 -10.43 19.34 30.22
C LEU A 25 -10.29 17.83 30.54
N PHE A 26 -9.11 17.27 30.28
CA PHE A 26 -8.90 15.82 30.40
C PHE A 26 -7.60 15.51 31.09
N THR A 27 -7.52 14.33 31.68
CA THR A 27 -6.25 13.83 32.20
C THR A 27 -5.67 12.76 31.26
N HIS A 28 -6.55 12.11 30.49
CA HIS A 28 -6.17 10.99 29.62
C HIS A 28 -6.98 11.01 28.35
N LEU A 29 -6.33 10.82 27.22
CA LEU A 29 -7.01 10.77 25.94
C LEU A 29 -6.72 9.46 25.23
N PHE A 30 -7.77 8.84 24.67
CA PHE A 30 -7.61 7.57 23.97
C PHE A 30 -7.65 7.81 22.46
N CYS A 31 -6.67 7.27 21.75
CA CYS A 31 -6.64 7.33 20.30
C CYS A 31 -7.01 5.96 19.75
N ALA A 32 -8.05 5.90 18.91
CA ALA A 32 -8.65 4.63 18.52
C ALA A 32 -8.85 4.52 16.99
N PHE A 33 -8.57 3.40 16.35
CA PHE A 33 -8.08 2.14 16.94
C PHE A 33 -6.89 1.59 16.15
N ALA A 34 -5.90 1.09 16.87
CA ALA A 34 -4.89 0.19 16.30
C ALA A 34 -5.56 -1.17 16.00
N ASP A 35 -4.94 -1.93 15.08
CA ASP A 35 -5.52 -3.18 14.60
C ASP A 35 -4.66 -4.36 15.01
N LEU A 36 -5.27 -5.54 14.96
CA LEU A 36 -4.57 -6.81 15.14
C LEU A 36 -4.38 -7.42 13.77
N ASN A 37 -3.14 -7.69 13.43
CA ASN A 37 -2.83 -8.42 12.21
C ASN A 37 -3.03 -9.89 12.52
N SER A 38 -4.02 -10.51 11.89
CA SER A 38 -4.37 -11.89 12.21
C SER A 38 -3.35 -12.93 11.73
N GLN A 39 -2.49 -12.58 10.77
CA GLN A 39 -1.45 -13.51 10.28
C GLN A 39 -0.18 -13.46 11.14
N THR A 40 0.18 -12.28 11.64
CA THR A 40 1.41 -12.12 12.43
C THR A 40 1.14 -12.06 13.94
N ASN A 41 -0.13 -11.81 14.29
CA ASN A 41 -0.57 -11.62 15.68
C ASN A 41 0.07 -10.42 16.33
N GLN A 42 0.35 -9.40 15.52
CA GLN A 42 0.94 -8.16 16.01
C GLN A 42 -0.08 -7.04 16.01
N VAL A 43 0.10 -6.11 16.94
CA VAL A 43 -0.58 -4.84 16.91
C VAL A 43 0.03 -3.96 15.82
N THR A 44 -0.82 -3.45 14.93
CA THR A 44 -0.38 -2.58 13.84
C THR A 44 -1.26 -1.34 13.72
N VAL A 45 -0.68 -0.26 13.22
CA VAL A 45 -1.44 0.94 12.87
C VAL A 45 -1.55 0.95 11.35
N SER A 46 -2.76 1.16 10.83
CA SER A 46 -2.96 1.20 9.40
C SER A 46 -2.15 2.35 8.79
N SER A 47 -1.74 2.20 7.54
CA SER A 47 -0.96 3.27 6.90
C SER A 47 -1.76 4.57 6.84
N ALA A 48 -3.09 4.47 6.68
CA ALA A 48 -3.95 5.64 6.72
C ALA A 48 -3.91 6.34 8.08
N ASN A 49 -3.83 5.54 9.15
CA ASN A 49 -3.86 6.09 10.51
C ASN A 49 -2.49 6.50 11.04
N GLN A 50 -1.44 6.01 10.39
CA GLN A 50 -0.08 6.24 10.89
C GLN A 50 0.30 7.70 11.19
N PRO A 51 -0.03 8.66 10.29
CA PRO A 51 0.39 10.03 10.57
C PRO A 51 -0.29 10.64 11.80
N LYS A 52 -1.62 10.60 11.82
CA LYS A 52 -2.35 11.15 12.96
C LYS A 52 -2.12 10.42 14.30
N PHE A 53 -1.99 9.10 14.28
CA PHE A 53 -1.77 8.34 15.53
C PHE A 53 -0.38 8.65 16.11
N SER A 54 0.61 8.79 15.22
CA SER A 54 1.99 9.01 15.66
C SER A 54 2.22 10.42 16.19
N THR A 55 1.44 11.38 15.72
CA THR A 55 1.54 12.77 16.20
C THR A 55 0.46 13.14 17.23
N PHE A 56 -0.48 12.21 17.50
CA PHE A 56 -1.60 12.46 18.43
C PHE A 56 -1.13 13.05 19.76
N THR A 57 -0.17 12.40 20.40
CA THR A 57 0.23 12.76 21.76
C THR A 57 0.86 14.16 21.85
N GLN A 58 1.88 14.43 21.04
CA GLN A 58 2.53 15.73 21.08
C GLN A 58 1.57 16.85 20.68
N THR A 59 0.63 16.55 19.79
CA THR A 59 -0.40 17.49 19.39
C THR A 59 -1.37 17.85 20.53
N VAL A 60 -1.96 16.84 21.19
CA VAL A 60 -2.85 17.13 22.33
C VAL A 60 -2.11 17.76 23.51
N GLN A 61 -0.83 17.42 23.68
CA GLN A 61 -0.01 18.01 24.77
C GLN A 61 0.22 19.53 24.62
N ARG A 62 -0.05 20.07 23.43
CA ARG A 62 0.06 21.51 23.20
C ARG A 62 -0.93 22.32 24.04
N ARG A 63 -2.13 21.77 24.27
CA ARG A 63 -3.15 22.47 25.05
C ARG A 63 -3.20 22.02 26.51
N ASN A 64 -2.37 21.03 26.86
CA ASN A 64 -2.20 20.55 28.25
C ASN A 64 -1.00 19.61 28.27
N PRO A 65 0.19 20.14 28.64
CA PRO A 65 1.41 19.33 28.66
C PRO A 65 1.34 18.15 29.62
N SER A 66 0.40 18.18 30.57
CA SER A 66 0.27 17.12 31.56
C SER A 66 -0.63 15.96 31.13
N VAL A 67 -1.36 16.13 30.02
CA VAL A 67 -2.30 15.12 29.57
C VAL A 67 -1.54 13.86 29.13
N LYS A 68 -2.09 12.70 29.48
CA LYS A 68 -1.50 11.42 29.12
C LYS A 68 -2.39 10.79 28.06
N THR A 69 -1.81 9.90 27.25
CA THR A 69 -2.54 9.29 26.13
C THR A 69 -2.43 7.77 26.13
N LEU A 70 -3.46 7.12 25.61
CA LEU A 70 -3.42 5.68 25.42
C LEU A 70 -3.86 5.34 24.02
N LEU A 71 -3.23 4.31 23.47
CA LEU A 71 -3.61 3.83 22.14
C LEU A 71 -4.50 2.63 22.33
N SER A 72 -5.71 2.73 21.78
CA SER A 72 -6.72 1.69 21.90
C SER A 72 -6.59 0.70 20.77
N ILE A 73 -6.86 -0.57 21.07
CA ILE A 73 -6.63 -1.67 20.13
C ILE A 73 -7.94 -2.42 19.97
N GLY A 74 -8.35 -2.62 18.73
CA GLY A 74 -9.53 -3.40 18.42
C GLY A 74 -10.68 -2.49 18.11
N GLY A 75 -11.62 -2.38 19.05
CA GLY A 75 -12.84 -1.59 18.86
C GLY A 75 -14.01 -2.41 18.37
N GLY A 76 -15.14 -1.73 18.19
CA GLY A 76 -16.42 -2.36 17.88
C GLY A 76 -16.46 -3.29 16.69
N ILE A 77 -15.73 -2.95 15.63
CA ILE A 77 -15.79 -3.74 14.41
C ILE A 77 -14.58 -4.70 14.21
N ALA A 78 -13.74 -4.85 15.23
CA ALA A 78 -12.64 -5.80 15.17
C ALA A 78 -13.11 -7.23 14.92
N ASP A 79 -12.23 -8.06 14.36
CA ASP A 79 -12.49 -9.48 14.13
C ASP A 79 -12.24 -10.24 15.42
N LYS A 80 -13.31 -10.58 16.13
CA LYS A 80 -13.21 -11.25 17.43
C LYS A 80 -12.58 -12.65 17.36
N THR A 81 -12.74 -13.35 16.23
CA THR A 81 -12.10 -14.65 16.08
C THR A 81 -10.58 -14.53 16.03
N ALA A 82 -10.08 -13.45 15.43
CA ALA A 82 -8.64 -13.16 15.44
C ALA A 82 -8.11 -12.93 16.86
N TYR A 83 -8.85 -12.14 17.65
CA TYR A 83 -8.48 -11.86 19.02
C TYR A 83 -8.48 -13.14 19.86
N ALA A 84 -9.53 -13.94 19.71
CA ALA A 84 -9.61 -15.23 20.40
C ALA A 84 -8.44 -16.16 20.01
N SER A 85 -8.12 -16.25 18.72
CA SER A 85 -6.97 -17.07 18.26
C SER A 85 -5.66 -16.56 18.86
N MET A 86 -5.43 -15.25 18.75
CA MET A 86 -4.27 -14.62 19.36
C MET A 86 -4.13 -14.96 20.84
N ALA A 87 -5.19 -14.75 21.63
CA ALA A 87 -5.15 -14.98 23.08
C ALA A 87 -5.01 -16.46 23.49
N SER A 88 -5.33 -17.38 22.57
CA SER A 88 -5.37 -18.82 22.86
C SER A 88 -4.01 -19.51 23.07
N ASN A 89 -2.96 -18.88 22.58
CA ASN A 89 -1.63 -19.48 22.51
C ASN A 89 -0.55 -18.54 23.09
N PRO A 90 0.33 -19.07 23.95
CA PRO A 90 1.44 -18.29 24.52
C PRO A 90 2.32 -17.55 23.48
N THR A 91 2.52 -18.15 22.31
CA THR A 91 3.39 -17.54 21.30
C THR A 91 2.70 -16.38 20.57
N SER A 92 1.41 -16.51 20.31
CA SER A 92 0.66 -15.43 19.68
C SER A 92 0.39 -14.28 20.66
N ARG A 93 0.13 -14.59 21.93
CA ARG A 93 0.05 -13.57 22.98
C ARG A 93 1.35 -12.77 23.11
N LYS A 94 2.49 -13.44 23.01
CA LYS A 94 3.77 -12.77 23.10
C LYS A 94 4.01 -11.80 21.93
N SER A 95 3.64 -12.19 20.71
CA SER A 95 3.85 -11.28 19.57
C SER A 95 2.90 -10.05 19.65
N PHE A 96 1.71 -10.27 20.20
CA PHE A 96 0.75 -9.20 20.46
C PHE A 96 1.30 -8.24 21.50
N ILE A 97 1.72 -8.80 22.64
CA ILE A 97 2.23 -8.00 23.75
C ILE A 97 3.45 -7.17 23.37
N ASP A 98 4.44 -7.82 22.76
CA ASP A 98 5.73 -7.19 22.44
C ASP A 98 5.57 -6.07 21.43
N SER A 99 4.80 -6.33 20.38
CA SER A 99 4.54 -5.32 19.35
C SER A 99 3.74 -4.14 19.90
N SER A 100 2.72 -4.42 20.71
CA SER A 100 1.89 -3.38 21.34
C SER A 100 2.76 -2.39 22.13
N ILE A 101 3.76 -2.92 22.82
CA ILE A 101 4.70 -2.12 23.61
C ILE A 101 5.65 -1.29 22.72
N ARG A 102 6.22 -1.90 21.68
CA ARG A 102 7.03 -1.19 20.68
C ARG A 102 6.24 -0.06 20.02
N VAL A 103 5.02 -0.36 19.60
CA VAL A 103 4.17 0.63 18.93
C VAL A 103 3.90 1.84 19.84
N ALA A 104 3.46 1.58 21.07
CA ALA A 104 3.17 2.63 22.03
C ALA A 104 4.37 3.55 22.23
N ARG A 105 5.56 2.95 22.37
CA ARG A 105 6.78 3.71 22.66
C ARG A 105 7.19 4.53 21.47
N SER A 106 7.06 3.95 20.28
CA SER A 106 7.52 4.58 19.06
C SER A 106 6.57 5.69 18.63
N TYR A 107 5.28 5.49 18.91
CA TYR A 107 4.25 6.49 18.63
C TYR A 107 4.12 7.53 19.75
N GLY A 108 4.77 7.28 20.89
CA GLY A 108 4.80 8.23 22.00
C GLY A 108 3.59 8.18 22.94
N PHE A 109 2.86 7.07 22.95
CA PHE A 109 1.77 6.91 23.90
C PHE A 109 2.25 6.57 25.31
N HIS A 110 1.49 6.99 26.32
CA HIS A 110 1.81 6.68 27.71
C HIS A 110 1.22 5.35 28.15
N GLY A 111 0.46 4.70 27.27
CA GLY A 111 -0.14 3.43 27.60
C GLY A 111 -0.97 2.82 26.49
N LEU A 112 -1.62 1.71 26.83
CA LEU A 112 -2.34 0.90 25.86
C LEU A 112 -3.68 0.50 26.43
N ASP A 113 -4.69 0.41 25.56
CA ASP A 113 -6.05 0.11 25.95
C ASP A 113 -6.60 -1.00 25.02
N LEU A 114 -6.93 -2.17 25.57
CA LEU A 114 -7.48 -3.25 24.76
C LEU A 114 -9.01 -3.19 24.71
N ASP A 115 -9.55 -3.10 23.50
CA ASP A 115 -10.98 -2.98 23.27
C ASP A 115 -11.50 -4.19 22.49
N TRP A 116 -11.45 -5.34 23.16
CA TRP A 116 -12.05 -6.56 22.64
C TRP A 116 -13.49 -6.59 23.14
N GLU A 117 -14.45 -6.45 22.23
CA GLU A 117 -15.86 -6.27 22.61
C GLU A 117 -16.77 -7.34 22.00
N TYR A 118 -16.93 -8.49 22.65
CA TYR A 118 -16.36 -8.81 23.97
C TYR A 118 -15.95 -10.27 23.94
N PRO A 119 -15.04 -10.70 24.83
CA PRO A 119 -14.83 -12.14 24.97
C PRO A 119 -16.16 -12.81 25.36
N SER A 120 -16.58 -13.83 24.62
CA SER A 120 -17.96 -14.26 24.69
C SER A 120 -18.10 -15.73 25.10
N SER A 121 -17.10 -16.22 25.82
CA SER A 121 -17.13 -17.57 26.37
C SER A 121 -16.12 -17.67 27.50
N ALA A 122 -16.28 -18.69 28.33
CA ALA A 122 -15.37 -18.91 29.44
C ALA A 122 -13.96 -19.20 28.91
N THR A 123 -13.88 -19.86 27.75
CA THR A 123 -12.61 -20.11 27.06
C THR A 123 -11.91 -18.78 26.72
N GLU A 124 -12.64 -17.87 26.08
CA GLU A 124 -12.09 -16.57 25.72
C GLU A 124 -11.72 -15.73 26.94
N MET A 125 -12.55 -15.82 27.97
CA MET A 125 -12.33 -15.10 29.21
C MET A 125 -11.07 -15.55 29.95
N THR A 126 -10.83 -16.86 29.97
CA THR A 126 -9.61 -17.43 30.54
C THR A 126 -8.37 -16.89 29.81
N ASN A 127 -8.40 -16.96 28.47
CA ASN A 127 -7.33 -16.49 27.61
C ASN A 127 -7.08 -14.99 27.79
N PHE A 128 -8.19 -14.23 27.84
CA PHE A 128 -8.21 -12.79 28.08
C PHE A 128 -7.47 -12.45 29.38
N GLY A 129 -7.79 -13.19 30.43
CA GLY A 129 -7.19 -12.96 31.74
C GLY A 129 -5.70 -13.24 31.74
N THR A 130 -5.30 -14.35 31.11
CA THR A 130 -3.90 -14.71 30.93
C THR A 130 -3.14 -13.64 30.11
N LEU A 131 -3.77 -13.17 29.03
CA LEU A 131 -3.22 -12.09 28.19
C LEU A 131 -2.88 -10.85 29.03
N LEU A 132 -3.80 -10.45 29.90
CA LEU A 132 -3.62 -9.27 30.74
C LEU A 132 -2.49 -9.46 31.75
N ARG A 133 -2.40 -10.66 32.32
CA ARG A 133 -1.35 -10.93 33.31
C ARG A 133 0.03 -10.82 32.68
N GLU A 134 0.17 -11.43 31.50
CA GLU A 134 1.42 -11.41 30.75
C GLU A 134 1.75 -9.99 30.27
N TRP A 135 0.69 -9.24 29.93
CA TRP A 135 0.82 -7.85 29.48
C TRP A 135 1.40 -6.98 30.59
N ARG A 136 0.83 -7.11 31.80
CA ARG A 136 1.35 -6.38 32.97
C ARG A 136 2.82 -6.73 33.30
N SER A 137 3.16 -8.01 33.26
CA SER A 137 4.54 -8.45 33.50
C SER A 137 5.48 -7.84 32.47
N ALA A 138 5.00 -7.75 31.23
CA ALA A 138 5.77 -7.23 30.10
C ALA A 138 6.02 -5.71 30.18
N VAL A 139 5.01 -4.93 30.57
CA VAL A 139 5.22 -3.48 30.73
C VAL A 139 6.12 -3.19 31.93
N VAL A 140 6.00 -4.00 32.98
CA VAL A 140 6.89 -3.95 34.14
C VAL A 140 8.34 -4.27 33.69
N ALA A 141 8.51 -5.31 32.89
CA ALA A 141 9.84 -5.69 32.39
C ALA A 141 10.46 -4.61 31.47
N GLU A 142 9.67 -4.02 30.58
CA GLU A 142 10.15 -2.98 29.68
C GLU A 142 10.50 -1.66 30.38
N ALA A 143 9.77 -1.34 31.45
CA ALA A 143 10.07 -0.15 32.24
C ALA A 143 11.36 -0.29 33.02
N SER A 144 11.65 -1.50 33.51
CA SER A 144 12.93 -1.75 34.19
C SER A 144 14.09 -1.82 33.19
N SER A 145 13.80 -2.30 31.98
CA SER A 145 14.81 -2.44 30.93
C SER A 145 15.12 -1.15 30.16
N SER A 146 14.14 -0.25 30.04
CA SER A 146 14.34 1.01 29.31
C SER A 146 14.54 2.22 30.25
N GLY A 147 14.21 2.05 31.53
CA GLY A 147 14.35 3.11 32.52
C GLY A 147 13.22 4.15 32.48
N LYS A 148 12.32 4.00 31.53
CA LYS A 148 11.20 4.92 31.34
C LYS A 148 10.04 4.61 32.29
N PRO A 149 9.18 5.60 32.59
CA PRO A 149 7.93 5.32 33.31
C PRO A 149 7.15 4.18 32.66
N ARG A 150 6.60 3.30 33.50
CA ARG A 150 5.85 2.14 33.04
C ARG A 150 4.66 2.58 32.17
N LEU A 151 4.42 1.87 31.07
CA LEU A 151 3.21 2.07 30.27
C LEU A 151 1.96 1.71 31.07
N LEU A 152 0.92 2.53 30.91
CA LEU A 152 -0.39 2.27 31.53
C LEU A 152 -1.11 1.18 30.77
N LEU A 153 -1.94 0.42 31.48
CA LEU A 153 -2.74 -0.61 30.82
C LEU A 153 -4.20 -0.48 31.20
N ALA A 154 -5.06 -0.47 30.20
CA ALA A 154 -6.49 -0.36 30.42
C ALA A 154 -7.24 -1.24 29.44
N ALA A 155 -8.54 -1.38 29.61
CA ALA A 155 -9.36 -2.19 28.72
C ALA A 155 -10.76 -1.63 28.75
N ALA A 156 -11.40 -1.52 27.59
CA ALA A 156 -12.83 -1.24 27.55
C ALA A 156 -13.55 -2.54 27.82
N VAL A 157 -14.54 -2.51 28.71
CA VAL A 157 -15.22 -3.73 29.16
C VAL A 157 -16.74 -3.54 29.15
N PHE A 158 -17.46 -4.67 29.15
CA PHE A 158 -18.92 -4.67 29.30
C PHE A 158 -19.34 -3.87 30.53
N TYR A 159 -20.50 -3.25 30.45
CA TYR A 159 -21.01 -2.44 31.57
C TYR A 159 -21.09 -3.23 32.89
N SER A 160 -21.23 -4.56 32.76
CA SER A 160 -21.23 -5.50 33.87
C SER A 160 -20.06 -6.50 33.73
N ASN A 161 -19.59 -7.05 34.86
CA ASN A 161 -18.62 -8.16 34.82
C ASN A 161 -19.27 -9.45 34.33
N ASN A 162 -20.60 -9.45 34.30
CA ASN A 162 -21.37 -10.60 33.84
C ASN A 162 -21.88 -10.30 32.46
N TYR A 163 -21.30 -10.97 31.47
CA TYR A 163 -21.62 -10.77 30.07
C TYR A 163 -22.48 -11.94 29.59
N TYR A 164 -23.80 -11.75 29.68
CA TYR A 164 -24.79 -12.76 29.30
C TYR A 164 -24.49 -14.15 29.86
N SER A 165 -24.13 -14.16 31.15
CA SER A 165 -23.75 -15.37 31.91
C SER A 165 -22.26 -15.76 31.77
N VAL A 166 -21.49 -15.00 30.99
CA VAL A 166 -20.04 -15.25 30.88
C VAL A 166 -19.32 -14.24 31.74
N LEU A 167 -18.51 -14.72 32.67
CA LEU A 167 -17.93 -13.86 33.68
C LEU A 167 -16.50 -13.43 33.35
N TYR A 168 -16.25 -12.13 33.45
CA TYR A 168 -14.90 -11.62 33.30
C TYR A 168 -14.01 -12.20 34.38
N PRO A 169 -12.71 -12.44 34.07
CA PRO A 169 -11.73 -12.84 35.08
C PRO A 169 -11.31 -11.61 35.89
N VAL A 170 -12.07 -11.32 36.94
CA VAL A 170 -11.92 -10.07 37.68
C VAL A 170 -10.58 -9.99 38.40
N SER A 171 -10.08 -11.15 38.83
CA SER A 171 -8.81 -11.19 39.53
C SER A 171 -7.68 -10.72 38.62
N ALA A 172 -7.66 -11.24 37.40
CA ALA A 172 -6.65 -10.90 36.42
C ALA A 172 -6.72 -9.42 36.04
N VAL A 173 -7.95 -8.92 35.84
CA VAL A 173 -8.25 -7.52 35.55
C VAL A 173 -7.69 -6.59 36.65
N ALA A 174 -8.07 -6.88 37.89
CA ALA A 174 -7.69 -6.07 39.05
C ALA A 174 -6.18 -6.06 39.34
N SER A 175 -5.50 -7.19 39.13
CA SER A 175 -4.06 -7.24 39.37
C SER A 175 -3.22 -6.74 38.18
N SER A 176 -3.78 -6.76 36.98
CA SER A 176 -3.02 -6.44 35.77
C SER A 176 -3.17 -5.02 35.25
N LEU A 177 -4.39 -4.48 35.31
CA LEU A 177 -4.71 -3.21 34.68
C LEU A 177 -4.70 -2.03 35.64
N ASP A 178 -4.36 -0.85 35.11
CA ASP A 178 -4.48 0.39 35.83
C ASP A 178 -5.97 0.77 36.04
N TRP A 179 -6.82 0.40 35.08
CA TRP A 179 -8.26 0.54 35.22
C TRP A 179 -9.01 -0.07 34.04
N VAL A 180 -10.32 -0.17 34.19
CA VAL A 180 -11.19 -0.58 33.09
C VAL A 180 -12.12 0.55 32.74
N ASN A 181 -12.41 0.67 31.45
CA ASN A 181 -13.36 1.64 30.93
C ASN A 181 -14.74 0.95 30.83
N LEU A 182 -15.64 1.29 31.75
CA LEU A 182 -16.97 0.64 31.78
C LEU A 182 -17.88 1.22 30.70
N MET A 183 -18.25 0.40 29.74
CA MET A 183 -19.08 0.90 28.63
C MET A 183 -20.57 0.89 28.97
N ALA A 184 -20.96 1.83 29.84
CA ALA A 184 -22.33 1.91 30.35
C ALA A 184 -23.20 2.69 29.37
N TYR A 185 -23.31 2.17 28.16
CA TYR A 185 -24.17 2.78 27.12
C TYR A 185 -24.53 1.73 26.08
N ASP A 186 -25.21 2.16 25.01
CA ASP A 186 -25.80 1.26 24.00
C ASP A 186 -26.76 0.24 24.61
N PHE A 187 -27.51 0.64 25.65
CA PHE A 187 -28.52 -0.23 26.27
C PHE A 187 -29.76 -0.43 25.39
N TYR A 188 -30.21 0.64 24.74
CA TYR A 188 -31.36 0.62 23.86
C TYR A 188 -31.02 1.34 22.57
N GLY A 189 -31.49 0.77 21.46
CA GLY A 189 -31.35 1.37 20.14
C GLY A 189 -32.41 0.76 19.25
N PRO A 190 -32.83 1.46 18.19
CA PRO A 190 -33.90 0.93 17.33
C PRO A 190 -33.51 -0.35 16.57
N GLY A 191 -32.22 -0.64 16.50
CA GLY A 191 -31.75 -1.90 15.93
C GLY A 191 -32.15 -3.13 16.72
N TRP A 192 -32.35 -2.97 18.03
CA TRP A 192 -32.69 -4.11 18.89
C TRP A 192 -33.87 -3.86 19.85
N SER A 193 -34.36 -2.62 19.89
CA SER A 193 -35.50 -2.30 20.75
C SER A 193 -36.65 -1.71 19.94
N ARG A 194 -37.81 -2.33 20.06
CA ARG A 194 -39.02 -1.88 19.37
C ARG A 194 -39.71 -0.76 20.12
N VAL A 195 -39.17 -0.41 21.29
CA VAL A 195 -39.69 0.73 22.04
C VAL A 195 -38.56 1.70 22.35
N THR A 196 -38.91 2.95 22.63
CA THR A 196 -37.91 3.94 23.04
C THR A 196 -37.32 3.55 24.40
N GLY A 197 -36.16 4.08 24.73
CA GLY A 197 -35.56 3.82 26.04
C GLY A 197 -34.32 4.64 26.26
N PRO A 198 -33.86 4.71 27.53
CA PRO A 198 -32.67 5.49 27.87
C PRO A 198 -31.40 4.69 27.55
N PRO A 199 -30.72 5.03 26.43
CA PRO A 199 -29.58 4.21 25.97
C PRO A 199 -28.38 4.10 26.93
N ALA A 200 -28.34 4.93 27.95
CA ALA A 200 -27.23 4.93 28.90
C ALA A 200 -27.67 5.14 30.35
N ALA A 201 -28.93 4.84 30.64
CA ALA A 201 -29.50 5.07 31.97
C ALA A 201 -28.54 4.74 33.10
N LEU A 202 -28.31 5.67 34.03
CA LEU A 202 -27.59 5.33 35.26
C LEU A 202 -28.40 4.35 36.13
N PHE A 203 -29.71 4.53 36.21
CA PHE A 203 -30.57 3.74 37.11
C PHE A 203 -31.73 3.09 36.38
N ASP A 204 -32.21 1.96 36.91
CA ASP A 204 -33.48 1.39 36.46
C ASP A 204 -34.30 0.90 37.65
N PRO A 205 -35.25 1.73 38.13
CA PRO A 205 -36.15 1.36 39.24
C PRO A 205 -36.94 0.06 39.01
N SER A 206 -37.37 -0.17 37.77
CA SER A 206 -38.19 -1.34 37.46
C SER A 206 -37.34 -2.60 37.37
N ASN A 207 -36.02 -2.42 37.28
CA ASN A 207 -35.07 -3.53 37.23
C ASN A 207 -35.28 -4.41 35.98
N ALA A 208 -35.95 -3.84 34.97
CA ALA A 208 -36.32 -4.56 33.76
C ALA A 208 -35.20 -4.58 32.71
N GLY A 209 -34.25 -3.65 32.84
CA GLY A 209 -33.18 -3.53 31.84
C GLY A 209 -31.83 -3.12 32.42
N PRO A 210 -30.84 -2.89 31.54
CA PRO A 210 -29.50 -2.54 32.02
C PRO A 210 -29.44 -1.14 32.61
N SER A 211 -28.45 -0.90 33.46
CA SER A 211 -28.15 0.43 33.93
C SER A 211 -26.69 0.48 34.33
N GLY A 212 -26.09 1.67 34.26
CA GLY A 212 -24.68 1.87 34.64
C GLY A 212 -24.42 1.59 36.11
N ASP A 213 -25.39 1.96 36.95
CA ASP A 213 -25.30 1.72 38.41
C ASP A 213 -25.31 0.21 38.70
N ALA A 214 -26.24 -0.52 38.09
CA ALA A 214 -26.29 -2.00 38.27
C ALA A 214 -25.00 -2.71 37.79
N GLY A 215 -24.52 -2.35 36.61
CA GLY A 215 -23.28 -2.90 36.09
C GLY A 215 -22.08 -2.58 36.97
N THR A 216 -21.96 -1.31 37.36
CA THR A 216 -20.85 -0.85 38.21
C THR A 216 -20.84 -1.59 39.55
N ARG A 217 -22.02 -1.68 40.18
CA ARG A 217 -22.15 -2.41 41.44
C ARG A 217 -21.80 -3.89 41.28
N SER A 218 -22.17 -4.47 40.14
CA SER A 218 -21.85 -5.88 39.86
C SER A 218 -20.34 -6.11 39.74
N TRP A 219 -19.66 -5.17 39.09
CA TRP A 219 -18.21 -5.20 38.98
C TRP A 219 -17.56 -5.14 40.37
N ILE A 220 -18.05 -4.21 41.21
CA ILE A 220 -17.48 -4.01 42.54
C ILE A 220 -17.75 -5.23 43.44
N GLN A 221 -18.97 -5.77 43.38
CA GLN A 221 -19.32 -7.00 44.11
C GLN A 221 -18.40 -8.15 43.74
N ALA A 222 -18.05 -8.25 42.46
CA ALA A 222 -17.21 -9.36 41.97
C ALA A 222 -15.72 -9.18 42.29
N GLY A 223 -15.35 -8.06 42.89
CA GLY A 223 -13.96 -7.85 43.31
C GLY A 223 -13.18 -6.70 42.69
N LEU A 224 -13.70 -6.07 41.63
CA LEU A 224 -13.02 -4.90 41.06
C LEU A 224 -12.92 -3.77 42.08
N PRO A 225 -11.70 -3.34 42.41
CA PRO A 225 -11.62 -2.16 43.27
C PRO A 225 -12.27 -1.00 42.56
N ALA A 226 -12.98 -0.15 43.32
CA ALA A 226 -13.65 1.00 42.73
C ALA A 226 -12.64 1.93 42.05
N LYS A 227 -11.44 2.01 42.59
CA LYS A 227 -10.41 2.88 42.01
C LYS A 227 -9.76 2.30 40.74
N LYS A 228 -10.33 1.21 40.24
CA LYS A 228 -9.94 0.66 38.94
C LYS A 228 -11.09 0.68 37.95
N ALA A 229 -12.15 1.41 38.29
CA ALA A 229 -13.30 1.58 37.40
C ALA A 229 -13.42 3.02 36.91
N VAL A 230 -13.52 3.20 35.60
CA VAL A 230 -13.76 4.50 34.98
C VAL A 230 -15.11 4.40 34.25
N LEU A 231 -16.05 5.24 34.65
CA LEU A 231 -17.41 5.14 34.15
C LEU A 231 -17.62 5.87 32.82
N GLY A 232 -18.06 5.14 31.80
CA GLY A 232 -18.26 5.75 30.50
C GLY A 232 -19.64 6.30 30.29
N PHE A 233 -19.75 7.37 29.51
CA PHE A 233 -21.03 7.85 28.98
C PHE A 233 -20.94 8.26 27.52
N PRO A 234 -22.08 8.23 26.78
CA PRO A 234 -22.02 8.54 25.34
C PRO A 234 -22.22 10.04 25.05
N TYR A 235 -21.49 10.56 24.07
CA TYR A 235 -21.77 11.88 23.50
C TYR A 235 -22.55 11.68 22.21
N TYR A 236 -23.51 10.77 22.27
CA TYR A 236 -24.39 10.50 21.14
C TYR A 236 -25.65 9.82 21.65
N GLY A 237 -26.68 9.79 20.82
CA GLY A 237 -27.89 9.10 21.19
C GLY A 237 -28.44 8.25 20.07
N TYR A 238 -29.64 7.71 20.32
CA TYR A 238 -30.38 6.95 19.32
C TYR A 238 -31.72 7.59 19.07
N ALA A 239 -32.09 7.62 17.80
CA ALA A 239 -33.33 8.23 17.34
C ALA A 239 -34.28 7.16 16.82
N TRP A 240 -35.53 7.23 17.26
CA TRP A 240 -36.57 6.30 16.86
C TRP A 240 -37.65 7.08 16.14
N ARG A 241 -38.42 6.37 15.31
CA ARG A 241 -39.63 6.94 14.72
C ARG A 241 -40.84 6.46 15.52
N LEU A 242 -41.48 7.41 16.21
CA LEU A 242 -42.68 7.12 17.01
C LEU A 242 -43.84 6.63 16.15
N THR A 243 -44.57 5.64 16.68
CA THR A 243 -45.78 5.15 16.05
C THR A 243 -46.88 6.20 16.13
N ASN A 244 -46.87 6.94 17.23
CA ASN A 244 -47.88 7.94 17.51
C ASN A 244 -47.24 9.14 18.23
N ALA A 245 -47.44 10.34 17.69
CA ALA A 245 -46.86 11.57 18.26
C ALA A 245 -47.28 11.82 19.71
N ASN A 246 -48.48 11.37 20.09
CA ASN A 246 -48.99 11.58 21.45
C ASN A 246 -48.41 10.63 22.51
N SER A 247 -47.60 9.66 22.09
CA SER A 247 -46.93 8.72 23.00
C SER A 247 -45.41 8.85 22.85
N HIS A 248 -44.78 9.51 23.82
CA HIS A 248 -43.40 10.02 23.64
C HIS A 248 -42.53 9.91 24.89
N SER A 249 -42.92 9.05 25.84
CA SER A 249 -42.09 8.79 27.02
C SER A 249 -41.14 7.65 26.71
N TYR A 250 -40.44 7.17 27.74
CA TYR A 250 -39.64 5.96 27.58
C TYR A 250 -40.59 4.80 27.34
N TYR A 251 -40.12 3.79 26.62
CA TYR A 251 -40.87 2.56 26.33
C TYR A 251 -42.15 2.78 25.49
N ALA A 252 -42.14 3.85 24.70
CA ALA A 252 -43.22 4.18 23.76
C ALA A 252 -43.09 3.38 22.46
N PRO A 253 -44.25 3.00 21.84
CA PRO A 253 -44.22 2.23 20.60
C PRO A 253 -43.49 2.99 19.49
N THR A 254 -42.72 2.27 18.69
CA THR A 254 -42.01 2.84 17.54
C THR A 254 -42.18 1.96 16.28
N THR A 255 -41.94 2.51 15.10
CA THR A 255 -41.96 1.70 13.86
C THR A 255 -40.56 1.37 13.35
N GLY A 256 -39.54 1.83 14.06
CA GLY A 256 -38.15 1.59 13.66
C GLY A 256 -37.27 2.80 13.91
N ALA A 257 -36.14 2.84 13.22
CA ALA A 257 -35.17 3.92 13.35
C ALA A 257 -35.57 5.16 12.60
N ALA A 258 -35.13 6.30 13.13
CA ALA A 258 -35.19 7.57 12.42
C ALA A 258 -33.77 8.14 12.27
N ILE A 259 -33.63 9.26 11.55
CA ILE A 259 -32.38 10.05 11.48
C ILE A 259 -31.20 9.35 10.78
N SER A 260 -30.90 8.12 11.20
CA SER A 260 -29.89 7.29 10.55
C SER A 260 -30.32 5.80 10.55
N PRO A 261 -29.60 4.94 9.79
CA PRO A 261 -29.86 3.49 9.68
C PRO A 261 -30.02 2.70 10.99
N ASP A 262 -29.12 2.92 11.96
CA ASP A 262 -29.23 2.29 13.27
C ASP A 262 -29.72 3.28 14.33
N GLY A 263 -30.08 4.48 13.89
CA GLY A 263 -30.63 5.51 14.77
C GLY A 263 -29.63 6.41 15.46
N SER A 264 -28.34 6.09 15.34
CA SER A 264 -27.31 6.82 16.09
C SER A 264 -27.07 8.23 15.56
N ILE A 265 -26.83 9.17 16.47
CA ILE A 265 -26.69 10.58 16.13
C ILE A 265 -25.83 11.25 17.20
N GLY A 266 -24.82 12.00 16.77
CA GLY A 266 -23.88 12.63 17.70
C GLY A 266 -24.53 13.74 18.50
N TYR A 267 -23.97 14.05 19.68
CA TYR A 267 -24.58 15.04 20.58
C TYR A 267 -24.71 16.42 19.95
N GLY A 268 -23.68 16.85 19.21
CA GLY A 268 -23.71 18.10 18.45
C GLY A 268 -24.91 18.18 17.52
N GLN A 269 -25.18 17.11 16.79
CA GLN A 269 -26.32 17.04 15.87
C GLN A 269 -27.66 16.98 16.60
N ILE A 270 -27.67 16.42 17.81
CA ILE A 270 -28.88 16.40 18.63
C ILE A 270 -29.26 17.82 19.06
N ARG A 271 -28.28 18.56 19.56
CA ARG A 271 -28.47 19.94 19.95
C ARG A 271 -28.99 20.79 18.80
N LYS A 272 -28.52 20.49 17.59
CA LYS A 272 -28.97 21.20 16.39
C LYS A 272 -30.40 20.83 16.06
N PHE A 273 -30.71 19.53 16.15
CA PHE A 273 -32.07 19.03 15.99
C PHE A 273 -33.05 19.76 16.93
N ILE A 274 -32.62 19.96 18.18
CA ILE A 274 -33.42 20.61 19.21
C ILE A 274 -33.70 22.06 18.86
N VAL A 275 -32.66 22.82 18.51
CA VAL A 275 -32.78 24.22 18.09
C VAL A 275 -33.62 24.37 16.82
N ASP A 276 -33.30 23.57 15.81
CA ASP A 276 -33.95 23.67 14.50
C ASP A 276 -35.44 23.34 14.57
N ASN A 277 -35.79 22.43 15.48
CA ASN A 277 -37.17 21.93 15.54
C ASN A 277 -37.94 22.46 16.73
N GLY A 278 -37.29 23.28 17.56
CA GLY A 278 -37.89 23.77 18.80
C GLY A 278 -38.41 22.61 19.64
N ALA A 279 -37.62 21.56 19.76
CA ALA A 279 -38.10 20.29 20.32
C ALA A 279 -38.44 20.37 21.80
N THR A 280 -39.33 19.48 22.21
CA THR A 280 -39.57 19.24 23.62
C THR A 280 -38.32 18.54 24.19
N THR A 281 -37.87 18.97 25.35
CA THR A 281 -36.67 18.39 25.96
C THR A 281 -37.00 17.92 27.36
N VAL A 282 -36.56 16.70 27.69
CA VAL A 282 -36.76 16.15 29.03
C VAL A 282 -35.45 15.64 29.61
N TYR A 283 -35.14 16.06 30.84
CA TYR A 283 -34.12 15.36 31.62
C TYR A 283 -34.81 14.48 32.67
N ASN A 284 -34.75 13.16 32.50
CA ASN A 284 -35.47 12.28 33.41
C ASN A 284 -34.53 11.84 34.53
N SER A 285 -34.82 12.29 35.74
CA SER A 285 -33.88 12.09 36.87
C SER A 285 -34.02 10.72 37.52
N THR A 286 -35.11 10.03 37.22
CA THR A 286 -35.39 8.70 37.74
C THR A 286 -34.41 7.70 37.12
N VAL A 287 -34.14 7.84 35.82
CA VAL A 287 -33.18 6.97 35.12
C VAL A 287 -31.80 7.63 34.96
N VAL A 288 -31.78 8.96 35.06
CA VAL A 288 -30.64 9.80 34.66
C VAL A 288 -30.34 9.64 33.16
N GLY A 289 -31.21 10.26 32.36
CA GLY A 289 -31.12 10.21 30.90
C GLY A 289 -31.89 11.37 30.35
N ASP A 290 -31.44 11.89 29.21
CA ASP A 290 -32.13 12.96 28.52
C ASP A 290 -32.83 12.43 27.28
N TYR A 291 -33.93 13.07 26.91
CA TYR A 291 -34.51 12.82 25.61
C TYR A 291 -35.20 14.05 25.07
N CYS A 292 -35.47 14.02 23.79
CA CYS A 292 -36.12 15.12 23.11
C CYS A 292 -36.97 14.54 22.01
N TYR A 293 -38.00 15.26 21.61
CA TYR A 293 -38.83 14.83 20.50
C TYR A 293 -39.46 16.01 19.77
N ALA A 294 -39.69 15.82 18.48
CA ALA A 294 -40.44 16.78 17.68
C ALA A 294 -41.18 15.95 16.65
N GLY A 295 -42.49 16.11 16.59
CA GLY A 295 -43.32 15.24 15.76
C GLY A 295 -43.14 13.79 16.17
N THR A 296 -42.79 12.97 15.18
CA THR A 296 -42.59 11.54 15.43
C THR A 296 -41.12 11.14 15.54
N ASN A 297 -40.24 12.13 15.64
CA ASN A 297 -38.82 11.88 15.90
C ASN A 297 -38.52 11.95 17.39
N TRP A 298 -37.95 10.89 17.94
CA TRP A 298 -37.67 10.80 19.37
C TRP A 298 -36.21 10.35 19.53
N ILE A 299 -35.43 11.10 20.31
CA ILE A 299 -34.01 10.81 20.51
C ILE A 299 -33.72 10.67 22.00
N GLY A 300 -33.11 9.55 22.42
CA GLY A 300 -32.61 9.42 23.79
C GLY A 300 -31.09 9.51 23.83
N TYR A 301 -30.56 10.26 24.79
CA TYR A 301 -29.15 10.65 24.75
C TYR A 301 -28.70 11.19 26.12
N ASP A 302 -27.46 11.63 26.21
CA ASP A 302 -26.99 12.32 27.42
C ASP A 302 -26.76 13.79 27.17
N ASP A 303 -27.40 14.63 27.96
CA ASP A 303 -27.14 16.08 27.94
C ASP A 303 -26.48 16.47 29.27
N ASN A 304 -26.33 17.77 29.48
CA ASN A 304 -25.65 18.32 30.64
C ASN A 304 -25.99 17.64 31.96
N GLN A 305 -27.28 17.52 32.25
CA GLN A 305 -27.71 17.04 33.57
C GLN A 305 -27.37 15.55 33.76
N SER A 306 -27.56 14.74 32.72
CA SER A 306 -27.12 13.34 32.76
C SER A 306 -25.62 13.21 33.05
N ILE A 307 -24.81 14.01 32.35
CA ILE A 307 -23.35 13.94 32.51
C ILE A 307 -22.93 14.33 33.93
N VAL A 308 -23.43 15.48 34.38
CA VAL A 308 -23.12 15.99 35.72
C VAL A 308 -23.50 14.99 36.84
N THR A 309 -24.70 14.41 36.74
CA THR A 309 -25.15 13.38 37.70
C THR A 309 -24.26 12.12 37.71
N LYS A 310 -23.89 11.65 36.52
CA LYS A 310 -23.00 10.50 36.37
C LYS A 310 -21.59 10.78 36.92
N VAL A 311 -21.04 11.96 36.65
CA VAL A 311 -19.73 12.36 37.18
C VAL A 311 -19.76 12.39 38.71
N ARG A 312 -20.81 12.96 39.28
CA ARG A 312 -21.01 13.00 40.73
C ARG A 312 -21.17 11.61 41.34
N TYR A 313 -21.90 10.73 40.64
CA TYR A 313 -22.04 9.33 41.03
C TYR A 313 -20.65 8.67 41.07
N ALA A 314 -19.89 8.84 39.98
CA ALA A 314 -18.54 8.29 39.90
C ALA A 314 -17.67 8.73 41.07
N LYS A 315 -17.67 10.03 41.36
CA LYS A 315 -16.86 10.54 42.47
C LYS A 315 -17.32 10.04 43.83
N GLN A 316 -18.61 10.13 44.09
CA GLN A 316 -19.17 9.76 45.39
C GLN A 316 -19.13 8.27 45.70
N ARG A 317 -19.21 7.43 44.68
CA ARG A 317 -19.10 5.99 44.88
C ARG A 317 -17.66 5.47 44.82
N GLY A 318 -16.68 6.37 44.84
CA GLY A 318 -15.26 6.00 44.92
C GLY A 318 -14.60 5.51 43.64
N LEU A 319 -15.22 5.76 42.49
CA LEU A 319 -14.69 5.36 41.19
C LEU A 319 -13.47 6.21 40.84
N LEU A 320 -12.62 5.71 39.95
CA LEU A 320 -11.42 6.42 39.56
C LEU A 320 -11.74 7.66 38.73
N GLY A 321 -12.78 7.56 37.91
CA GLY A 321 -13.18 8.70 37.09
C GLY A 321 -14.21 8.33 36.03
N TYR A 322 -14.13 9.03 34.90
CA TYR A 322 -15.13 8.91 33.83
C TYR A 322 -14.48 9.04 32.45
N PHE A 323 -15.18 8.59 31.41
CA PHE A 323 -14.73 8.80 30.03
C PHE A 323 -15.95 8.97 29.13
N SER A 324 -15.73 9.60 27.99
CA SER A 324 -16.80 9.77 27.00
C SER A 324 -16.43 9.16 25.66
N TRP A 325 -17.41 8.58 25.00
CA TRP A 325 -17.32 8.25 23.59
C TRP A 325 -18.30 9.17 22.85
N HIS A 326 -17.83 10.15 22.07
CA HIS A 326 -16.42 10.39 21.75
C HIS A 326 -16.22 11.89 21.65
N VAL A 327 -14.95 12.32 21.74
CA VAL A 327 -14.59 13.73 21.87
C VAL A 327 -15.04 14.60 20.70
N GLY A 328 -15.21 13.98 19.53
CA GLY A 328 -15.60 14.70 18.32
C GLY A 328 -17.09 14.94 18.17
N ALA A 329 -17.90 14.45 19.12
CA ALA A 329 -19.35 14.60 19.04
C ALA A 329 -19.93 15.60 20.03
N ASP A 330 -19.06 16.15 20.89
CA ASP A 330 -19.43 17.15 21.89
C ASP A 330 -19.74 18.47 21.17
N ASP A 331 -20.49 19.34 21.83
CA ASP A 331 -20.80 20.65 21.25
C ASP A 331 -19.90 21.68 21.94
N ASN A 332 -18.86 22.10 21.21
CA ASN A 332 -17.84 23.02 21.72
C ASN A 332 -17.29 22.68 23.12
N SER A 333 -17.00 21.39 23.34
CA SER A 333 -16.51 20.86 24.62
C SER A 333 -17.44 21.08 25.82
N GLY A 334 -18.72 21.32 25.54
CA GLY A 334 -19.70 21.67 26.56
C GLY A 334 -19.91 20.59 27.60
N LEU A 335 -20.09 19.35 27.15
CA LEU A 335 -20.28 18.23 28.08
C LEU A 335 -19.01 17.89 28.85
N SER A 336 -17.86 17.89 28.16
CA SER A 336 -16.59 17.61 28.82
C SER A 336 -16.23 18.69 29.82
N ARG A 337 -16.51 19.95 29.46
CA ARG A 337 -16.27 21.05 30.39
C ARG A 337 -17.18 20.93 31.62
N ALA A 338 -18.44 20.60 31.40
CA ALA A 338 -19.37 20.38 32.51
C ALA A 338 -18.90 19.23 33.40
N ALA A 339 -18.45 18.14 32.79
CA ALA A 339 -17.97 16.96 33.51
C ALA A 339 -16.80 17.30 34.44
N SER A 340 -15.79 17.96 33.90
CA SER A 340 -14.61 18.34 34.67
C SER A 340 -14.97 19.23 35.88
N GLN A 341 -15.78 20.25 35.62
CA GLN A 341 -16.21 21.20 36.66
C GLN A 341 -17.07 20.53 37.72
N ALA A 342 -17.93 19.61 37.27
CA ALA A 342 -18.76 18.80 38.18
C ALA A 342 -17.90 17.89 39.06
N TRP A 343 -16.83 17.33 38.48
CA TRP A 343 -15.90 16.51 39.26
C TRP A 343 -15.16 17.37 40.29
N ASP A 344 -14.62 18.50 39.84
CA ASP A 344 -13.79 19.34 40.70
C ASP A 344 -14.54 19.95 41.87
N ALA A 345 -15.84 20.21 41.70
CA ALA A 345 -16.66 20.85 42.72
C ALA A 345 -17.18 19.89 43.80
N THR A 346 -17.41 18.63 43.42
CA THR A 346 -17.97 17.61 44.30
C THR A 346 -17.08 17.25 45.52
N THR B 3 21.87 12.51 -13.57
CA THR B 3 22.14 11.13 -14.12
C THR B 3 23.30 10.42 -13.42
N VAL B 4 24.24 11.17 -12.87
CA VAL B 4 25.27 10.62 -11.97
C VAL B 4 25.65 11.61 -10.86
N VAL B 5 25.84 11.09 -9.65
CA VAL B 5 26.36 11.84 -8.53
C VAL B 5 27.68 11.22 -8.09
N LYS B 6 28.75 11.99 -8.22
CA LYS B 6 30.07 11.64 -7.67
C LYS B 6 30.32 12.70 -6.64
N ALA B 7 30.15 12.36 -5.36
CA ALA B 7 30.14 13.39 -4.31
C ALA B 7 31.12 13.19 -3.16
N SER B 8 31.29 14.25 -2.38
CA SER B 8 32.08 14.17 -1.14
C SER B 8 31.67 15.31 -0.21
N TYR B 9 31.92 15.11 1.09
CA TYR B 9 31.63 16.12 2.09
C TYR B 9 32.92 16.83 2.48
N TRP B 10 32.79 18.12 2.73
CA TRP B 10 33.86 18.90 3.32
C TRP B 10 33.33 19.55 4.58
N PHE B 11 34.17 19.63 5.61
CA PHE B 11 33.84 20.35 6.84
C PHE B 11 35.07 21.11 7.37
N PRO B 12 34.86 22.33 7.91
CA PRO B 12 35.97 23.22 8.28
C PRO B 12 36.95 22.64 9.30
N ALA B 13 36.44 21.89 10.28
CA ALA B 13 37.29 21.27 11.32
C ALA B 13 38.33 20.27 10.77
N SER B 14 38.14 19.79 9.55
CA SER B 14 39.12 18.91 8.87
C SER B 14 40.40 19.66 8.55
N GLU B 15 40.31 21.00 8.53
CA GLU B 15 41.46 21.87 8.26
C GLU B 15 42.02 21.66 6.86
N PHE B 16 41.19 21.13 5.98
CA PHE B 16 41.56 20.88 4.60
C PHE B 16 41.18 22.11 3.78
N PRO B 17 42.16 22.76 3.13
CA PRO B 17 41.86 23.93 2.30
C PRO B 17 40.84 23.62 1.21
N VAL B 18 39.79 24.44 1.10
CA VAL B 18 38.76 24.28 0.06
C VAL B 18 39.37 24.27 -1.36
N THR B 19 40.40 25.09 -1.56
CA THR B 19 41.13 25.16 -2.84
C THR B 19 41.90 23.86 -3.17
N ASP B 20 42.14 23.01 -2.18
CA ASP B 20 42.77 21.69 -2.40
C ASP B 20 41.77 20.60 -2.85
N ILE B 21 40.48 20.88 -2.82
CA ILE B 21 39.50 19.91 -3.34
C ILE B 21 39.67 19.85 -4.83
N ASP B 22 39.97 18.66 -5.35
CA ASP B 22 40.11 18.49 -6.79
C ASP B 22 38.72 18.27 -7.37
N SER B 23 38.05 19.40 -7.62
CA SER B 23 36.65 19.43 -8.00
C SER B 23 36.36 18.74 -9.31
N SER B 24 37.41 18.47 -10.09
CA SER B 24 37.25 17.75 -11.36
C SER B 24 36.86 16.29 -11.16
N LEU B 25 37.09 15.75 -9.96
CA LEU B 25 36.76 14.36 -9.66
C LEU B 25 35.33 14.19 -9.12
N PHE B 26 34.57 15.28 -9.05
CA PHE B 26 33.24 15.26 -8.45
C PHE B 26 32.21 15.93 -9.33
N THR B 27 30.96 15.63 -9.06
CA THR B 27 29.84 16.33 -9.71
C THR B 27 29.11 17.19 -8.69
N HIS B 28 29.22 16.84 -7.41
CA HIS B 28 28.56 17.54 -6.30
C HIS B 28 29.47 17.52 -5.08
N LEU B 29 29.57 18.66 -4.41
CA LEU B 29 30.28 18.74 -3.13
C LEU B 29 29.35 19.25 -2.03
N PHE B 30 29.49 18.67 -0.84
CA PHE B 30 28.66 19.03 0.29
C PHE B 30 29.45 19.87 1.26
N CYS B 31 28.87 21.00 1.65
CA CYS B 31 29.49 21.85 2.65
C CYS B 31 28.74 21.64 3.97
N ALA B 32 29.47 21.24 5.01
CA ALA B 32 28.87 20.78 6.28
C ALA B 32 29.55 21.45 7.48
N PHE B 33 28.80 21.90 8.49
CA PHE B 33 27.33 21.87 8.58
C PHE B 33 26.80 23.25 8.94
N ALA B 34 25.69 23.63 8.33
CA ALA B 34 24.84 24.69 8.84
C ALA B 34 24.07 24.17 10.06
N ASP B 35 23.60 25.08 10.91
CA ASP B 35 23.02 24.73 12.20
C ASP B 35 21.54 25.09 12.26
N LEU B 36 20.82 24.40 13.14
CA LEU B 36 19.46 24.80 13.47
C LEU B 36 19.48 25.63 14.75
N ASN B 37 18.93 26.84 14.69
CA ASN B 37 18.74 27.64 15.89
C ASN B 37 17.47 27.19 16.59
N SER B 38 17.61 26.68 17.81
CA SER B 38 16.47 26.07 18.52
C SER B 38 15.50 27.09 19.10
N GLN B 39 15.91 28.36 19.18
CA GLN B 39 14.97 29.41 19.60
C GLN B 39 14.09 29.88 18.44
N THR B 40 14.69 30.10 17.27
CA THR B 40 14.00 30.68 16.11
C THR B 40 13.50 29.66 15.10
N ASN B 41 13.99 28.41 15.23
CA ASN B 41 13.76 27.36 14.23
C ASN B 41 14.22 27.73 12.81
N GLN B 42 15.25 28.57 12.74
CA GLN B 42 15.83 28.93 11.45
C GLN B 42 17.15 28.20 11.23
N VAL B 43 17.46 27.92 9.96
CA VAL B 43 18.77 27.41 9.58
C VAL B 43 19.74 28.59 9.59
N THR B 44 20.84 28.45 10.33
CA THR B 44 21.87 29.48 10.39
C THR B 44 23.28 28.93 10.11
N VAL B 45 24.17 29.82 9.68
CA VAL B 45 25.59 29.51 9.56
C VAL B 45 26.29 30.28 10.67
N SER B 46 27.17 29.61 11.40
CA SER B 46 27.87 30.28 12.51
C SER B 46 28.80 31.39 12.00
N SER B 47 29.01 32.43 12.82
CA SER B 47 29.94 33.51 12.47
C SER B 47 31.28 32.96 11.95
N ALA B 48 31.81 31.95 12.66
CA ALA B 48 33.10 31.34 12.31
C ALA B 48 33.06 30.68 10.93
N ASN B 49 31.90 30.14 10.57
CA ASN B 49 31.75 29.44 9.28
C ASN B 49 31.29 30.27 8.10
N GLN B 50 30.75 31.47 8.36
CA GLN B 50 30.26 32.32 7.29
C GLN B 50 31.26 32.59 6.15
N PRO B 51 32.50 33.02 6.48
CA PRO B 51 33.40 33.30 5.35
C PRO B 51 33.61 32.10 4.39
N LYS B 52 33.97 30.95 4.91
CA LYS B 52 34.23 29.79 4.04
C LYS B 52 32.98 29.19 3.40
N PHE B 53 31.86 29.16 4.14
CA PHE B 53 30.61 28.61 3.56
C PHE B 53 30.13 29.51 2.44
N SER B 54 30.19 30.82 2.64
CA SER B 54 29.72 31.75 1.59
C SER B 54 30.57 31.73 0.32
N THR B 55 31.85 31.39 0.44
CA THR B 55 32.72 31.39 -0.75
C THR B 55 33.00 29.98 -1.27
N PHE B 56 32.47 28.97 -0.57
CA PHE B 56 32.72 27.55 -0.88
C PHE B 56 32.49 27.22 -2.35
N THR B 57 31.32 27.58 -2.86
CA THR B 57 30.90 27.19 -4.21
C THR B 57 31.74 27.83 -5.32
N GLN B 58 31.95 29.14 -5.25
CA GLN B 58 32.78 29.82 -6.25
C GLN B 58 34.25 29.34 -6.17
N THR B 59 34.72 29.05 -4.95
CA THR B 59 36.07 28.53 -4.74
C THR B 59 36.25 27.13 -5.39
N VAL B 60 35.36 26.18 -5.09
CA VAL B 60 35.46 24.85 -5.74
C VAL B 60 35.23 24.92 -7.27
N GLN B 61 34.43 25.89 -7.70
CA GLN B 61 34.13 26.03 -9.13
C GLN B 61 35.36 26.40 -9.96
N ARG B 62 36.42 26.88 -9.32
CA ARG B 62 37.66 27.25 -10.00
C ARG B 62 38.38 26.03 -10.59
N ARG B 63 38.18 24.85 -10.00
CA ARG B 63 38.81 23.65 -10.54
C ARG B 63 37.84 22.80 -11.38
N ASN B 64 36.57 23.19 -11.39
CA ASN B 64 35.52 22.55 -12.19
C ASN B 64 34.30 23.46 -12.14
N PRO B 65 34.13 24.28 -13.20
CA PRO B 65 32.99 25.22 -13.30
C PRO B 65 31.63 24.54 -13.27
N SER B 66 31.60 23.27 -13.69
CA SER B 66 30.38 22.48 -13.75
C SER B 66 29.98 21.83 -12.41
N VAL B 67 30.88 21.83 -11.43
CA VAL B 67 30.56 21.21 -10.14
C VAL B 67 29.39 21.92 -9.43
N LYS B 68 28.52 21.13 -8.80
CA LYS B 68 27.38 21.66 -8.06
C LYS B 68 27.59 21.39 -6.57
N THR B 69 27.03 22.24 -5.73
CA THR B 69 27.25 22.19 -4.29
C THR B 69 25.92 22.16 -3.53
N LEU B 70 25.96 21.57 -2.33
CA LEU B 70 24.80 21.55 -1.46
C LEU B 70 25.27 21.89 -0.06
N LEU B 71 24.45 22.66 0.65
CA LEU B 71 24.76 22.97 2.03
C LEU B 71 24.08 21.97 2.94
N SER B 72 24.88 21.27 3.74
CA SER B 72 24.34 20.30 4.70
C SER B 72 23.98 20.96 6.02
N ILE B 73 22.89 20.49 6.61
CA ILE B 73 22.30 21.08 7.82
C ILE B 73 22.29 20.01 8.92
N GLY B 74 22.90 20.33 10.05
CA GLY B 74 22.88 19.44 11.21
C GLY B 74 24.13 18.63 11.41
N GLY B 75 24.07 17.36 11.02
CA GLY B 75 25.21 16.45 11.20
C GLY B 75 25.20 15.69 12.52
N GLY B 76 26.22 14.87 12.69
CA GLY B 76 26.30 13.89 13.79
C GLY B 76 26.15 14.39 15.21
N ILE B 77 26.60 15.62 15.47
CA ILE B 77 26.52 16.19 16.81
C ILE B 77 25.40 17.23 16.99
N ALA B 78 24.51 17.34 16.01
CA ALA B 78 23.37 18.23 16.14
C ALA B 78 22.47 17.80 17.30
N ASP B 79 21.71 18.76 17.83
CA ASP B 79 20.75 18.49 18.91
C ASP B 79 19.44 18.02 18.30
N LYS B 80 19.22 16.70 18.30
CA LYS B 80 18.05 16.09 17.65
C LYS B 80 16.71 16.41 18.31
N THR B 81 16.72 16.73 19.60
CA THR B 81 15.50 17.20 20.26
C THR B 81 15.03 18.51 19.62
N ALA B 82 15.97 19.38 19.24
CA ALA B 82 15.64 20.60 18.51
C ALA B 82 15.07 20.32 17.10
N TYR B 83 15.68 19.39 16.36
CA TYR B 83 15.11 18.99 15.05
C TYR B 83 13.72 18.40 15.22
N ALA B 84 13.53 17.59 16.26
CA ALA B 84 12.21 17.02 16.56
C ALA B 84 11.16 18.09 16.87
N SER B 85 11.49 19.08 17.70
CA SER B 85 10.56 20.19 18.00
C SER B 85 10.24 20.98 16.74
N MET B 86 11.28 21.29 15.97
CA MET B 86 11.12 22.02 14.72
C MET B 86 10.19 21.28 13.75
N ALA B 87 10.38 19.98 13.62
CA ALA B 87 9.63 19.19 12.64
C ALA B 87 8.16 18.97 13.01
N SER B 88 7.84 19.11 14.29
CA SER B 88 6.54 18.73 14.86
C SER B 88 5.40 19.72 14.56
N ASN B 89 5.76 20.95 14.22
CA ASN B 89 4.79 22.03 14.04
C ASN B 89 4.96 22.72 12.69
N PRO B 90 3.85 22.93 11.95
CA PRO B 90 3.92 23.60 10.65
C PRO B 90 4.54 25.01 10.68
N THR B 91 4.39 25.75 11.78
CA THR B 91 4.99 27.08 11.86
C THR B 91 6.52 27.02 11.98
N SER B 92 7.03 26.12 12.82
CA SER B 92 8.48 25.93 12.95
C SER B 92 9.10 25.30 11.68
N ARG B 93 8.34 24.43 11.00
CA ARG B 93 8.77 23.86 9.72
C ARG B 93 8.92 24.94 8.66
N LYS B 94 7.97 25.88 8.62
CA LYS B 94 7.98 26.94 7.62
C LYS B 94 9.19 27.85 7.82
N SER B 95 9.51 28.20 9.06
CA SER B 95 10.69 29.04 9.34
C SER B 95 12.01 28.31 9.01
N PHE B 96 12.06 27.00 9.27
CA PHE B 96 13.20 26.18 8.85
C PHE B 96 13.31 26.14 7.33
N ILE B 97 12.21 25.82 6.66
CA ILE B 97 12.17 25.76 5.19
C ILE B 97 12.58 27.09 4.56
N ASP B 98 11.92 28.18 4.98
CA ASP B 98 12.15 29.50 4.39
C ASP B 98 13.56 30.01 4.59
N SER B 99 14.11 29.81 5.79
CA SER B 99 15.47 30.24 6.07
C SER B 99 16.50 29.40 5.31
N SER B 100 16.26 28.09 5.21
CA SER B 100 17.16 27.21 4.47
C SER B 100 17.31 27.66 3.01
N ILE B 101 16.20 28.04 2.39
CA ILE B 101 16.18 28.51 1.00
C ILE B 101 16.93 29.84 0.83
N ARG B 102 16.64 30.83 1.68
CA ARG B 102 17.36 32.12 1.66
C ARG B 102 18.86 31.87 1.81
N VAL B 103 19.23 31.07 2.81
CA VAL B 103 20.65 30.79 3.08
C VAL B 103 21.33 30.15 1.85
N ALA B 104 20.69 29.14 1.26
CA ALA B 104 21.26 28.50 0.06
C ALA B 104 21.48 29.51 -1.05
N ARG B 105 20.48 30.32 -1.35
CA ARG B 105 20.56 31.29 -2.46
C ARG B 105 21.59 32.38 -2.18
N SER B 106 21.59 32.87 -0.95
CA SER B 106 22.48 33.95 -0.56
C SER B 106 23.94 33.51 -0.51
N TYR B 107 24.19 32.24 -0.20
CA TYR B 107 25.56 31.69 -0.10
C TYR B 107 26.07 31.07 -1.40
N GLY B 108 25.20 30.94 -2.39
CA GLY B 108 25.57 30.43 -3.69
C GLY B 108 25.46 28.93 -3.89
N PHE B 109 24.85 28.23 -2.93
CA PHE B 109 24.66 26.79 -3.04
C PHE B 109 23.56 26.43 -4.03
N HIS B 110 23.75 25.31 -4.74
CA HIS B 110 22.77 24.80 -5.69
C HIS B 110 21.72 23.92 -5.03
N GLY B 111 21.89 23.63 -3.75
CA GLY B 111 20.98 22.75 -3.06
C GLY B 111 21.17 22.66 -1.56
N LEU B 112 20.31 21.86 -0.93
CA LEU B 112 20.32 21.67 0.50
C LEU B 112 20.32 20.18 0.85
N ASP B 113 20.99 19.84 1.94
CA ASP B 113 21.14 18.47 2.38
C ASP B 113 20.83 18.40 3.87
N LEU B 114 19.75 17.71 4.22
CA LEU B 114 19.38 17.56 5.63
C LEU B 114 20.07 16.36 6.28
N ASP B 115 20.85 16.62 7.32
CA ASP B 115 21.56 15.55 8.02
C ASP B 115 21.08 15.42 9.47
N TRP B 116 19.88 14.87 9.63
CA TRP B 116 19.29 14.62 10.94
C TRP B 116 19.48 13.13 11.23
N GLU B 117 20.36 12.85 12.19
CA GLU B 117 20.92 11.52 12.36
C GLU B 117 20.69 10.97 13.78
N TYR B 118 19.52 10.39 14.05
CA TYR B 118 18.47 10.10 13.05
C TYR B 118 17.11 10.31 13.68
N PRO B 119 16.06 10.49 12.86
CA PRO B 119 14.74 10.46 13.49
C PRO B 119 14.55 9.07 14.13
N SER B 120 14.15 9.04 15.40
CA SER B 120 14.28 7.82 16.18
C SER B 120 12.95 7.27 16.71
N SER B 121 11.85 7.70 16.08
CA SER B 121 10.52 7.26 16.46
C SER B 121 9.58 7.42 15.28
N ALA B 122 8.48 6.68 15.31
CA ALA B 122 7.44 6.82 14.29
C ALA B 122 6.90 8.25 14.23
N THR B 123 6.87 8.92 15.39
CA THR B 123 6.44 10.33 15.49
C THR B 123 7.38 11.23 14.71
N GLU B 124 8.66 11.15 15.05
CA GLU B 124 9.70 11.92 14.38
C GLU B 124 9.80 11.60 12.88
N MET B 125 9.57 10.34 12.52
CA MET B 125 9.54 9.93 11.11
C MET B 125 8.36 10.52 10.31
N THR B 126 7.17 10.56 10.92
CA THR B 126 6.01 11.24 10.31
C THR B 126 6.30 12.73 10.05
N ASN B 127 6.80 13.42 11.08
CA ASN B 127 7.20 14.82 10.98
C ASN B 127 8.30 15.05 9.93
N PHE B 128 9.30 14.16 9.92
CA PHE B 128 10.40 14.18 8.96
C PHE B 128 9.84 14.13 7.54
N GLY B 129 8.94 13.18 7.28
CA GLY B 129 8.30 13.08 5.99
C GLY B 129 7.55 14.32 5.55
N THR B 130 6.80 14.90 6.49
CA THR B 130 5.99 16.09 6.24
C THR B 130 6.89 17.28 5.89
N LEU B 131 7.97 17.45 6.64
CA LEU B 131 8.99 18.45 6.37
C LEU B 131 9.53 18.36 4.93
N LEU B 132 9.90 17.15 4.51
CA LEU B 132 10.42 16.94 3.16
C LEU B 132 9.39 17.33 2.08
N ARG B 133 8.14 16.92 2.27
CA ARG B 133 7.06 17.29 1.32
C ARG B 133 6.90 18.81 1.21
N GLU B 134 6.95 19.49 2.35
CA GLU B 134 6.75 20.94 2.39
C GLU B 134 7.99 21.66 1.86
N TRP B 135 9.17 21.08 2.12
CA TRP B 135 10.43 21.57 1.61
C TRP B 135 10.49 21.52 0.09
N ARG B 136 10.04 20.40 -0.46
CA ARG B 136 9.97 20.21 -1.91
C ARG B 136 8.99 21.21 -2.55
N SER B 137 7.83 21.37 -1.95
CA SER B 137 6.87 22.34 -2.42
C SER B 137 7.45 23.75 -2.41
N ALA B 138 8.27 24.05 -1.40
CA ALA B 138 8.84 25.38 -1.25
C ALA B 138 9.96 25.67 -2.26
N VAL B 139 10.83 24.71 -2.55
CA VAL B 139 11.86 24.90 -3.58
C VAL B 139 11.23 25.03 -4.98
N VAL B 140 10.14 24.31 -5.21
CA VAL B 140 9.40 24.46 -6.48
C VAL B 140 8.82 25.87 -6.59
N ALA B 141 8.19 26.36 -5.52
CA ALA B 141 7.61 27.70 -5.51
C ALA B 141 8.65 28.81 -5.66
N GLU B 142 9.80 28.65 -5.00
CA GLU B 142 10.88 29.63 -5.11
C GLU B 142 11.51 29.64 -6.51
N ALA B 143 11.56 28.50 -7.17
CA ALA B 143 12.08 28.44 -8.53
C ALA B 143 11.18 29.17 -9.52
N SER B 144 9.85 29.04 -9.37
CA SER B 144 8.97 29.74 -10.30
C SER B 144 8.84 31.23 -9.95
N SER B 145 8.98 31.57 -8.68
CA SER B 145 8.98 32.96 -8.23
C SER B 145 10.24 33.74 -8.66
N SER B 146 11.41 33.09 -8.59
CA SER B 146 12.68 33.77 -8.85
C SER B 146 13.23 33.57 -10.27
N GLY B 147 12.73 32.56 -10.97
CA GLY B 147 13.20 32.23 -12.33
C GLY B 147 14.53 31.49 -12.36
N LYS B 148 15.09 31.21 -11.20
CA LYS B 148 16.33 30.46 -11.11
C LYS B 148 16.03 28.94 -11.17
N PRO B 149 17.04 28.13 -11.56
CA PRO B 149 16.89 26.69 -11.50
C PRO B 149 16.59 26.23 -10.06
N ARG B 150 15.63 25.32 -9.93
CA ARG B 150 15.24 24.75 -8.64
C ARG B 150 16.44 24.31 -7.79
N LEU B 151 16.43 24.68 -6.52
CA LEU B 151 17.38 24.13 -5.54
C LEU B 151 17.18 22.63 -5.41
N LEU B 152 18.28 21.88 -5.35
CA LEU B 152 18.24 20.43 -5.13
C LEU B 152 18.02 20.13 -3.64
N LEU B 153 17.43 18.97 -3.37
CA LEU B 153 17.20 18.54 -2.01
C LEU B 153 17.72 17.13 -1.79
N ALA B 154 18.52 16.97 -0.75
CA ALA B 154 19.06 15.66 -0.39
C ALA B 154 18.94 15.45 1.12
N ALA B 155 19.24 14.23 1.58
CA ALA B 155 19.28 13.94 3.00
C ALA B 155 20.24 12.79 3.23
N ALA B 156 21.07 12.89 4.27
CA ALA B 156 21.83 11.73 4.73
C ALA B 156 20.89 10.89 5.56
N VAL B 157 20.90 9.58 5.31
CA VAL B 157 19.98 8.65 5.99
C VAL B 157 20.75 7.44 6.52
N PHE B 158 20.10 6.68 7.40
CA PHE B 158 20.60 5.39 7.88
C PHE B 158 20.81 4.47 6.68
N TYR B 159 21.76 3.55 6.80
CA TYR B 159 22.14 2.68 5.68
C TYR B 159 20.95 1.83 5.21
N SER B 160 19.98 1.65 6.10
CA SER B 160 18.72 0.97 5.84
C SER B 160 17.52 1.90 6.07
N ASN B 161 16.39 1.63 5.42
CA ASN B 161 15.13 2.34 5.72
C ASN B 161 14.58 1.94 7.09
N ASN B 162 15.05 0.80 7.58
CA ASN B 162 14.63 0.27 8.86
C ASN B 162 15.68 0.64 9.90
N TYR B 163 15.36 1.64 10.72
CA TYR B 163 16.26 2.15 11.75
C TYR B 163 15.89 1.54 13.10
N TYR B 164 16.42 0.34 13.36
CA TYR B 164 16.10 -0.43 14.57
C TYR B 164 14.59 -0.55 14.78
N SER B 165 13.89 -0.92 13.71
CA SER B 165 12.42 -1.14 13.67
C SER B 165 11.56 0.14 13.50
N VAL B 166 12.21 1.30 13.49
CA VAL B 166 11.56 2.57 13.16
C VAL B 166 11.74 2.82 11.66
N LEU B 167 10.64 2.86 10.93
CA LEU B 167 10.69 2.91 9.47
C LEU B 167 10.66 4.33 8.92
N TYR B 168 11.54 4.59 7.94
CA TYR B 168 11.57 5.85 7.21
C TYR B 168 10.31 5.98 6.34
N PRO B 169 9.79 7.21 6.19
CA PRO B 169 8.66 7.49 5.28
C PRO B 169 9.14 7.52 3.83
N VAL B 170 9.26 6.32 3.25
CA VAL B 170 9.89 6.16 1.95
C VAL B 170 9.15 6.90 0.85
N SER B 171 7.82 6.87 0.91
CA SER B 171 6.99 7.57 -0.06
C SER B 171 7.27 9.09 -0.06
N ALA B 172 7.30 9.70 1.12
CA ALA B 172 7.66 11.12 1.24
C ALA B 172 9.07 11.38 0.69
N VAL B 173 10.04 10.57 1.13
CA VAL B 173 11.42 10.65 0.64
C VAL B 173 11.49 10.54 -0.89
N ALA B 174 10.86 9.52 -1.46
CA ALA B 174 10.92 9.30 -2.91
C ALA B 174 10.31 10.44 -3.72
N SER B 175 9.25 11.07 -3.22
CA SER B 175 8.62 12.17 -3.97
C SER B 175 9.25 13.55 -3.71
N SER B 176 9.96 13.71 -2.59
CA SER B 176 10.42 15.04 -2.18
C SER B 176 11.89 15.37 -2.50
N LEU B 177 12.76 14.38 -2.36
CA LEU B 177 14.18 14.57 -2.53
C LEU B 177 14.67 14.18 -3.92
N ASP B 178 15.73 14.84 -4.35
CA ASP B 178 16.45 14.43 -5.54
C ASP B 178 17.18 13.12 -5.29
N TRP B 179 17.69 12.94 -4.06
CA TRP B 179 18.25 11.66 -3.61
C TRP B 179 18.53 11.62 -2.11
N VAL B 180 18.89 10.44 -1.61
CA VAL B 180 19.38 10.30 -0.26
C VAL B 180 20.83 9.83 -0.29
N ASN B 181 21.59 10.26 0.71
CA ASN B 181 22.96 9.83 0.89
C ASN B 181 22.97 8.70 1.91
N LEU B 182 23.13 7.47 1.43
CA LEU B 182 23.13 6.28 2.27
C LEU B 182 24.41 6.15 3.09
N MET B 183 24.31 6.31 4.40
CA MET B 183 25.51 6.24 5.23
C MET B 183 25.89 4.80 5.54
N ALA B 184 26.37 4.10 4.50
CA ALA B 184 26.77 2.69 4.64
C ALA B 184 28.15 2.58 5.27
N TYR B 185 28.26 3.06 6.51
CA TYR B 185 29.50 2.97 7.27
C TYR B 185 29.26 3.18 8.77
N ASP B 186 30.34 3.22 9.54
CA ASP B 186 30.30 3.20 11.03
C ASP B 186 29.61 1.97 11.58
N PHE B 187 29.77 0.83 10.91
CA PHE B 187 29.07 -0.40 11.33
C PHE B 187 29.66 -0.98 12.60
N TYR B 188 30.97 -0.83 12.74
CA TYR B 188 31.74 -1.38 13.84
C TYR B 188 32.76 -0.34 14.24
N GLY B 189 32.98 -0.24 15.56
CA GLY B 189 34.00 0.66 16.10
C GLY B 189 34.26 0.23 17.53
N PRO B 190 35.45 0.55 18.06
CA PRO B 190 35.78 0.10 19.42
C PRO B 190 34.84 0.64 20.50
N GLY B 191 34.18 1.78 20.22
CA GLY B 191 33.12 2.27 21.10
C GLY B 191 31.95 1.32 21.32
N TRP B 192 31.53 0.59 20.28
CA TRP B 192 30.30 -0.20 20.33
C TRP B 192 30.45 -1.66 19.88
N SER B 193 31.68 -2.10 19.65
CA SER B 193 31.94 -3.48 19.26
C SER B 193 33.18 -4.00 19.97
N ARG B 194 32.99 -5.07 20.75
CA ARG B 194 34.06 -5.74 21.48
C ARG B 194 34.99 -6.54 20.56
N VAL B 195 34.55 -6.76 19.32
CA VAL B 195 35.35 -7.48 18.32
C VAL B 195 35.63 -6.61 17.10
N THR B 196 36.64 -6.99 16.34
CA THR B 196 36.97 -6.29 15.09
C THR B 196 35.85 -6.57 14.11
N GLY B 197 35.69 -5.69 13.14
CA GLY B 197 34.67 -5.89 12.14
C GLY B 197 34.90 -4.91 11.00
N PRO B 198 34.25 -5.17 9.86
CA PRO B 198 34.38 -4.29 8.69
C PRO B 198 33.43 -3.10 8.82
N PRO B 199 33.97 -1.91 9.16
CA PRO B 199 33.09 -0.79 9.50
C PRO B 199 32.18 -0.29 8.38
N ALA B 200 32.38 -0.76 7.15
CA ALA B 200 31.59 -0.32 6.01
C ALA B 200 31.34 -1.45 4.99
N ALA B 201 31.41 -2.69 5.46
CA ALA B 201 31.27 -3.86 4.58
C ALA B 201 30.13 -3.69 3.58
N LEU B 202 30.42 -3.97 2.31
CA LEU B 202 29.35 -4.04 1.31
C LEU B 202 28.47 -5.28 1.54
N PHE B 203 29.07 -6.38 1.95
CA PHE B 203 28.37 -7.65 2.10
C PHE B 203 28.56 -8.26 3.47
N ASP B 204 27.56 -9.02 3.92
CA ASP B 204 27.73 -9.89 5.08
C ASP B 204 27.11 -11.27 4.82
N PRO B 205 27.93 -12.25 4.40
CA PRO B 205 27.43 -13.60 4.06
C PRO B 205 26.77 -14.31 5.24
N SER B 206 27.19 -13.97 6.47
CA SER B 206 26.66 -14.61 7.67
C SER B 206 25.32 -14.02 8.08
N ASN B 207 24.98 -12.87 7.51
CA ASN B 207 23.74 -12.16 7.83
C ASN B 207 23.65 -11.68 9.30
N ALA B 208 24.78 -11.66 9.98
CA ALA B 208 24.80 -11.34 11.42
C ALA B 208 24.81 -9.84 11.69
N GLY B 209 25.37 -9.09 10.74
CA GLY B 209 25.55 -7.65 10.95
C GLY B 209 25.10 -6.78 9.77
N PRO B 210 25.35 -5.47 9.87
CA PRO B 210 24.97 -4.55 8.80
C PRO B 210 25.89 -4.66 7.59
N SER B 211 25.36 -4.25 6.45
CA SER B 211 26.14 -4.17 5.21
C SER B 211 25.50 -3.17 4.28
N GLY B 212 26.28 -2.61 3.38
CA GLY B 212 25.77 -1.60 2.44
C GLY B 212 24.77 -2.21 1.46
N ASP B 213 25.03 -3.46 1.07
CA ASP B 213 24.15 -4.20 0.17
C ASP B 213 22.79 -4.47 0.80
N ALA B 214 22.79 -4.96 2.04
CA ALA B 214 21.54 -5.25 2.76
C ALA B 214 20.69 -3.99 2.97
N GLY B 215 21.34 -2.91 3.41
CA GLY B 215 20.65 -1.64 3.58
C GLY B 215 20.08 -1.07 2.29
N THR B 216 20.91 -1.06 1.23
CA THR B 216 20.50 -0.59 -0.09
C THR B 216 19.29 -1.35 -0.61
N ARG B 217 19.39 -2.69 -0.58
CA ARG B 217 18.30 -3.54 -1.04
C ARG B 217 17.02 -3.31 -0.24
N SER B 218 17.16 -3.04 1.05
CA SER B 218 16.00 -2.79 1.92
C SER B 218 15.31 -1.48 1.53
N TRP B 219 16.11 -0.45 1.25
CA TRP B 219 15.59 0.82 0.76
C TRP B 219 14.79 0.62 -0.55
N ILE B 220 15.35 -0.14 -1.48
CA ILE B 220 14.71 -0.38 -2.78
C ILE B 220 13.45 -1.24 -2.61
N GLN B 221 13.56 -2.29 -1.79
CA GLN B 221 12.41 -3.08 -1.35
C GLN B 221 11.26 -2.17 -0.86
N ALA B 222 11.60 -1.18 -0.03
CA ALA B 222 10.59 -0.33 0.62
C ALA B 222 9.98 0.73 -0.30
N GLY B 223 10.48 0.84 -1.53
CA GLY B 223 9.91 1.73 -2.53
C GLY B 223 10.81 2.84 -3.04
N LEU B 224 12.02 2.95 -2.50
CA LEU B 224 12.96 3.99 -2.97
C LEU B 224 13.50 3.64 -4.34
N PRO B 225 13.32 4.55 -5.32
CA PRO B 225 13.88 4.24 -6.62
C PRO B 225 15.40 4.22 -6.50
N ALA B 226 16.04 3.30 -7.21
CA ALA B 226 17.50 3.17 -7.17
C ALA B 226 18.18 4.46 -7.62
N LYS B 227 17.60 5.15 -8.60
CA LYS B 227 18.15 6.40 -9.07
C LYS B 227 18.00 7.57 -8.07
N LYS B 228 17.47 7.27 -6.89
CA LYS B 228 17.43 8.25 -5.80
C LYS B 228 18.31 7.81 -4.62
N ALA B 229 19.17 6.82 -4.85
CA ALA B 229 20.09 6.34 -3.84
C ALA B 229 21.54 6.65 -4.22
N VAL B 230 22.25 7.27 -3.29
CA VAL B 230 23.67 7.53 -3.46
C VAL B 230 24.40 6.79 -2.34
N LEU B 231 25.26 5.85 -2.71
CA LEU B 231 25.95 5.00 -1.76
C LEU B 231 27.17 5.68 -1.13
N GLY B 232 27.16 5.80 0.19
CA GLY B 232 28.28 6.42 0.91
C GLY B 232 29.39 5.45 1.25
N PHE B 233 30.63 5.94 1.27
CA PHE B 233 31.74 5.19 1.85
C PHE B 233 32.68 6.08 2.66
N PRO B 234 33.42 5.50 3.63
CA PRO B 234 34.32 6.28 4.48
C PRO B 234 35.77 6.38 3.97
N TYR B 235 36.35 7.56 4.11
CA TYR B 235 37.77 7.75 3.92
C TYR B 235 38.42 7.76 5.29
N TYR B 236 37.93 6.91 6.18
CA TYR B 236 38.59 6.69 7.47
C TYR B 236 38.27 5.28 7.95
N GLY B 237 38.97 4.83 8.99
CA GLY B 237 38.72 3.52 9.56
C GLY B 237 38.60 3.59 11.08
N TYR B 238 38.42 2.42 11.69
CA TYR B 238 38.48 2.27 13.14
C TYR B 238 39.58 1.30 13.53
N ALA B 239 40.31 1.65 14.58
CA ALA B 239 41.38 0.79 15.06
C ALA B 239 41.06 0.21 16.43
N TRP B 240 41.29 -1.10 16.58
CA TRP B 240 41.11 -1.81 17.85
C TRP B 240 42.46 -2.35 18.35
N ARG B 241 42.56 -2.52 19.66
CA ARG B 241 43.71 -3.22 20.27
C ARG B 241 43.39 -4.70 20.43
N LEU B 242 44.04 -5.56 19.67
CA LEU B 242 43.73 -7.01 19.70
C LEU B 242 44.11 -7.62 21.05
N THR B 243 43.28 -8.56 21.50
CA THR B 243 43.54 -9.31 22.72
C THR B 243 44.63 -10.34 22.46
N ASN B 244 44.60 -10.95 21.27
CA ASN B 244 45.54 -12.00 20.90
C ASN B 244 46.12 -11.62 19.54
N ALA B 245 47.40 -11.30 19.52
CA ALA B 245 48.08 -10.84 18.31
C ALA B 245 48.02 -11.87 17.18
N ASN B 246 47.80 -13.14 17.54
CA ASN B 246 47.70 -14.21 16.54
C ASN B 246 46.29 -14.41 16.00
N SER B 247 45.34 -13.66 16.57
CA SER B 247 43.96 -13.63 16.07
C SER B 247 43.67 -12.23 15.52
N HIS B 248 43.72 -12.11 14.20
CA HIS B 248 43.78 -10.81 13.53
C HIS B 248 42.87 -10.69 12.30
N SER B 249 41.84 -11.52 12.23
CA SER B 249 40.84 -11.40 11.18
C SER B 249 39.66 -10.57 11.67
N TYR B 250 38.55 -10.63 10.95
CA TYR B 250 37.31 -9.97 11.38
C TYR B 250 36.75 -10.76 12.57
N TYR B 251 36.06 -10.06 13.47
CA TYR B 251 35.42 -10.65 14.66
C TYR B 251 36.42 -11.25 15.65
N ALA B 252 37.63 -10.69 15.64
CA ALA B 252 38.69 -11.09 16.56
C ALA B 252 38.54 -10.37 17.91
N PRO B 253 38.90 -11.05 19.03
CA PRO B 253 38.73 -10.40 20.33
C PRO B 253 39.62 -9.16 20.52
N THR B 254 39.08 -8.16 21.21
CA THR B 254 39.79 -6.89 21.47
C THR B 254 39.72 -6.44 22.93
N THR B 255 40.61 -5.52 23.31
CA THR B 255 40.65 -5.00 24.68
C THR B 255 40.20 -3.54 24.74
N GLY B 256 39.95 -2.96 23.56
CA GLY B 256 39.57 -1.55 23.46
C GLY B 256 40.05 -0.94 22.15
N ALA B 257 40.13 0.40 22.11
CA ALA B 257 40.55 1.11 20.92
C ALA B 257 42.05 1.13 20.80
N ALA B 258 42.52 1.33 19.57
CA ALA B 258 43.94 1.53 19.30
C ALA B 258 44.13 2.88 18.62
N ILE B 259 45.34 3.44 18.73
CA ILE B 259 45.78 4.63 17.97
C ILE B 259 45.17 5.98 18.39
N SER B 260 43.85 6.06 18.41
CA SER B 260 43.16 7.25 18.90
C SER B 260 42.13 6.80 19.96
N PRO B 261 41.66 7.73 20.81
CA PRO B 261 40.78 7.35 21.93
C PRO B 261 39.51 6.62 21.51
N ASP B 262 38.88 7.06 20.42
CA ASP B 262 37.73 6.31 19.88
C ASP B 262 38.11 5.38 18.72
N GLY B 263 39.40 5.36 18.38
CA GLY B 263 39.92 4.46 17.33
C GLY B 263 39.74 4.93 15.90
N SER B 264 39.10 6.08 15.68
CA SER B 264 38.96 6.63 14.32
C SER B 264 40.29 7.17 13.81
N ILE B 265 40.52 7.00 12.52
CA ILE B 265 41.77 7.40 11.86
C ILE B 265 41.54 7.63 10.37
N GLY B 266 41.92 8.80 9.88
CA GLY B 266 41.77 9.16 8.48
C GLY B 266 42.57 8.26 7.56
N TYR B 267 42.07 8.05 6.34
CA TYR B 267 42.69 7.17 5.35
C TYR B 267 44.17 7.50 5.10
N GLY B 268 44.48 8.79 4.95
CA GLY B 268 45.85 9.26 4.80
C GLY B 268 46.78 8.81 5.92
N GLN B 269 46.27 8.85 7.14
CA GLN B 269 47.05 8.42 8.31
C GLN B 269 47.18 6.90 8.38
N ILE B 270 46.20 6.19 7.83
CA ILE B 270 46.27 4.73 7.74
C ILE B 270 47.40 4.32 6.80
N ARG B 271 47.47 5.01 5.65
CA ARG B 271 48.55 4.78 4.69
C ARG B 271 49.92 4.99 5.34
N LYS B 272 50.06 6.06 6.13
CA LYS B 272 51.29 6.30 6.90
C LYS B 272 51.52 5.20 7.92
N PHE B 273 50.48 4.80 8.65
CA PHE B 273 50.61 3.69 9.60
C PHE B 273 51.12 2.40 8.95
N ILE B 274 50.63 2.09 7.76
CA ILE B 274 51.03 0.88 7.05
C ILE B 274 52.53 0.90 6.73
N VAL B 275 52.99 2.00 6.13
CA VAL B 275 54.41 2.20 5.80
C VAL B 275 55.29 2.22 7.06
N ASP B 276 54.94 3.07 8.02
CA ASP B 276 55.75 3.25 9.23
C ASP B 276 55.93 1.96 10.02
N ASN B 277 54.86 1.17 10.11
CA ASN B 277 54.84 -0.02 10.95
C ASN B 277 55.01 -1.36 10.21
N GLY B 278 55.18 -1.30 8.88
CA GLY B 278 55.29 -2.50 8.05
C GLY B 278 54.12 -3.44 8.31
N ALA B 279 52.91 -2.88 8.21
CA ALA B 279 51.69 -3.60 8.52
C ALA B 279 51.39 -4.66 7.49
N THR B 280 50.81 -5.77 7.93
CA THR B 280 50.19 -6.73 7.03
C THR B 280 48.90 -6.08 6.55
N THR B 281 48.64 -6.16 5.25
CA THR B 281 47.48 -5.52 4.64
C THR B 281 46.60 -6.52 3.92
N VAL B 282 45.29 -6.37 4.08
CA VAL B 282 44.32 -7.31 3.52
C VAL B 282 43.19 -6.56 2.85
N TYR B 283 42.88 -6.93 1.60
CA TYR B 283 41.59 -6.62 1.01
C TYR B 283 40.72 -7.88 0.99
N ASN B 284 39.66 -7.86 1.78
CA ASN B 284 38.81 -9.01 1.93
C ASN B 284 37.60 -8.84 1.02
N SER B 285 37.53 -9.64 -0.04
CA SER B 285 36.51 -9.48 -1.09
C SER B 285 35.16 -10.10 -0.74
N THR B 286 35.14 -10.94 0.31
CA THR B 286 33.91 -11.56 0.79
C THR B 286 32.96 -10.50 1.38
N VAL B 287 33.52 -9.59 2.19
CA VAL B 287 32.75 -8.49 2.78
C VAL B 287 32.89 -7.21 1.97
N VAL B 288 33.95 -7.14 1.16
CA VAL B 288 34.37 -5.91 0.48
C VAL B 288 34.79 -4.85 1.51
N GLY B 289 35.96 -5.06 2.09
CA GLY B 289 36.50 -4.15 3.08
C GLY B 289 37.99 -4.42 3.14
N ASP B 290 38.74 -3.40 3.55
CA ASP B 290 40.17 -3.55 3.77
C ASP B 290 40.48 -3.56 5.26
N TYR B 291 41.58 -4.19 5.61
CA TYR B 291 42.13 -4.03 6.94
C TYR B 291 43.63 -4.19 6.92
N CYS B 292 44.26 -3.74 8.02
CA CYS B 292 45.68 -3.88 8.20
C CYS B 292 45.95 -4.07 9.68
N TYR B 293 47.10 -4.63 10.00
CA TYR B 293 47.48 -4.84 11.40
C TYR B 293 48.99 -4.94 11.59
N ALA B 294 49.45 -4.53 12.76
CA ALA B 294 50.85 -4.62 13.15
C ALA B 294 50.87 -4.75 14.67
N GLY B 295 51.36 -5.89 15.17
CA GLY B 295 51.31 -6.17 16.60
C GLY B 295 49.85 -6.30 17.00
N THR B 296 49.44 -5.53 18.00
CA THR B 296 48.05 -5.57 18.46
C THR B 296 47.16 -4.50 17.82
N ASN B 297 47.75 -3.63 16.99
CA ASN B 297 47.00 -2.60 16.29
C ASN B 297 46.32 -3.20 15.05
N TRP B 298 45.01 -3.06 14.96
CA TRP B 298 44.22 -3.60 13.84
C TRP B 298 43.27 -2.51 13.40
N ILE B 299 43.26 -2.19 12.11
CA ILE B 299 42.42 -1.10 11.59
C ILE B 299 41.54 -1.61 10.46
N GLY B 300 40.23 -1.37 10.55
CA GLY B 300 39.32 -1.74 9.45
C GLY B 300 38.92 -0.49 8.69
N TYR B 301 39.05 -0.51 7.37
CA TYR B 301 38.85 0.70 6.58
C TYR B 301 38.54 0.39 5.14
N ASP B 302 38.42 1.42 4.30
CA ASP B 302 38.25 1.23 2.85
C ASP B 302 39.49 1.72 2.13
N ASP B 303 40.14 0.82 1.40
CA ASP B 303 41.24 1.20 0.53
C ASP B 303 40.76 1.11 -0.92
N ASN B 304 41.71 1.21 -1.86
CA ASN B 304 41.40 1.29 -3.26
C ASN B 304 40.38 0.24 -3.76
N GLN B 305 40.63 -1.02 -3.45
CA GLN B 305 39.77 -2.11 -3.91
C GLN B 305 38.36 -2.08 -3.34
N SER B 306 38.19 -1.64 -2.09
CA SER B 306 36.84 -1.52 -1.52
C SER B 306 36.06 -0.43 -2.26
N ILE B 307 36.70 0.72 -2.44
CA ILE B 307 36.12 1.87 -3.13
C ILE B 307 35.70 1.48 -4.55
N VAL B 308 36.62 0.89 -5.31
CA VAL B 308 36.36 0.50 -6.69
C VAL B 308 35.19 -0.49 -6.80
N THR B 309 35.17 -1.46 -5.90
CA THR B 309 34.12 -2.47 -5.88
C THR B 309 32.76 -1.85 -5.52
N LYS B 310 32.74 -0.93 -4.58
CA LYS B 310 31.48 -0.29 -4.19
C LYS B 310 30.95 0.61 -5.31
N VAL B 311 31.87 1.31 -5.97
CA VAL B 311 31.51 2.16 -7.10
C VAL B 311 30.87 1.32 -8.22
N ARG B 312 31.47 0.17 -8.52
CA ARG B 312 30.95 -0.75 -9.54
C ARG B 312 29.58 -1.32 -9.16
N TYR B 313 29.44 -1.72 -7.90
CA TYR B 313 28.17 -2.14 -7.35
C TYR B 313 27.10 -1.07 -7.59
N ALA B 314 27.40 0.17 -7.21
CA ALA B 314 26.46 1.28 -7.35
C ALA B 314 26.02 1.47 -8.80
N LYS B 315 26.98 1.40 -9.73
CA LYS B 315 26.66 1.56 -11.14
C LYS B 315 25.81 0.41 -11.66
N GLN B 316 26.25 -0.82 -11.41
CA GLN B 316 25.58 -2.03 -11.93
C GLN B 316 24.20 -2.27 -11.32
N ARG B 317 24.01 -1.85 -10.07
CA ARG B 317 22.71 -2.06 -9.42
C ARG B 317 21.72 -0.93 -9.67
N GLY B 318 22.11 0.03 -10.52
CA GLY B 318 21.18 1.09 -10.94
C GLY B 318 21.10 2.29 -10.00
N LEU B 319 22.06 2.40 -9.08
CA LEU B 319 22.09 3.52 -8.12
C LEU B 319 22.52 4.81 -8.82
N LEU B 320 22.15 5.96 -8.25
CA LEU B 320 22.49 7.26 -8.85
C LEU B 320 24.00 7.56 -8.77
N GLY B 321 24.67 7.02 -7.76
CA GLY B 321 26.08 7.32 -7.59
C GLY B 321 26.62 6.98 -6.22
N TYR B 322 27.62 7.75 -5.79
CA TYR B 322 28.36 7.43 -4.58
C TYR B 322 28.78 8.74 -3.93
N PHE B 323 29.06 8.71 -2.63
CA PHE B 323 29.67 9.86 -1.97
C PHE B 323 30.68 9.37 -0.96
N SER B 324 31.59 10.25 -0.57
CA SER B 324 32.57 9.92 0.48
C SER B 324 32.49 10.88 1.65
N TRP B 325 32.76 10.34 2.84
CA TRP B 325 33.05 11.12 4.03
C TRP B 325 34.49 10.82 4.42
N HIS B 326 35.40 11.78 4.30
CA HIS B 326 35.18 13.12 3.79
C HIS B 326 36.36 13.48 2.89
N VAL B 327 36.23 14.55 2.10
CA VAL B 327 37.27 14.95 1.15
C VAL B 327 38.65 15.20 1.78
N GLY B 328 38.68 15.66 3.03
CA GLY B 328 39.95 15.99 3.69
C GLY B 328 40.76 14.81 4.21
N ALA B 329 40.20 13.62 4.16
CA ALA B 329 40.93 12.48 4.72
C ALA B 329 41.49 11.56 3.62
N ASP B 330 41.24 11.92 2.36
CA ASP B 330 41.82 11.19 1.22
C ASP B 330 43.34 11.41 1.19
N ASP B 331 44.06 10.56 0.45
CA ASP B 331 45.51 10.71 0.31
C ASP B 331 45.79 11.23 -1.10
N ASN B 332 46.01 12.53 -1.20
CA ASN B 332 46.22 13.19 -2.49
C ASN B 332 45.15 12.82 -3.54
N SER B 333 43.88 12.84 -3.10
CA SER B 333 42.72 12.55 -3.96
C SER B 333 42.66 11.12 -4.51
N GLY B 334 43.51 10.24 -3.99
CA GLY B 334 43.68 8.89 -4.54
C GLY B 334 42.40 8.07 -4.65
N LEU B 335 41.65 7.98 -3.57
CA LEU B 335 40.40 7.23 -3.58
C LEU B 335 39.32 7.85 -4.45
N SER B 336 39.21 9.19 -4.40
CA SER B 336 38.23 9.90 -5.23
C SER B 336 38.55 9.79 -6.72
N ARG B 337 39.83 9.79 -7.06
CA ARG B 337 40.24 9.60 -8.45
C ARG B 337 39.92 8.16 -8.88
N ALA B 338 40.25 7.21 -8.03
CA ALA B 338 39.92 5.79 -8.27
C ALA B 338 38.41 5.60 -8.47
N ALA B 339 37.62 6.18 -7.56
CA ALA B 339 36.17 6.14 -7.64
C ALA B 339 35.66 6.68 -8.96
N SER B 340 36.11 7.88 -9.33
CA SER B 340 35.66 8.52 -10.57
C SER B 340 35.98 7.66 -11.80
N GLN B 341 37.23 7.21 -11.89
CA GLN B 341 37.66 6.36 -13.00
C GLN B 341 36.91 5.02 -13.08
N ALA B 342 36.66 4.41 -11.93
CA ALA B 342 35.93 3.15 -11.88
C ALA B 342 34.50 3.31 -12.40
N TRP B 343 33.85 4.41 -12.01
CA TRP B 343 32.49 4.69 -12.48
C TRP B 343 32.47 4.87 -14.00
N ASP B 344 33.39 5.68 -14.51
CA ASP B 344 33.46 5.98 -15.92
C ASP B 344 33.74 4.75 -16.80
N ALA B 345 34.46 3.78 -16.24
CA ALA B 345 34.89 2.58 -16.97
C ALA B 345 33.90 1.40 -16.95
N THR B 346 33.01 1.37 -15.94
CA THR B 346 32.04 0.27 -15.78
C THR B 346 30.98 0.30 -16.89
N THR C 3 -13.12 27.06 -13.08
CA THR C 3 -13.73 28.19 -12.31
C THR C 3 -15.21 27.91 -12.00
N VAL C 4 -16.01 27.70 -13.06
CA VAL C 4 -17.43 27.38 -12.97
C VAL C 4 -17.83 26.48 -14.15
N VAL C 5 -18.59 25.43 -13.87
CA VAL C 5 -19.20 24.64 -14.94
C VAL C 5 -20.71 24.77 -14.83
N LYS C 6 -21.34 25.31 -15.87
CA LYS C 6 -22.80 25.22 -16.06
C LYS C 6 -23.01 24.42 -17.32
N ALA C 7 -23.49 23.18 -17.19
CA ALA C 7 -23.47 22.28 -18.33
C ALA C 7 -24.78 21.57 -18.63
N SER C 8 -24.84 21.00 -19.82
CA SER C 8 -25.93 20.10 -20.19
C SER C 8 -25.46 19.12 -21.29
N TYR C 9 -26.19 18.03 -21.42
CA TYR C 9 -25.92 17.01 -22.44
C TYR C 9 -26.91 17.20 -23.57
N TRP C 10 -26.46 16.90 -24.78
CA TRP C 10 -27.36 16.85 -25.94
C TRP C 10 -27.12 15.53 -26.67
N PHE C 11 -28.19 14.91 -27.15
CA PHE C 11 -28.07 13.75 -28.04
C PHE C 11 -29.01 13.87 -29.24
N PRO C 12 -28.59 13.34 -30.41
CA PRO C 12 -29.37 13.51 -31.64
C PRO C 12 -30.79 12.93 -31.60
N ALA C 13 -30.97 11.80 -30.93
CA ALA C 13 -32.27 11.10 -30.91
C ALA C 13 -33.34 11.89 -30.15
N SER C 14 -32.93 12.93 -29.43
CA SER C 14 -33.87 13.83 -28.79
C SER C 14 -34.69 14.62 -29.81
N GLU C 15 -34.18 14.68 -31.05
CA GLU C 15 -34.75 15.52 -32.12
C GLU C 15 -34.78 17.01 -31.72
N PHE C 16 -33.93 17.40 -30.78
CA PHE C 16 -33.87 18.80 -30.34
C PHE C 16 -32.84 19.52 -31.21
N PRO C 17 -33.29 20.49 -32.03
CA PRO C 17 -32.37 21.18 -32.94
C PRO C 17 -31.23 21.80 -32.15
N VAL C 18 -30.00 21.64 -32.64
CA VAL C 18 -28.79 22.18 -31.98
C VAL C 18 -28.86 23.71 -31.83
N THR C 19 -29.48 24.37 -32.81
CA THR C 19 -29.62 25.83 -32.81
C THR C 19 -30.57 26.30 -31.70
N ASP C 20 -31.44 25.41 -31.25
CA ASP C 20 -32.39 25.73 -30.16
C ASP C 20 -31.78 25.67 -28.75
N ILE C 21 -30.52 25.24 -28.66
CA ILE C 21 -29.79 25.29 -27.38
C ILE C 21 -29.39 26.74 -27.06
N ASP C 22 -29.99 27.31 -26.00
CA ASP C 22 -29.61 28.66 -25.56
C ASP C 22 -28.24 28.63 -24.87
N SER C 23 -27.20 28.79 -25.67
CA SER C 23 -25.82 28.62 -25.23
C SER C 23 -25.37 29.59 -24.17
N SER C 24 -26.03 30.75 -24.08
CA SER C 24 -25.70 31.78 -23.10
C SER C 24 -25.91 31.35 -21.65
N LEU C 25 -26.68 30.28 -21.46
CA LEU C 25 -27.01 29.73 -20.14
C LEU C 25 -26.01 28.66 -19.69
N PHE C 26 -24.99 28.41 -20.52
CA PHE C 26 -23.99 27.36 -20.25
C PHE C 26 -22.56 27.84 -20.43
N THR C 27 -21.63 27.13 -19.78
CA THR C 27 -20.21 27.29 -20.03
C THR C 27 -19.69 26.09 -20.83
N HIS C 28 -20.31 24.94 -20.63
CA HIS C 28 -19.89 23.71 -21.30
C HIS C 28 -21.09 22.92 -21.78
N LEU C 29 -21.00 22.39 -22.99
CA LEU C 29 -22.02 21.47 -23.49
C LEU C 29 -21.36 20.17 -23.90
N PHE C 30 -22.06 19.08 -23.60
CA PHE C 30 -21.61 17.73 -23.92
C PHE C 30 -22.41 17.16 -25.07
N CYS C 31 -21.71 16.63 -26.05
CA CYS C 31 -22.32 15.99 -27.20
C CYS C 31 -22.24 14.47 -27.03
N ALA C 32 -23.40 13.81 -27.02
CA ALA C 32 -23.50 12.40 -26.66
C ALA C 32 -24.18 11.55 -27.74
N PHE C 33 -23.68 10.36 -28.06
CA PHE C 33 -22.44 9.77 -27.55
C PHE C 33 -21.60 9.26 -28.72
N ALA C 34 -20.28 9.34 -28.59
CA ALA C 34 -19.38 8.54 -29.45
C ALA C 34 -19.36 7.11 -28.93
N ASP C 35 -18.95 6.17 -29.77
CA ASP C 35 -18.97 4.77 -29.42
C ASP C 35 -17.59 4.14 -29.36
N LEU C 36 -17.47 3.09 -28.56
CA LEU C 36 -16.31 2.22 -28.63
C LEU C 36 -16.54 1.10 -29.65
N ASN C 37 -15.61 0.98 -30.60
CA ASN C 37 -15.56 -0.14 -31.54
C ASN C 37 -14.79 -1.29 -30.88
N SER C 38 -15.51 -2.34 -30.47
CA SER C 38 -14.92 -3.43 -29.71
C SER C 38 -13.94 -4.27 -30.54
N GLN C 39 -14.03 -4.12 -31.85
CA GLN C 39 -13.11 -4.78 -32.77
C GLN C 39 -11.73 -4.12 -32.78
N THR C 40 -11.70 -2.80 -32.97
CA THR C 40 -10.44 -2.07 -33.07
C THR C 40 -10.02 -1.41 -31.75
N ASN C 41 -10.95 -1.36 -30.80
CA ASN C 41 -10.78 -0.60 -29.55
C ASN C 41 -10.48 0.88 -29.82
N GLN C 42 -11.21 1.45 -30.78
CA GLN C 42 -11.13 2.87 -31.11
C GLN C 42 -12.46 3.58 -30.87
N VAL C 43 -12.36 4.84 -30.43
CA VAL C 43 -13.51 5.72 -30.32
C VAL C 43 -13.93 6.10 -31.74
N THR C 44 -15.17 5.75 -32.09
CA THR C 44 -15.72 6.08 -33.39
C THR C 44 -17.01 6.88 -33.21
N VAL C 45 -17.50 7.47 -34.30
CA VAL C 45 -18.78 8.15 -34.31
C VAL C 45 -19.62 7.47 -35.39
N SER C 46 -20.85 7.08 -35.05
CA SER C 46 -21.72 6.41 -36.02
C SER C 46 -21.95 7.31 -37.23
N SER C 47 -22.12 6.72 -38.42
CA SER C 47 -22.21 7.53 -39.64
C SER C 47 -23.43 8.47 -39.62
N ALA C 48 -24.52 8.04 -38.99
CA ALA C 48 -25.68 8.92 -38.81
C ALA C 48 -25.41 10.07 -37.84
N ASN C 49 -24.52 9.86 -36.87
CA ASN C 49 -24.16 10.91 -35.90
C ASN C 49 -23.08 11.88 -36.39
N GLN C 50 -22.29 11.45 -37.38
CA GLN C 50 -21.08 12.17 -37.74
C GLN C 50 -21.28 13.63 -38.12
N PRO C 51 -22.25 13.95 -39.02
CA PRO C 51 -22.39 15.34 -39.43
C PRO C 51 -22.81 16.28 -38.30
N LYS C 52 -23.74 15.84 -37.44
CA LYS C 52 -24.20 16.66 -36.32
C LYS C 52 -23.11 16.90 -35.27
N PHE C 53 -22.30 15.90 -34.99
CA PHE C 53 -21.19 16.02 -34.05
C PHE C 53 -20.12 17.01 -34.55
N SER C 54 -19.86 16.96 -35.86
CA SER C 54 -18.82 17.77 -36.45
C SER C 54 -19.22 19.24 -36.44
N THR C 55 -20.49 19.53 -36.70
CA THR C 55 -20.96 20.92 -36.71
C THR C 55 -21.50 21.42 -35.38
N PHE C 56 -21.50 20.54 -34.36
CA PHE C 56 -22.06 20.85 -33.05
C PHE C 56 -21.47 22.10 -32.43
N THR C 57 -20.14 22.15 -32.36
CA THR C 57 -19.43 23.18 -31.65
C THR C 57 -19.59 24.54 -32.31
N GLN C 58 -19.36 24.62 -33.62
CA GLN C 58 -19.53 25.88 -34.36
C GLN C 58 -20.97 26.41 -34.20
N THR C 59 -21.93 25.49 -34.19
CA THR C 59 -23.35 25.86 -34.10
C THR C 59 -23.71 26.45 -32.74
N VAL C 60 -23.43 25.72 -31.66
CA VAL C 60 -23.74 26.22 -30.32
C VAL C 60 -22.98 27.52 -30.00
N GLN C 61 -21.76 27.66 -30.50
CA GLN C 61 -20.94 28.86 -30.27
C GLN C 61 -21.57 30.14 -30.85
N ARG C 62 -22.51 29.98 -31.78
CA ARG C 62 -23.20 31.15 -32.34
C ARG C 62 -23.94 31.95 -31.26
N ARG C 63 -24.57 31.25 -30.31
CA ARG C 63 -25.33 31.91 -29.25
C ARG C 63 -24.50 32.17 -27.99
N ASN C 64 -23.28 31.65 -27.98
CA ASN C 64 -22.30 31.96 -26.93
C ASN C 64 -20.89 31.58 -27.37
N PRO C 65 -20.13 32.58 -27.86
CA PRO C 65 -18.76 32.34 -28.38
C PRO C 65 -17.80 31.72 -27.36
N SER C 66 -18.06 31.91 -26.06
CA SER C 66 -17.18 31.39 -25.02
C SER C 66 -17.48 29.96 -24.58
N VAL C 67 -18.60 29.42 -25.04
CA VAL C 67 -19.03 28.08 -24.64
C VAL C 67 -18.02 27.01 -25.12
N LYS C 68 -17.69 26.07 -24.23
CA LYS C 68 -16.80 24.99 -24.59
C LYS C 68 -17.59 23.71 -24.75
N THR C 69 -17.10 22.78 -25.57
CA THR C 69 -17.80 21.53 -25.81
C THR C 69 -16.96 20.31 -25.48
N LEU C 70 -17.63 19.23 -25.08
CA LEU C 70 -16.96 17.95 -24.84
C LEU C 70 -17.74 16.87 -25.57
N LEU C 71 -17.02 15.88 -26.08
CA LEU C 71 -17.66 14.73 -26.71
C LEU C 71 -17.72 13.57 -25.73
N SER C 72 -18.92 13.12 -25.42
CA SER C 72 -19.12 11.98 -24.51
C SER C 72 -19.03 10.65 -25.24
N ILE C 73 -18.40 9.69 -24.59
CA ILE C 73 -18.13 8.37 -25.13
C ILE C 73 -18.86 7.34 -24.28
N GLY C 74 -19.65 6.48 -24.93
CA GLY C 74 -20.30 5.36 -24.26
C GLY C 74 -21.76 5.61 -23.94
N GLY C 75 -22.04 5.90 -22.67
CA GLY C 75 -23.40 6.16 -22.22
C GLY C 75 -24.13 4.95 -21.68
N GLY C 76 -25.40 5.14 -21.35
CA GLY C 76 -26.21 4.13 -20.65
C GLY C 76 -26.29 2.76 -21.29
N ILE C 77 -26.39 2.72 -22.61
CA ILE C 77 -26.58 1.45 -23.31
C ILE C 77 -25.29 0.86 -23.90
N ALA C 78 -24.14 1.42 -23.53
CA ALA C 78 -22.85 0.94 -24.03
C ALA C 78 -22.57 -0.53 -23.65
N ASP C 79 -21.65 -1.16 -24.36
CA ASP C 79 -21.27 -2.55 -24.09
C ASP C 79 -20.14 -2.58 -23.05
N LYS C 80 -20.51 -2.85 -21.80
CA LYS C 80 -19.58 -2.77 -20.64
C LYS C 80 -18.48 -3.83 -20.68
N THR C 81 -18.79 -4.98 -21.28
CA THR C 81 -17.80 -6.03 -21.49
C THR C 81 -16.70 -5.52 -22.45
N ALA C 82 -17.11 -4.74 -23.45
CA ALA C 82 -16.17 -4.14 -24.40
C ALA C 82 -15.30 -3.10 -23.71
N TYR C 83 -15.92 -2.26 -22.87
CA TYR C 83 -15.16 -1.27 -22.10
C TYR C 83 -14.15 -1.94 -21.15
N ALA C 84 -14.58 -3.00 -20.47
CA ALA C 84 -13.72 -3.73 -19.55
C ALA C 84 -12.49 -4.33 -20.23
N SER C 85 -12.68 -4.98 -21.38
CA SER C 85 -11.59 -5.58 -22.16
C SER C 85 -10.57 -4.53 -22.59
N MET C 86 -11.08 -3.48 -23.25
CA MET C 86 -10.29 -2.33 -23.67
C MET C 86 -9.40 -1.82 -22.54
N ALA C 87 -9.97 -1.68 -21.34
CA ALA C 87 -9.24 -1.15 -20.19
C ALA C 87 -8.18 -2.11 -19.61
N SER C 88 -8.31 -3.40 -19.91
CA SER C 88 -7.45 -4.43 -19.31
C SER C 88 -6.06 -4.55 -19.97
N ASN C 89 -5.91 -3.93 -21.14
CA ASN C 89 -4.75 -4.16 -21.99
C ASN C 89 -4.16 -2.84 -22.49
N PRO C 90 -2.86 -2.58 -22.17
CA PRO C 90 -2.19 -1.32 -22.53
C PRO C 90 -2.24 -0.93 -24.02
N THR C 91 -2.25 -1.92 -24.92
CA THR C 91 -2.35 -1.62 -26.35
C THR C 91 -3.75 -1.16 -26.77
N SER C 92 -4.79 -1.85 -26.26
CA SER C 92 -6.17 -1.42 -26.50
C SER C 92 -6.52 -0.14 -25.75
N ARG C 93 -5.88 0.09 -24.60
CA ARG C 93 -6.02 1.39 -23.91
C ARG C 93 -5.41 2.49 -24.76
N LYS C 94 -4.21 2.24 -25.29
CA LYS C 94 -3.49 3.23 -26.09
C LYS C 94 -4.25 3.60 -27.36
N SER C 95 -4.87 2.61 -28.01
CA SER C 95 -5.62 2.85 -29.24
C SER C 95 -6.95 3.57 -28.95
N PHE C 96 -7.58 3.24 -27.83
CA PHE C 96 -8.74 4.00 -27.34
C PHE C 96 -8.34 5.46 -27.08
N ILE C 97 -7.24 5.65 -26.36
CA ILE C 97 -6.79 6.99 -25.99
C ILE C 97 -6.45 7.81 -27.24
N ASP C 98 -5.57 7.28 -28.08
CA ASP C 98 -5.14 7.97 -29.30
C ASP C 98 -6.31 8.35 -30.22
N SER C 99 -7.23 7.43 -30.43
CA SER C 99 -8.38 7.69 -31.32
C SER C 99 -9.30 8.75 -30.76
N SER C 100 -9.50 8.74 -29.43
CA SER C 100 -10.38 9.71 -28.77
C SER C 100 -9.86 11.13 -29.00
N ILE C 101 -8.54 11.29 -28.85
CA ILE C 101 -7.90 12.57 -29.10
C ILE C 101 -7.98 12.98 -30.57
N ARG C 102 -7.70 12.04 -31.48
CA ARG C 102 -7.84 12.29 -32.93
C ARG C 102 -9.28 12.70 -33.25
N VAL C 103 -10.25 11.97 -32.71
CA VAL C 103 -11.68 12.27 -32.90
C VAL C 103 -12.03 13.68 -32.36
N ALA C 104 -11.58 14.01 -31.16
CA ALA C 104 -11.91 15.31 -30.55
C ALA C 104 -11.42 16.50 -31.38
N ARG C 105 -10.14 16.48 -31.79
CA ARG C 105 -9.56 17.54 -32.61
C ARG C 105 -10.25 17.63 -33.98
N SER C 106 -10.42 16.48 -34.64
CA SER C 106 -10.97 16.47 -36.00
C SER C 106 -12.48 16.81 -36.07
N TYR C 107 -13.18 16.64 -34.95
CA TYR C 107 -14.59 16.98 -34.88
C TYR C 107 -14.81 18.39 -34.31
N GLY C 108 -13.72 18.99 -33.83
CA GLY C 108 -13.72 20.37 -33.35
C GLY C 108 -14.25 20.58 -31.94
N PHE C 109 -14.03 19.59 -31.07
CA PHE C 109 -14.42 19.63 -29.66
C PHE C 109 -13.28 20.12 -28.76
N HIS C 110 -13.61 20.69 -27.61
CA HIS C 110 -12.61 21.16 -26.63
C HIS C 110 -12.22 20.10 -25.60
N GLY C 111 -12.95 18.98 -25.59
CA GLY C 111 -12.70 18.00 -24.56
C GLY C 111 -13.42 16.70 -24.81
N LEU C 112 -13.14 15.74 -23.93
CA LEU C 112 -13.77 14.43 -24.01
C LEU C 112 -14.34 14.05 -22.65
N ASP C 113 -15.36 13.21 -22.67
CA ASP C 113 -16.06 12.79 -21.46
C ASP C 113 -16.39 11.28 -21.57
N LEU C 114 -15.83 10.49 -20.67
CA LEU C 114 -16.02 9.05 -20.65
C LEU C 114 -17.23 8.69 -19.79
N ASP C 115 -18.18 7.98 -20.39
CA ASP C 115 -19.41 7.57 -19.74
C ASP C 115 -19.55 6.05 -19.70
N TRP C 116 -18.64 5.42 -18.98
CA TRP C 116 -18.70 3.99 -18.72
C TRP C 116 -19.50 3.79 -17.42
N GLU C 117 -20.69 3.21 -17.56
CA GLU C 117 -21.69 3.17 -16.50
C GLU C 117 -22.17 1.75 -16.18
N TYR C 118 -21.45 1.00 -15.33
CA TYR C 118 -20.28 1.46 -14.58
C TYR C 118 -19.28 0.30 -14.50
N PRO C 119 -17.99 0.59 -14.15
CA PRO C 119 -17.08 -0.53 -13.86
C PRO C 119 -17.65 -1.40 -12.73
N SER C 120 -17.71 -2.72 -12.95
CA SER C 120 -18.50 -3.63 -12.10
C SER C 120 -17.74 -4.36 -10.99
N SER C 121 -16.41 -4.30 -11.03
CA SER C 121 -15.59 -5.05 -10.08
C SER C 121 -14.33 -4.26 -9.76
N ALA C 122 -13.58 -4.70 -8.77
CA ALA C 122 -12.32 -4.03 -8.41
C ALA C 122 -11.31 -4.12 -9.56
N THR C 123 -11.41 -5.19 -10.34
CA THR C 123 -10.56 -5.36 -11.53
C THR C 123 -10.84 -4.23 -12.52
N GLU C 124 -12.13 -3.98 -12.78
CA GLU C 124 -12.53 -2.97 -13.77
C GLU C 124 -12.23 -1.56 -13.28
N MET C 125 -12.44 -1.33 -11.99
CA MET C 125 -12.10 -0.04 -11.38
C MET C 125 -10.61 0.27 -11.45
N THR C 126 -9.77 -0.71 -11.15
CA THR C 126 -8.32 -0.55 -11.28
C THR C 126 -7.93 -0.19 -12.72
N ASN C 127 -8.48 -0.92 -13.69
CA ASN C 127 -8.18 -0.65 -15.10
C ASN C 127 -8.73 0.68 -15.60
N PHE C 128 -9.95 1.03 -15.15
CA PHE C 128 -10.52 2.37 -15.29
C PHE C 128 -9.53 3.46 -14.82
N GLY C 129 -8.99 3.29 -13.60
CA GLY C 129 -8.02 4.23 -13.04
C GLY C 129 -6.76 4.36 -13.88
N THR C 130 -6.23 3.22 -14.31
CA THR C 130 -5.04 3.20 -15.16
C THR C 130 -5.29 3.94 -16.47
N LEU C 131 -6.41 3.63 -17.12
CA LEU C 131 -6.84 4.32 -18.35
C LEU C 131 -6.85 5.83 -18.17
N LEU C 132 -7.42 6.30 -17.06
CA LEU C 132 -7.50 7.74 -16.79
C LEU C 132 -6.13 8.39 -16.67
N ARG C 133 -5.19 7.72 -15.99
CA ARG C 133 -3.86 8.28 -15.82
C ARG C 133 -3.14 8.46 -17.17
N GLU C 134 -3.20 7.43 -18.00
CA GLU C 134 -2.62 7.45 -19.35
C GLU C 134 -3.36 8.45 -20.26
N TRP C 135 -4.67 8.57 -20.07
CA TRP C 135 -5.47 9.55 -20.80
C TRP C 135 -5.00 10.98 -20.53
N ARG C 136 -4.81 11.31 -19.25
CA ARG C 136 -4.26 12.62 -18.86
C ARG C 136 -2.86 12.84 -19.44
N SER C 137 -1.97 11.86 -19.28
CA SER C 137 -0.63 11.95 -19.87
C SER C 137 -0.70 12.19 -21.39
N ALA C 138 -1.63 11.49 -22.05
CA ALA C 138 -1.84 11.65 -23.49
C ALA C 138 -2.33 13.03 -23.94
N VAL C 139 -3.32 13.63 -23.26
CA VAL C 139 -3.77 15.00 -23.60
C VAL C 139 -2.68 16.06 -23.35
N VAL C 140 -1.87 15.85 -22.31
CA VAL C 140 -0.73 16.73 -22.01
C VAL C 140 0.30 16.68 -23.14
N ALA C 141 0.58 15.45 -23.62
CA ALA C 141 1.48 15.21 -24.74
C ALA C 141 0.99 15.83 -26.06
N GLU C 142 -0.31 15.70 -26.35
CA GLU C 142 -0.91 16.31 -27.55
C GLU C 142 -0.89 17.85 -27.52
N ALA C 143 -1.12 18.44 -26.35
CA ALA C 143 -1.10 19.90 -26.21
C ALA C 143 0.31 20.44 -26.49
N SER C 144 1.30 19.71 -25.98
CA SER C 144 2.72 20.02 -26.16
C SER C 144 3.12 19.89 -27.62
N SER C 145 2.50 18.93 -28.31
CA SER C 145 2.81 18.60 -29.71
C SER C 145 2.12 19.51 -30.73
N SER C 146 0.85 19.81 -30.52
CA SER C 146 0.07 20.58 -31.48
C SER C 146 0.18 22.08 -31.25
N GLY C 147 0.67 22.47 -30.08
CA GLY C 147 0.71 23.87 -29.65
C GLY C 147 -0.60 24.35 -29.03
N LYS C 148 -1.68 23.60 -29.27
CA LYS C 148 -3.03 23.99 -28.88
C LYS C 148 -3.29 23.84 -27.38
N PRO C 149 -4.31 24.57 -26.87
CA PRO C 149 -4.76 24.38 -25.49
C PRO C 149 -5.17 22.93 -25.24
N ARG C 150 -4.81 22.41 -24.07
CA ARG C 150 -5.08 21.04 -23.67
C ARG C 150 -6.55 20.68 -23.79
N LEU C 151 -6.82 19.48 -24.31
CA LEU C 151 -8.16 18.92 -24.29
C LEU C 151 -8.62 18.70 -22.84
N LEU C 152 -9.90 18.98 -22.57
CA LEU C 152 -10.48 18.77 -21.25
C LEU C 152 -10.88 17.31 -21.09
N LEU C 153 -10.73 16.77 -19.88
CA LEU C 153 -11.21 15.41 -19.63
C LEU C 153 -12.20 15.37 -18.47
N ALA C 154 -13.32 14.69 -18.69
CA ALA C 154 -14.32 14.47 -17.67
C ALA C 154 -14.82 13.04 -17.78
N ALA C 155 -15.56 12.60 -16.75
CA ALA C 155 -16.23 11.30 -16.76
C ALA C 155 -17.58 11.42 -16.07
N ALA C 156 -18.60 10.72 -16.57
CA ALA C 156 -19.86 10.62 -15.84
C ALA C 156 -19.70 9.47 -14.84
N VAL C 157 -19.91 9.76 -13.56
CA VAL C 157 -19.69 8.77 -12.49
C VAL C 157 -20.95 8.50 -11.66
N PHE C 158 -20.97 7.34 -10.98
CA PHE C 158 -21.97 7.03 -9.95
C PHE C 158 -22.04 8.16 -8.93
N TYR C 159 -23.25 8.41 -8.41
CA TYR C 159 -23.50 9.50 -7.45
C TYR C 159 -22.55 9.42 -6.26
N SER C 160 -22.14 8.19 -5.92
CA SER C 160 -21.17 7.92 -4.86
C SER C 160 -19.92 7.26 -5.42
N ASN C 161 -18.81 7.41 -4.71
CA ASN C 161 -17.57 6.70 -5.07
C ASN C 161 -17.66 5.21 -4.72
N ASN C 162 -18.62 4.88 -3.86
CA ASN C 162 -18.90 3.51 -3.50
C ASN C 162 -20.04 2.94 -4.34
N TYR C 163 -19.69 2.09 -5.30
CA TYR C 163 -20.71 1.53 -6.20
C TYR C 163 -21.07 0.09 -5.79
N TYR C 164 -22.00 -0.01 -4.82
CA TYR C 164 -22.42 -1.31 -4.25
C TYR C 164 -21.23 -2.13 -3.71
N SER C 165 -20.39 -1.47 -2.92
CA SER C 165 -19.18 -2.03 -2.30
C SER C 165 -17.93 -2.04 -3.21
N VAL C 166 -18.12 -1.71 -4.49
CA VAL C 166 -17.01 -1.60 -5.45
C VAL C 166 -16.57 -0.14 -5.54
N LEU C 167 -15.34 0.13 -5.14
CA LEU C 167 -14.86 1.51 -5.00
C LEU C 167 -14.13 2.05 -6.23
N TYR C 168 -14.48 3.27 -6.63
CA TYR C 168 -13.76 4.02 -7.65
C TYR C 168 -12.33 4.33 -7.20
N PRO C 169 -11.38 4.36 -8.16
CA PRO C 169 -9.99 4.77 -7.86
C PRO C 169 -9.89 6.31 -7.78
N VAL C 170 -10.24 6.84 -6.62
CA VAL C 170 -10.47 8.28 -6.43
C VAL C 170 -9.23 9.12 -6.70
N SER C 171 -8.08 8.64 -6.23
CA SER C 171 -6.81 9.29 -6.46
C SER C 171 -6.51 9.48 -7.95
N ALA C 172 -6.78 8.42 -8.73
CA ALA C 172 -6.61 8.46 -10.18
C ALA C 172 -7.57 9.44 -10.83
N VAL C 173 -8.82 9.42 -10.38
CA VAL C 173 -9.84 10.36 -10.86
C VAL C 173 -9.39 11.79 -10.60
N ALA C 174 -8.99 12.06 -9.35
CA ALA C 174 -8.61 13.41 -8.91
C ALA C 174 -7.43 14.00 -9.67
N SER C 175 -6.47 13.16 -10.06
CA SER C 175 -5.30 13.66 -10.77
C SER C 175 -5.45 13.70 -12.31
N SER C 176 -6.38 12.91 -12.86
CA SER C 176 -6.46 12.78 -14.32
C SER C 176 -7.48 13.69 -14.96
N LEU C 177 -8.58 13.92 -14.27
CA LEU C 177 -9.74 14.56 -14.86
C LEU C 177 -9.86 15.99 -14.40
N ASP C 178 -10.39 16.83 -15.28
CA ASP C 178 -10.70 18.20 -14.94
C ASP C 178 -11.90 18.25 -13.96
N TRP C 179 -12.82 17.31 -14.10
CA TRP C 179 -13.92 17.09 -13.14
C TRP C 179 -14.66 15.78 -13.43
N VAL C 180 -15.54 15.39 -12.52
CA VAL C 180 -16.50 14.32 -12.82
C VAL C 180 -17.93 14.87 -12.82
N ASN C 181 -18.78 14.24 -13.61
CA ASN C 181 -20.20 14.52 -13.63
C ASN C 181 -20.92 13.50 -12.73
N LEU C 182 -21.25 13.93 -11.51
CA LEU C 182 -21.93 13.06 -10.55
C LEU C 182 -23.37 12.89 -10.98
N MET C 183 -23.75 11.64 -11.31
CA MET C 183 -25.12 11.36 -11.72
C MET C 183 -26.00 11.10 -10.50
N ALA C 184 -26.34 12.19 -9.83
CA ALA C 184 -27.20 12.16 -8.65
C ALA C 184 -28.67 12.11 -9.07
N TYR C 185 -29.04 11.03 -9.75
CA TYR C 185 -30.42 10.79 -10.18
C TYR C 185 -30.59 9.31 -10.55
N ASP C 186 -31.77 8.96 -11.04
CA ASP C 186 -32.19 7.55 -11.20
C ASP C 186 -32.21 6.75 -9.87
N PHE C 187 -32.52 7.43 -8.76
CA PHE C 187 -32.53 6.76 -7.45
C PHE C 187 -33.72 5.80 -7.30
N TYR C 188 -34.85 6.16 -7.89
CA TYR C 188 -36.07 5.36 -7.82
C TYR C 188 -36.77 5.42 -9.17
N GLY C 189 -37.31 4.28 -9.58
CA GLY C 189 -38.08 4.17 -10.82
C GLY C 189 -38.93 2.91 -10.74
N PRO C 190 -40.04 2.86 -11.51
CA PRO C 190 -40.91 1.69 -11.42
C PRO C 190 -40.28 0.37 -11.93
N GLY C 191 -39.03 0.42 -12.39
CA GLY C 191 -38.32 -0.77 -12.83
C GLY C 191 -37.56 -1.45 -11.68
N TRP C 192 -37.23 -0.69 -10.65
CA TRP C 192 -36.45 -1.21 -9.53
C TRP C 192 -36.95 -0.71 -8.16
N SER C 193 -38.20 -0.25 -8.13
CA SER C 193 -38.83 0.22 -6.89
C SER C 193 -40.34 0.02 -6.94
N ARG C 194 -40.87 -0.69 -5.95
CA ARG C 194 -42.30 -0.96 -5.86
C ARG C 194 -43.07 0.16 -5.16
N VAL C 195 -42.33 1.08 -4.56
CA VAL C 195 -42.91 2.28 -3.95
C VAL C 195 -42.41 3.53 -4.66
N THR C 196 -43.23 4.59 -4.64
CA THR C 196 -42.82 5.89 -5.17
C THR C 196 -41.59 6.39 -4.40
N GLY C 197 -40.81 7.28 -5.01
CA GLY C 197 -39.61 7.81 -4.35
C GLY C 197 -39.10 9.04 -5.08
N PRO C 198 -38.27 9.85 -4.40
CA PRO C 198 -37.64 11.01 -5.03
C PRO C 198 -36.40 10.59 -5.86
N PRO C 199 -36.55 10.55 -7.21
CA PRO C 199 -35.50 9.96 -8.05
C PRO C 199 -34.15 10.68 -8.01
N ALA C 200 -34.13 11.91 -7.53
CA ALA C 200 -32.89 12.67 -7.54
C ALA C 200 -32.66 13.44 -6.25
N ALA C 201 -33.31 13.00 -5.18
CA ALA C 201 -33.30 13.69 -3.88
C ALA C 201 -31.91 14.17 -3.56
N LEU C 202 -31.79 15.44 -3.17
CA LEU C 202 -30.53 15.99 -2.70
C LEU C 202 -30.24 15.49 -1.28
N PHE C 203 -31.29 15.36 -0.47
CA PHE C 203 -31.17 14.94 0.93
C PHE C 203 -32.10 13.79 1.24
N ASP C 204 -31.69 12.99 2.22
CA ASP C 204 -32.54 11.97 2.81
C ASP C 204 -32.39 12.10 4.32
N PRO C 205 -33.40 12.64 5.02
CA PRO C 205 -33.27 12.88 6.45
C PRO C 205 -33.06 11.58 7.22
N SER C 206 -33.70 10.50 6.78
CA SER C 206 -33.55 9.16 7.36
C SER C 206 -32.21 8.53 7.00
N ASN C 207 -31.52 9.12 6.02
CA ASN C 207 -30.22 8.65 5.56
C ASN C 207 -30.21 7.15 5.23
N ALA C 208 -31.36 6.66 4.76
CA ALA C 208 -31.56 5.24 4.46
C ALA C 208 -31.46 4.94 2.97
N GLY C 209 -31.84 5.90 2.13
CA GLY C 209 -31.74 5.77 0.69
C GLY C 209 -30.64 6.65 0.12
N PRO C 210 -30.45 6.61 -1.22
CA PRO C 210 -29.42 7.43 -1.84
C PRO C 210 -29.81 8.90 -1.78
N SER C 211 -28.81 9.78 -1.82
CA SER C 211 -29.06 11.21 -1.95
C SER C 211 -27.85 11.92 -2.56
N GLY C 212 -28.12 12.98 -3.32
CA GLY C 212 -27.06 13.76 -3.96
C GLY C 212 -26.03 14.25 -2.96
N ASP C 213 -26.50 14.74 -1.82
CA ASP C 213 -25.60 15.20 -0.75
C ASP C 213 -24.74 14.09 -0.14
N ALA C 214 -25.33 12.91 0.07
CA ALA C 214 -24.58 11.76 0.64
C ALA C 214 -23.49 11.24 -0.31
N GLY C 215 -23.85 11.05 -1.58
CA GLY C 215 -22.87 10.65 -2.60
C GLY C 215 -21.74 11.66 -2.74
N THR C 216 -22.12 12.93 -2.85
CA THR C 216 -21.16 14.03 -3.02
C THR C 216 -20.16 14.04 -1.85
N ARG C 217 -20.66 14.06 -0.61
CA ARG C 217 -19.77 14.04 0.55
C ARG C 217 -18.91 12.75 0.64
N SER C 218 -19.45 11.63 0.16
CA SER C 218 -18.69 10.40 0.10
C SER C 218 -17.48 10.53 -0.84
N TRP C 219 -17.73 11.01 -2.07
CA TRP C 219 -16.67 11.32 -3.02
C TRP C 219 -15.60 12.22 -2.40
N ILE C 220 -16.04 13.34 -1.83
CA ILE C 220 -15.12 14.34 -1.27
C ILE C 220 -14.30 13.78 -0.09
N GLN C 221 -14.96 13.00 0.76
CA GLN C 221 -14.28 12.32 1.88
C GLN C 221 -13.17 11.42 1.34
N ALA C 222 -13.47 10.69 0.26
CA ALA C 222 -12.53 9.75 -0.32
C ALA C 222 -11.35 10.43 -1.03
N GLY C 223 -11.37 11.76 -1.13
CA GLY C 223 -10.27 12.52 -1.75
C GLY C 223 -10.56 13.25 -3.06
N LEU C 224 -11.84 13.32 -3.44
CA LEU C 224 -12.21 14.14 -4.60
C LEU C 224 -12.29 15.60 -4.17
N PRO C 225 -11.42 16.47 -4.73
CA PRO C 225 -11.59 17.88 -4.40
C PRO C 225 -12.98 18.33 -4.82
N ALA C 226 -13.59 19.21 -4.00
CA ALA C 226 -14.92 19.73 -4.28
C ALA C 226 -14.97 20.44 -5.65
N LYS C 227 -13.84 21.04 -6.03
CA LYS C 227 -13.76 21.81 -7.28
C LYS C 227 -13.58 20.95 -8.54
N LYS C 228 -13.58 19.63 -8.36
CA LYS C 228 -13.61 18.68 -9.48
C LYS C 228 -14.93 17.89 -9.47
N ALA C 229 -15.95 18.45 -8.84
CA ALA C 229 -17.26 17.81 -8.78
C ALA C 229 -18.32 18.67 -9.47
N VAL C 230 -19.04 18.04 -10.40
CA VAL C 230 -20.13 18.73 -11.08
C VAL C 230 -21.38 17.90 -10.77
N LEU C 231 -22.34 18.55 -10.12
CA LEU C 231 -23.55 17.87 -9.67
C LEU C 231 -24.60 17.80 -10.77
N GLY C 232 -24.97 16.60 -11.15
CA GLY C 232 -26.02 16.41 -12.15
C GLY C 232 -27.39 16.46 -11.51
N PHE C 233 -28.35 16.99 -12.25
CA PHE C 233 -29.74 16.79 -11.93
C PHE C 233 -30.49 16.44 -13.20
N PRO C 234 -31.65 15.80 -13.07
CA PRO C 234 -32.37 15.32 -14.26
C PRO C 234 -33.47 16.26 -14.75
N TYR C 235 -33.61 16.37 -16.08
CA TYR C 235 -34.74 17.06 -16.69
C TYR C 235 -35.76 16.03 -17.18
N TYR C 236 -36.00 15.04 -16.32
CA TYR C 236 -37.01 14.02 -16.54
C TYR C 236 -37.41 13.42 -15.19
N GLY C 237 -38.48 12.65 -15.18
CA GLY C 237 -38.88 11.97 -13.96
C GLY C 237 -39.31 10.55 -14.22
N TYR C 238 -39.78 9.89 -13.17
CA TYR C 238 -40.34 8.54 -13.24
C TYR C 238 -41.79 8.52 -12.76
N ALA C 239 -42.64 7.87 -13.55
CA ALA C 239 -44.07 7.77 -13.29
C ALA C 239 -44.47 6.37 -12.81
N TRP C 240 -45.13 6.30 -11.66
CA TRP C 240 -45.73 5.08 -11.15
C TRP C 240 -47.26 5.15 -11.22
N ARG C 241 -47.87 3.97 -11.29
CA ARG C 241 -49.32 3.80 -11.14
C ARG C 241 -49.55 3.43 -9.67
N LEU C 242 -50.18 4.35 -8.91
CA LEU C 242 -50.45 4.16 -7.48
C LEU C 242 -51.49 3.07 -7.25
N THR C 243 -51.35 2.33 -6.15
CA THR C 243 -52.32 1.29 -5.81
C THR C 243 -53.66 1.89 -5.40
N ASN C 244 -53.60 2.94 -4.58
CA ASN C 244 -54.78 3.72 -4.20
C ASN C 244 -54.49 5.22 -4.26
N ALA C 245 -55.42 5.98 -4.85
CA ALA C 245 -55.29 7.42 -5.03
C ALA C 245 -55.14 8.18 -3.71
N ASN C 246 -55.60 7.57 -2.62
CA ASN C 246 -55.54 8.17 -1.28
C ASN C 246 -54.15 8.02 -0.63
N SER C 247 -53.23 7.35 -1.32
CA SER C 247 -51.86 7.22 -0.85
C SER C 247 -50.91 7.70 -1.96
N HIS C 248 -50.44 8.93 -1.81
CA HIS C 248 -49.85 9.69 -2.91
C HIS C 248 -48.60 10.49 -2.50
N SER C 249 -47.95 10.10 -1.42
CA SER C 249 -46.70 10.72 -1.07
C SER C 249 -45.49 9.89 -1.51
N TYR C 250 -44.31 10.24 -1.02
CA TYR C 250 -43.15 9.38 -1.21
C TYR C 250 -43.38 8.03 -0.53
N TYR C 251 -42.83 6.97 -1.12
CA TYR C 251 -42.87 5.61 -0.55
C TYR C 251 -44.29 5.02 -0.53
N ALA C 252 -45.11 5.52 -1.46
CA ALA C 252 -46.48 5.03 -1.63
C ALA C 252 -46.48 3.72 -2.41
N PRO C 253 -47.41 2.80 -2.08
CA PRO C 253 -47.53 1.55 -2.82
C PRO C 253 -48.01 1.74 -4.25
N THR C 254 -47.42 0.97 -5.16
CA THR C 254 -47.69 1.09 -6.59
C THR C 254 -47.86 -0.30 -7.21
N THR C 255 -48.45 -0.35 -8.40
CA THR C 255 -48.61 -1.59 -9.14
C THR C 255 -47.74 -1.66 -10.40
N GLY C 256 -46.82 -0.70 -10.55
CA GLY C 256 -45.91 -0.68 -11.69
C GLY C 256 -45.79 0.70 -12.32
N ALA C 257 -45.27 0.74 -13.55
CA ALA C 257 -45.04 1.98 -14.26
C ALA C 257 -46.34 2.64 -14.73
N ALA C 258 -46.32 3.96 -14.87
CA ALA C 258 -47.38 4.69 -15.56
C ALA C 258 -46.80 5.41 -16.76
N ILE C 259 -47.68 5.76 -17.71
CA ILE C 259 -47.37 6.68 -18.83
C ILE C 259 -46.48 6.08 -19.94
N SER C 260 -45.33 5.53 -19.55
CA SER C 260 -44.42 4.90 -20.50
C SER C 260 -43.98 3.55 -19.92
N PRO C 261 -43.53 2.61 -20.78
CA PRO C 261 -43.13 1.27 -20.30
C PRO C 261 -42.19 1.22 -19.08
N ASP C 262 -41.19 2.09 -19.02
CA ASP C 262 -40.34 2.18 -17.83
C ASP C 262 -40.67 3.39 -16.93
N GLY C 263 -41.75 4.09 -17.30
CA GLY C 263 -42.25 5.22 -16.51
C GLY C 263 -41.46 6.51 -16.65
N SER C 264 -40.43 6.52 -17.49
CA SER C 264 -39.64 7.74 -17.71
C SER C 264 -40.41 8.73 -18.59
N ILE C 265 -40.24 10.01 -18.29
CA ILE C 265 -40.98 11.07 -18.95
C ILE C 265 -40.20 12.38 -18.87
N GLY C 266 -40.03 13.06 -20.01
CA GLY C 266 -39.27 14.32 -20.05
C GLY C 266 -39.95 15.45 -19.28
N TYR C 267 -39.14 16.37 -18.74
CA TYR C 267 -39.66 17.52 -18.00
C TYR C 267 -40.77 18.28 -18.72
N GLY C 268 -40.58 18.55 -20.02
CA GLY C 268 -41.57 19.31 -20.78
C GLY C 268 -42.90 18.56 -20.83
N GLN C 269 -42.82 17.24 -20.95
CA GLN C 269 -44.01 16.38 -20.96
C GLN C 269 -44.66 16.28 -19.58
N ILE C 270 -43.86 16.42 -18.52
CA ILE C 270 -44.40 16.45 -17.15
C ILE C 270 -45.21 17.74 -16.96
N ARG C 271 -44.70 18.85 -17.49
CA ARG C 271 -45.41 20.12 -17.42
C ARG C 271 -46.75 20.09 -18.18
N LYS C 272 -46.77 19.43 -19.34
CA LYS C 272 -48.03 19.25 -20.07
C LYS C 272 -48.99 18.33 -19.34
N PHE C 273 -48.44 17.28 -18.72
CA PHE C 273 -49.24 16.40 -17.87
C PHE C 273 -49.93 17.16 -16.75
N ILE C 274 -49.17 18.02 -16.07
CA ILE C 274 -49.67 18.79 -14.93
C ILE C 274 -50.85 19.65 -15.35
N VAL C 275 -50.70 20.32 -16.49
CA VAL C 275 -51.74 21.17 -17.05
C VAL C 275 -52.94 20.34 -17.51
N ASP C 276 -52.70 19.35 -18.38
CA ASP C 276 -53.79 18.54 -18.95
C ASP C 276 -54.66 17.86 -17.90
N ASN C 277 -54.05 17.51 -16.77
CA ASN C 277 -54.73 16.81 -15.70
C ASN C 277 -55.11 17.68 -14.50
N GLY C 278 -54.75 18.97 -14.53
CA GLY C 278 -54.86 19.83 -13.35
C GLY C 278 -54.30 19.09 -12.14
N ALA C 279 -53.08 18.59 -12.28
CA ALA C 279 -52.51 17.68 -11.29
C ALA C 279 -52.15 18.41 -9.98
N THR C 280 -52.08 17.65 -8.89
CA THR C 280 -51.59 18.17 -7.63
C THR C 280 -50.07 18.23 -7.71
N THR C 281 -49.48 19.34 -7.27
CA THR C 281 -48.03 19.53 -7.38
C THR C 281 -47.42 19.83 -6.03
N VAL C 282 -46.27 19.22 -5.77
CA VAL C 282 -45.55 19.35 -4.50
C VAL C 282 -44.06 19.58 -4.73
N TYR C 283 -43.50 20.61 -4.08
CA TYR C 283 -42.07 20.69 -3.93
C TYR C 283 -41.74 20.33 -2.49
N ASN C 284 -41.06 19.20 -2.29
CA ASN C 284 -40.74 18.76 -0.95
C ASN C 284 -39.36 19.31 -0.60
N SER C 285 -39.33 20.24 0.33
CA SER C 285 -38.08 20.93 0.66
C SER C 285 -37.16 20.11 1.57
N THR C 286 -37.68 19.03 2.14
CA THR C 286 -36.88 18.17 3.01
C THR C 286 -35.92 17.32 2.20
N VAL C 287 -36.43 16.65 1.16
CA VAL C 287 -35.59 15.85 0.27
C VAL C 287 -34.98 16.70 -0.87
N VAL C 288 -35.61 17.85 -1.15
CA VAL C 288 -35.35 18.68 -2.34
C VAL C 288 -35.71 17.87 -3.58
N GLY C 289 -37.01 17.82 -3.86
CA GLY C 289 -37.55 17.04 -4.94
C GLY C 289 -38.96 17.53 -5.22
N ASP C 290 -39.38 17.41 -6.47
CA ASP C 290 -40.75 17.73 -6.85
C ASP C 290 -41.49 16.46 -7.20
N TYR C 291 -42.80 16.47 -6.99
CA TYR C 291 -43.63 15.42 -7.53
C TYR C 291 -45.02 15.94 -7.83
N CYS C 292 -45.75 15.19 -8.63
CA CYS C 292 -47.11 15.54 -8.97
C CYS C 292 -47.93 14.27 -9.13
N TYR C 293 -49.25 14.42 -8.97
CA TYR C 293 -50.14 13.29 -9.15
C TYR C 293 -51.55 13.73 -9.55
N ALA C 294 -52.21 12.85 -10.29
CA ALA C 294 -53.58 13.06 -10.75
C ALA C 294 -54.21 11.68 -10.90
N GLY C 295 -55.23 11.42 -10.10
CA GLY C 295 -55.77 10.08 -9.99
C GLY C 295 -54.71 9.11 -9.51
N THR C 296 -54.46 8.08 -10.30
CA THR C 296 -53.51 7.04 -9.91
C THR C 296 -52.10 7.22 -10.51
N ASN C 297 -51.90 8.30 -11.25
CA ASN C 297 -50.60 8.63 -11.84
C ASN C 297 -49.76 9.53 -10.94
N TRP C 298 -48.56 9.08 -10.60
CA TRP C 298 -47.66 9.79 -9.70
C TRP C 298 -46.30 9.92 -10.39
N ILE C 299 -45.77 11.15 -10.47
CA ILE C 299 -44.47 11.38 -11.10
C ILE C 299 -43.49 12.09 -10.15
N GLY C 300 -42.28 11.55 -10.02
CA GLY C 300 -41.23 12.20 -9.25
C GLY C 300 -40.18 12.76 -10.20
N TYR C 301 -39.79 14.02 -10.00
CA TYR C 301 -38.97 14.74 -10.98
C TYR C 301 -38.35 15.99 -10.35
N ASP C 302 -37.65 16.79 -11.15
CA ASP C 302 -37.06 18.06 -10.67
C ASP C 302 -37.74 19.24 -11.36
N ASP C 303 -38.35 20.12 -10.57
CA ASP C 303 -38.95 21.34 -11.12
C ASP C 303 -38.13 22.53 -10.65
N ASN C 304 -38.61 23.74 -10.95
CA ASN C 304 -37.90 24.99 -10.62
C ASN C 304 -37.18 24.98 -9.28
N GLN C 305 -37.91 24.69 -8.20
CA GLN C 305 -37.42 24.82 -6.84
C GLN C 305 -36.32 23.82 -6.47
N SER C 306 -36.43 22.59 -6.95
CA SER C 306 -35.35 21.61 -6.79
C SER C 306 -34.09 22.09 -7.51
N ILE C 307 -34.26 22.59 -8.73
CA ILE C 307 -33.12 23.04 -9.54
C ILE C 307 -32.40 24.20 -8.85
N VAL C 308 -33.19 25.19 -8.43
CA VAL C 308 -32.64 26.37 -7.77
C VAL C 308 -31.86 25.99 -6.49
N THR C 309 -32.47 25.17 -5.65
CA THR C 309 -31.85 24.68 -4.43
C THR C 309 -30.58 23.86 -4.69
N LYS C 310 -30.60 23.00 -5.71
CA LYS C 310 -29.45 22.19 -6.07
C LYS C 310 -28.27 23.05 -6.53
N VAL C 311 -28.58 24.08 -7.32
CA VAL C 311 -27.55 25.00 -7.79
C VAL C 311 -26.93 25.79 -6.63
N ARG C 312 -27.78 26.27 -5.71
CA ARG C 312 -27.32 26.96 -4.49
C ARG C 312 -26.48 26.05 -3.60
N TYR C 313 -26.93 24.81 -3.42
CA TYR C 313 -26.16 23.79 -2.73
C TYR C 313 -24.79 23.61 -3.41
N ALA C 314 -24.79 23.48 -4.73
CA ALA C 314 -23.53 23.26 -5.47
C ALA C 314 -22.59 24.44 -5.27
N LYS C 315 -23.09 25.66 -5.39
CA LYS C 315 -22.24 26.83 -5.20
C LYS C 315 -21.72 26.99 -3.76
N GLN C 316 -22.60 26.77 -2.78
CA GLN C 316 -22.23 26.99 -1.38
C GLN C 316 -21.29 25.92 -0.81
N ARG C 317 -21.43 24.68 -1.27
CA ARG C 317 -20.54 23.58 -0.83
C ARG C 317 -19.17 23.58 -1.52
N GLY C 318 -18.94 24.58 -2.37
CA GLY C 318 -17.67 24.72 -3.08
C GLY C 318 -17.47 23.77 -4.26
N LEU C 319 -18.59 23.30 -4.83
CA LEU C 319 -18.53 22.45 -6.03
C LEU C 319 -18.12 23.26 -7.27
N LEU C 320 -17.63 22.57 -8.30
CA LEU C 320 -17.26 23.24 -9.54
C LEU C 320 -18.50 23.73 -10.30
N GLY C 321 -19.61 22.99 -10.19
CA GLY C 321 -20.86 23.42 -10.79
C GLY C 321 -21.91 22.35 -10.94
N TYR C 322 -22.69 22.45 -12.02
CA TYR C 322 -23.82 21.56 -12.24
C TYR C 322 -23.97 21.15 -13.70
N PHE C 323 -24.66 20.04 -13.93
CA PHE C 323 -25.06 19.67 -15.27
C PHE C 323 -26.46 19.07 -15.26
N SER C 324 -27.11 19.14 -16.41
CA SER C 324 -28.39 18.49 -16.57
C SER C 324 -28.36 17.42 -17.66
N TRP C 325 -29.14 16.36 -17.43
CA TRP C 325 -29.58 15.44 -18.49
C TRP C 325 -31.08 15.66 -18.69
N HIS C 326 -31.52 16.24 -19.81
CA HIS C 326 -30.69 16.68 -20.92
C HIS C 326 -31.35 17.91 -21.54
N VAL C 327 -30.59 18.62 -22.36
CA VAL C 327 -31.01 19.92 -22.90
C VAL C 327 -32.33 19.89 -23.67
N GLY C 328 -32.59 18.80 -24.37
CA GLY C 328 -33.82 18.64 -25.12
C GLY C 328 -35.09 18.37 -24.32
N ALA C 329 -34.95 18.13 -23.02
CA ALA C 329 -36.12 17.82 -22.20
C ALA C 329 -36.65 19.01 -21.37
N ASP C 330 -35.92 20.12 -21.37
CA ASP C 330 -36.35 21.37 -20.73
C ASP C 330 -37.64 21.89 -21.38
N ASP C 331 -38.23 22.92 -20.77
CA ASP C 331 -39.42 23.57 -21.32
C ASP C 331 -39.00 25.02 -21.58
N ASN C 332 -38.73 25.33 -22.86
CA ASN C 332 -38.21 26.63 -23.28
C ASN C 332 -37.05 27.17 -22.43
N SER C 333 -36.07 26.31 -22.15
CA SER C 333 -34.86 26.67 -21.37
C SER C 333 -35.12 27.11 -19.91
N GLY C 334 -36.32 26.80 -19.44
CA GLY C 334 -36.82 27.23 -18.15
C GLY C 334 -35.95 26.84 -16.98
N LEU C 335 -35.67 25.54 -16.85
CA LEU C 335 -34.80 25.07 -15.78
C LEU C 335 -33.37 25.57 -15.91
N SER C 336 -32.85 25.64 -17.14
CA SER C 336 -31.46 26.07 -17.33
C SER C 336 -31.28 27.55 -17.06
N ARG C 337 -32.31 28.33 -17.39
CA ARG C 337 -32.32 29.76 -17.11
C ARG C 337 -32.40 29.98 -15.60
N ALA C 338 -33.32 29.27 -14.95
CA ALA C 338 -33.41 29.29 -13.49
C ALA C 338 -32.07 28.91 -12.84
N ALA C 339 -31.44 27.84 -13.34
CA ALA C 339 -30.16 27.37 -12.79
C ALA C 339 -29.04 28.40 -12.96
N SER C 340 -28.90 28.94 -14.17
CA SER C 340 -27.90 29.96 -14.45
C SER C 340 -28.04 31.20 -13.56
N GLN C 341 -29.26 31.76 -13.51
CA GLN C 341 -29.56 32.91 -12.65
C GLN C 341 -29.28 32.63 -11.17
N ALA C 342 -29.69 31.45 -10.70
CA ALA C 342 -29.48 31.04 -9.32
C ALA C 342 -28.00 30.95 -8.97
N TRP C 343 -27.18 30.44 -9.88
CA TRP C 343 -25.73 30.39 -9.66
C TRP C 343 -25.18 31.81 -9.57
N ASP C 344 -25.57 32.67 -10.51
CA ASP C 344 -25.06 34.04 -10.58
C ASP C 344 -25.41 34.88 -9.36
N ALA C 345 -26.57 34.60 -8.75
CA ALA C 345 -27.11 35.41 -7.65
C ALA C 345 -26.56 35.03 -6.29
N THR C 346 -26.16 33.77 -6.13
CA THR C 346 -25.81 33.20 -4.82
C THR C 346 -24.49 33.74 -4.24
N THR D 3 19.52 -17.79 -28.53
CA THR D 3 20.30 -18.72 -29.40
C THR D 3 20.37 -20.14 -28.82
N VAL D 4 20.77 -20.24 -27.56
CA VAL D 4 21.01 -21.50 -26.88
C VAL D 4 20.90 -21.31 -25.37
N VAL D 5 20.22 -22.25 -24.72
CA VAL D 5 20.18 -22.28 -23.27
C VAL D 5 20.77 -23.59 -22.79
N LYS D 6 21.87 -23.48 -22.04
CA LYS D 6 22.41 -24.58 -21.27
C LYS D 6 22.27 -24.15 -19.82
N ALA D 7 21.34 -24.76 -19.09
CA ALA D 7 20.99 -24.24 -17.77
C ALA D 7 20.99 -25.27 -16.64
N SER D 8 21.02 -24.76 -15.41
CA SER D 8 20.83 -25.57 -14.21
C SER D 8 20.28 -24.69 -13.11
N TYR D 9 19.65 -25.31 -12.12
CA TYR D 9 19.12 -24.60 -10.96
C TYR D 9 20.06 -24.80 -9.77
N TRP D 10 20.13 -23.78 -8.93
CA TRP D 10 20.87 -23.84 -7.68
C TRP D 10 19.97 -23.39 -6.55
N PHE D 11 19.99 -24.10 -5.43
CA PHE D 11 19.32 -23.65 -4.21
C PHE D 11 20.23 -23.78 -2.98
N PRO D 12 20.11 -22.84 -2.01
CA PRO D 12 21.09 -22.78 -0.90
C PRO D 12 21.13 -24.00 0.00
N ALA D 13 19.97 -24.62 0.23
CA ALA D 13 19.86 -25.77 1.12
C ALA D 13 20.59 -27.02 0.57
N SER D 14 20.94 -27.00 -0.71
CA SER D 14 21.75 -28.09 -1.28
C SER D 14 23.14 -28.11 -0.66
N GLU D 15 23.53 -26.98 -0.05
CA GLU D 15 24.85 -26.78 0.55
C GLU D 15 25.99 -26.88 -0.45
N PHE D 16 25.65 -26.81 -1.74
CA PHE D 16 26.66 -26.76 -2.80
C PHE D 16 27.20 -25.34 -2.85
N PRO D 17 28.52 -25.15 -2.61
CA PRO D 17 29.08 -23.81 -2.68
C PRO D 17 28.89 -23.23 -4.08
N VAL D 18 28.52 -21.96 -4.18
CA VAL D 18 28.28 -21.27 -5.45
C VAL D 18 29.56 -21.25 -6.32
N THR D 19 30.69 -21.07 -5.66
CA THR D 19 32.00 -21.10 -6.30
C THR D 19 32.32 -22.44 -6.98
N ASP D 20 31.64 -23.50 -6.55
CA ASP D 20 31.84 -24.84 -7.10
C ASP D 20 31.04 -25.11 -8.39
N ILE D 21 30.16 -24.17 -8.75
CA ILE D 21 29.43 -24.27 -10.01
C ILE D 21 30.38 -23.95 -11.15
N ASP D 22 30.63 -24.93 -12.02
CA ASP D 22 31.45 -24.71 -13.21
C ASP D 22 30.64 -23.96 -14.28
N SER D 23 30.67 -22.63 -14.21
CA SER D 23 29.84 -21.80 -15.07
C SER D 23 30.17 -21.88 -16.57
N SER D 24 31.37 -22.35 -16.90
CA SER D 24 31.75 -22.51 -18.31
C SER D 24 30.88 -23.54 -19.02
N LEU D 25 30.19 -24.37 -18.25
CA LEU D 25 29.34 -25.42 -18.78
C LEU D 25 27.91 -24.94 -19.01
N PHE D 26 27.66 -23.65 -18.72
CA PHE D 26 26.32 -23.08 -18.76
C PHE D 26 26.26 -21.74 -19.48
N THR D 27 25.09 -21.44 -20.03
CA THR D 27 24.76 -20.11 -20.55
C THR D 27 23.87 -19.36 -19.54
N HIS D 28 23.09 -20.13 -18.77
CA HIS D 28 22.11 -19.57 -17.83
C HIS D 28 22.06 -20.37 -16.54
N LEU D 29 21.96 -19.67 -15.42
CA LEU D 29 21.85 -20.30 -14.11
C LEU D 29 20.70 -19.70 -13.34
N PHE D 30 19.88 -20.57 -12.76
CA PHE D 30 18.68 -20.19 -12.02
C PHE D 30 18.96 -20.29 -10.52
N CYS D 31 18.68 -19.21 -9.80
CA CYS D 31 18.82 -19.17 -8.36
C CYS D 31 17.44 -19.29 -7.72
N ALA D 32 17.24 -20.33 -6.92
CA ALA D 32 15.93 -20.73 -6.41
C ALA D 32 15.89 -20.78 -4.86
N PHE D 33 14.85 -20.29 -4.19
CA PHE D 33 13.69 -19.60 -4.77
C PHE D 33 13.42 -18.33 -3.97
N ALA D 34 13.01 -17.28 -4.66
CA ALA D 34 12.35 -16.15 -4.00
C ALA D 34 10.91 -16.57 -3.71
N ASP D 35 10.26 -15.85 -2.81
CA ASP D 35 8.94 -16.23 -2.31
C ASP D 35 7.88 -15.16 -2.58
N LEU D 36 6.63 -15.60 -2.59
CA LEU D 36 5.50 -14.69 -2.66
C LEU D 36 5.02 -14.39 -1.25
N ASN D 37 5.06 -13.11 -0.86
CA ASN D 37 4.42 -12.67 0.37
C ASN D 37 2.91 -12.61 0.15
N SER D 38 2.16 -13.45 0.85
CA SER D 38 0.73 -13.55 0.61
C SER D 38 -0.08 -12.36 1.16
N GLN D 39 0.48 -11.65 2.13
CA GLN D 39 -0.16 -10.46 2.69
C GLN D 39 0.00 -9.22 1.79
N THR D 40 1.16 -9.06 1.17
CA THR D 40 1.43 -7.87 0.35
C THR D 40 1.43 -8.15 -1.14
N ASN D 41 1.38 -9.44 -1.49
CA ASN D 41 1.51 -9.91 -2.88
C ASN D 41 2.82 -9.49 -3.56
N GLN D 42 3.89 -9.37 -2.76
CA GLN D 42 5.20 -9.00 -3.29
C GLN D 42 6.17 -10.18 -3.31
N VAL D 43 7.06 -10.16 -4.30
CA VAL D 43 8.16 -11.11 -4.39
C VAL D 43 9.19 -10.67 -3.36
N THR D 44 9.52 -11.56 -2.43
CA THR D 44 10.55 -11.26 -1.42
C THR D 44 11.61 -12.35 -1.43
N VAL D 45 12.75 -12.05 -0.81
CA VAL D 45 13.80 -13.04 -0.56
C VAL D 45 13.92 -13.15 0.95
N SER D 46 13.94 -14.38 1.48
CA SER D 46 13.99 -14.57 2.93
C SER D 46 15.33 -14.10 3.49
N SER D 47 15.36 -13.63 4.73
CA SER D 47 16.61 -13.09 5.29
C SER D 47 17.74 -14.11 5.23
N ALA D 48 17.42 -15.38 5.44
CA ALA D 48 18.37 -16.47 5.25
C ALA D 48 19.04 -16.47 3.87
N ASN D 49 18.26 -16.21 2.82
CA ASN D 49 18.73 -16.34 1.44
C ASN D 49 19.34 -15.07 0.83
N GLN D 50 19.10 -13.93 1.46
CA GLN D 50 19.45 -12.62 0.87
C GLN D 50 20.91 -12.46 0.49
N PRO D 51 21.86 -12.75 1.41
CA PRO D 51 23.26 -12.53 1.04
C PRO D 51 23.75 -13.40 -0.13
N LYS D 52 23.40 -14.69 -0.12
CA LYS D 52 23.80 -15.61 -1.19
C LYS D 52 23.16 -15.28 -2.53
N PHE D 53 21.93 -14.78 -2.48
CA PHE D 53 21.21 -14.40 -3.69
C PHE D 53 21.84 -13.14 -4.29
N SER D 54 22.25 -12.23 -3.42
CA SER D 54 22.77 -10.94 -3.88
C SER D 54 24.16 -11.09 -4.52
N THR D 55 24.95 -12.03 -4.01
CA THR D 55 26.29 -12.29 -4.58
C THR D 55 26.34 -13.46 -5.57
N PHE D 56 25.19 -14.10 -5.82
CA PHE D 56 25.12 -15.24 -6.72
C PHE D 56 25.70 -14.94 -8.09
N THR D 57 25.22 -13.87 -8.72
CA THR D 57 25.58 -13.54 -10.09
C THR D 57 27.06 -13.16 -10.25
N GLN D 58 27.58 -12.32 -9.37
CA GLN D 58 28.98 -11.93 -9.46
C GLN D 58 29.91 -13.14 -9.25
N THR D 59 29.50 -14.03 -8.35
CA THR D 59 30.24 -15.25 -8.07
C THR D 59 30.29 -16.17 -9.29
N VAL D 60 29.14 -16.57 -9.85
CA VAL D 60 29.18 -17.51 -10.97
C VAL D 60 29.88 -16.94 -12.19
N GLN D 61 29.79 -15.62 -12.38
CA GLN D 61 30.43 -14.96 -13.52
C GLN D 61 31.96 -15.03 -13.53
N ARG D 62 32.56 -15.34 -12.38
CA ARG D 62 34.03 -15.47 -12.29
C ARG D 62 34.54 -16.59 -13.19
N ARG D 63 33.80 -17.68 -13.26
CA ARG D 63 34.18 -18.85 -14.07
C ARG D 63 33.60 -18.81 -15.49
N ASN D 64 32.71 -17.84 -15.73
CA ASN D 64 32.15 -17.57 -17.07
C ASN D 64 31.50 -16.20 -17.12
N PRO D 65 32.27 -15.16 -17.54
CA PRO D 65 31.78 -13.78 -17.60
C PRO D 65 30.54 -13.59 -18.48
N SER D 66 30.29 -14.49 -19.42
CA SER D 66 29.13 -14.39 -20.29
C SER D 66 27.84 -15.03 -19.74
N VAL D 67 27.96 -15.76 -18.64
CA VAL D 67 26.81 -16.48 -18.06
C VAL D 67 25.73 -15.50 -17.56
N LYS D 68 24.48 -15.86 -17.78
CA LYS D 68 23.38 -15.02 -17.34
C LYS D 68 22.59 -15.72 -16.23
N THR D 69 22.04 -14.94 -15.30
CA THR D 69 21.32 -15.53 -14.18
C THR D 69 19.86 -15.12 -14.18
N LEU D 70 19.02 -16.02 -13.67
CA LEU D 70 17.63 -15.70 -13.42
C LEU D 70 17.29 -16.09 -12.00
N LEU D 71 16.44 -15.27 -11.37
CA LEU D 71 15.89 -15.59 -10.06
C LEU D 71 14.54 -16.28 -10.19
N SER D 72 14.45 -17.50 -9.65
CA SER D 72 13.19 -18.25 -9.67
C SER D 72 12.33 -17.92 -8.48
N ILE D 73 11.03 -17.80 -8.75
CA ILE D 73 10.03 -17.48 -7.74
C ILE D 73 9.08 -18.66 -7.59
N GLY D 74 8.80 -19.04 -6.33
CA GLY D 74 7.88 -20.12 -6.03
C GLY D 74 8.54 -21.46 -5.75
N GLY D 75 8.39 -22.39 -6.67
CA GLY D 75 8.93 -23.73 -6.52
C GLY D 75 7.91 -24.75 -6.01
N GLY D 76 8.35 -26.00 -5.90
CA GLY D 76 7.49 -27.11 -5.48
C GLY D 76 6.63 -26.91 -4.23
N ILE D 77 7.20 -26.29 -3.19
CA ILE D 77 6.50 -26.16 -1.90
C ILE D 77 5.79 -24.81 -1.68
N ALA D 78 5.66 -24.02 -2.74
CA ALA D 78 5.04 -22.71 -2.65
C ALA D 78 3.51 -22.82 -2.49
N ASP D 79 2.91 -21.81 -1.87
CA ASP D 79 1.47 -21.76 -1.63
C ASP D 79 0.71 -21.48 -2.93
N LYS D 80 0.16 -22.53 -3.53
CA LYS D 80 -0.56 -22.42 -4.81
C LYS D 80 -1.80 -21.52 -4.73
N THR D 81 -2.49 -21.55 -3.58
CA THR D 81 -3.67 -20.72 -3.39
C THR D 81 -3.30 -19.24 -3.35
N ALA D 82 -2.11 -18.93 -2.80
CA ALA D 82 -1.59 -17.56 -2.77
C ALA D 82 -1.24 -17.04 -4.17
N TYR D 83 -0.67 -17.89 -5.02
CA TYR D 83 -0.39 -17.53 -6.41
C TYR D 83 -1.68 -17.37 -7.21
N ALA D 84 -2.69 -18.16 -6.85
CA ALA D 84 -4.02 -18.04 -7.45
C ALA D 84 -4.64 -16.69 -7.12
N SER D 85 -4.68 -16.36 -5.82
CA SER D 85 -5.14 -15.06 -5.33
C SER D 85 -4.41 -13.90 -6.00
N MET D 86 -3.09 -13.99 -6.00
CA MET D 86 -2.24 -12.94 -6.55
C MET D 86 -2.58 -12.65 -8.01
N ALA D 87 -2.72 -13.70 -8.81
CA ALA D 87 -2.97 -13.55 -10.25
C ALA D 87 -4.42 -13.20 -10.61
N SER D 88 -5.32 -13.23 -9.64
CA SER D 88 -6.77 -13.08 -9.92
C SER D 88 -7.25 -11.63 -10.02
N ASN D 89 -6.31 -10.69 -9.99
CA ASN D 89 -6.64 -9.27 -9.87
C ASN D 89 -5.44 -8.36 -10.20
N PRO D 90 -5.65 -7.31 -11.03
CA PRO D 90 -4.54 -6.48 -11.54
C PRO D 90 -3.73 -5.72 -10.49
N THR D 91 -4.38 -5.27 -9.42
CA THR D 91 -3.66 -4.59 -8.33
C THR D 91 -2.64 -5.52 -7.68
N SER D 92 -3.06 -6.73 -7.32
CA SER D 92 -2.16 -7.70 -6.70
C SER D 92 -1.18 -8.30 -7.72
N ARG D 93 -1.55 -8.31 -9.00
CA ARG D 93 -0.62 -8.69 -10.07
C ARG D 93 0.44 -7.62 -10.28
N LYS D 94 0.04 -6.36 -10.11
CA LYS D 94 0.96 -5.24 -10.25
C LYS D 94 2.01 -5.25 -9.13
N SER D 95 1.61 -5.59 -7.91
CA SER D 95 2.55 -5.62 -6.80
C SER D 95 3.58 -6.76 -6.91
N PHE D 96 3.14 -7.92 -7.39
CA PHE D 96 4.02 -9.03 -7.77
C PHE D 96 5.02 -8.61 -8.85
N ILE D 97 4.49 -8.10 -9.95
CA ILE D 97 5.29 -7.70 -11.11
C ILE D 97 6.33 -6.62 -10.77
N ASP D 98 5.89 -5.50 -10.20
CA ASP D 98 6.79 -4.39 -9.90
C ASP D 98 7.89 -4.83 -8.93
N SER D 99 7.52 -5.61 -7.91
CA SER D 99 8.45 -6.09 -6.89
C SER D 99 9.46 -7.11 -7.44
N SER D 100 9.02 -8.01 -8.33
CA SER D 100 9.92 -8.96 -8.98
C SER D 100 11.04 -8.22 -9.71
N ILE D 101 10.67 -7.13 -10.40
CA ILE D 101 11.61 -6.36 -11.19
C ILE D 101 12.57 -5.53 -10.33
N ARG D 102 12.02 -4.88 -9.30
CA ARG D 102 12.85 -4.21 -8.28
C ARG D 102 13.85 -5.20 -7.68
N VAL D 103 13.37 -6.41 -7.41
CA VAL D 103 14.17 -7.48 -6.80
C VAL D 103 15.26 -7.97 -7.75
N ALA D 104 14.89 -8.16 -9.02
CA ALA D 104 15.82 -8.66 -10.02
C ALA D 104 16.99 -7.69 -10.17
N ARG D 105 16.66 -6.40 -10.27
CA ARG D 105 17.66 -5.35 -10.42
C ARG D 105 18.49 -5.20 -9.15
N SER D 106 17.83 -5.08 -8.00
CA SER D 106 18.58 -4.80 -6.76
C SER D 106 19.48 -5.94 -6.30
N TYR D 107 19.14 -7.18 -6.69
CA TYR D 107 19.95 -8.38 -6.38
C TYR D 107 20.97 -8.74 -7.46
N GLY D 108 20.95 -8.02 -8.59
CA GLY D 108 21.94 -8.17 -9.66
C GLY D 108 21.70 -9.31 -10.65
N PHE D 109 20.44 -9.68 -10.84
CA PHE D 109 20.05 -10.76 -11.76
C PHE D 109 19.70 -10.26 -13.16
N HIS D 110 19.89 -11.12 -14.17
CA HIS D 110 19.57 -10.79 -15.56
C HIS D 110 18.12 -11.14 -15.92
N GLY D 111 17.42 -11.79 -15.01
CA GLY D 111 16.06 -12.21 -15.31
C GLY D 111 15.32 -12.86 -14.17
N LEU D 112 14.07 -13.22 -14.46
CA LEU D 112 13.15 -13.81 -13.52
C LEU D 112 12.50 -15.05 -14.10
N ASP D 113 12.20 -16.02 -13.23
CA ASP D 113 11.68 -17.32 -13.61
C ASP D 113 10.53 -17.67 -12.67
N LEU D 114 9.32 -17.78 -13.23
CA LEU D 114 8.14 -18.08 -12.44
C LEU D 114 7.92 -19.60 -12.35
N ASP D 115 7.85 -20.11 -11.13
CA ASP D 115 7.69 -21.56 -10.91
C ASP D 115 6.44 -21.83 -10.07
N TRP D 116 5.29 -21.63 -10.71
CA TRP D 116 3.98 -21.92 -10.14
C TRP D 116 3.58 -23.31 -10.60
N GLU D 117 3.57 -24.25 -9.66
CA GLU D 117 3.45 -25.66 -10.00
C GLU D 117 2.27 -26.35 -9.30
N TYR D 118 1.07 -26.35 -9.91
CA TYR D 118 0.75 -25.72 -11.20
C TYR D 118 -0.61 -25.04 -11.08
N PRO D 119 -0.95 -24.12 -12.01
CA PRO D 119 -2.31 -23.58 -12.03
C PRO D 119 -3.30 -24.74 -12.21
N SER D 120 -4.25 -24.86 -11.29
CA SER D 120 -5.05 -26.08 -11.10
C SER D 120 -6.44 -26.07 -11.73
N SER D 121 -6.81 -24.97 -12.37
CA SER D 121 -8.14 -24.86 -12.99
C SER D 121 -8.04 -23.93 -14.19
N ALA D 122 -9.11 -23.91 -15.00
CA ALA D 122 -9.18 -23.03 -16.18
C ALA D 122 -9.13 -21.55 -15.81
N THR D 123 -9.70 -21.22 -14.66
CA THR D 123 -9.66 -19.87 -14.10
C THR D 123 -8.19 -19.50 -13.84
N GLU D 124 -7.54 -20.29 -12.99
CA GLU D 124 -6.12 -20.11 -12.66
C GLU D 124 -5.22 -19.96 -13.89
N MET D 125 -5.45 -20.80 -14.90
CA MET D 125 -4.69 -20.78 -16.15
C MET D 125 -4.88 -19.50 -16.93
N THR D 126 -6.10 -18.98 -16.94
CA THR D 126 -6.42 -17.74 -17.62
C THR D 126 -5.71 -16.56 -16.94
N ASN D 127 -5.79 -16.53 -15.61
CA ASN D 127 -5.09 -15.52 -14.81
C ASN D 127 -3.56 -15.59 -14.95
N PHE D 128 -3.04 -16.81 -15.03
CA PHE D 128 -1.64 -17.07 -15.33
C PHE D 128 -1.24 -16.40 -16.65
N GLY D 129 -2.02 -16.66 -17.71
CA GLY D 129 -1.83 -16.00 -18.99
C GLY D 129 -1.84 -14.47 -18.89
N THR D 130 -2.80 -13.94 -18.13
CA THR D 130 -2.90 -12.49 -17.91
C THR D 130 -1.64 -11.97 -17.20
N LEU D 131 -1.27 -12.61 -16.09
CA LEU D 131 -0.05 -12.26 -15.35
C LEU D 131 1.17 -12.17 -16.25
N LEU D 132 1.39 -13.18 -17.10
CA LEU D 132 2.55 -13.23 -17.98
C LEU D 132 2.58 -12.09 -18.99
N ARG D 133 1.39 -11.73 -19.51
CA ARG D 133 1.27 -10.64 -20.46
C ARG D 133 1.61 -9.30 -19.79
N GLU D 134 0.99 -9.05 -18.64
CA GLU D 134 1.28 -7.84 -17.85
C GLU D 134 2.75 -7.81 -17.42
N TRP D 135 3.31 -9.00 -17.17
CA TRP D 135 4.73 -9.13 -16.76
C TRP D 135 5.68 -8.72 -17.89
N ARG D 136 5.38 -9.17 -19.11
CA ARG D 136 6.19 -8.81 -20.27
C ARG D 136 6.09 -7.33 -20.62
N SER D 137 4.90 -6.75 -20.48
CA SER D 137 4.71 -5.31 -20.66
C SER D 137 5.64 -4.56 -19.72
N ALA D 138 5.64 -4.94 -18.44
CA ALA D 138 6.44 -4.26 -17.42
C ALA D 138 7.96 -4.35 -17.60
N VAL D 139 8.48 -5.50 -18.07
CA VAL D 139 9.94 -5.63 -18.31
C VAL D 139 10.39 -4.84 -19.53
N VAL D 140 9.46 -4.67 -20.48
CA VAL D 140 9.65 -3.82 -21.65
C VAL D 140 9.70 -2.36 -21.17
N ALA D 141 8.68 -1.97 -20.40
CA ALA D 141 8.57 -0.61 -19.84
C ALA D 141 9.79 -0.22 -19.00
N GLU D 142 10.25 -1.14 -18.13
CA GLU D 142 11.43 -0.90 -17.28
C GLU D 142 12.71 -0.77 -18.08
N ALA D 143 12.83 -1.50 -19.19
CA ALA D 143 14.06 -1.51 -19.98
C ALA D 143 14.35 -0.17 -20.65
N SER D 144 13.37 0.36 -21.39
CA SER D 144 13.52 1.67 -22.04
C SER D 144 13.68 2.76 -21.00
N SER D 145 12.91 2.64 -19.93
CA SER D 145 12.91 3.59 -18.81
C SER D 145 14.10 3.45 -17.84
N SER D 146 15.06 2.59 -18.15
CA SER D 146 16.26 2.46 -17.30
C SER D 146 17.55 2.51 -18.11
N GLY D 147 17.46 2.18 -19.40
CA GLY D 147 18.61 2.13 -20.30
C GLY D 147 19.44 0.85 -20.16
N LYS D 148 18.87 -0.14 -19.48
CA LYS D 148 19.54 -1.43 -19.31
C LYS D 148 18.93 -2.48 -20.23
N PRO D 149 19.71 -3.53 -20.56
CA PRO D 149 19.13 -4.64 -21.33
C PRO D 149 17.88 -5.20 -20.65
N ARG D 150 16.86 -5.52 -21.45
CA ARG D 150 15.63 -6.07 -20.93
C ARG D 150 15.87 -7.31 -20.07
N LEU D 151 15.21 -7.39 -18.92
CA LEU D 151 15.26 -8.59 -18.10
C LEU D 151 14.62 -9.76 -18.87
N LEU D 152 15.23 -10.93 -18.77
CA LEU D 152 14.66 -12.16 -19.34
C LEU D 152 13.49 -12.65 -18.52
N LEU D 153 12.54 -13.33 -19.18
CA LEU D 153 11.43 -13.96 -18.46
C LEU D 153 11.31 -15.42 -18.85
N ALA D 154 11.20 -16.28 -17.85
CA ALA D 154 11.01 -17.71 -18.06
C ALA D 154 9.99 -18.23 -17.07
N ALA D 155 9.51 -19.46 -17.30
CA ALA D 155 8.65 -20.13 -16.35
C ALA D 155 8.82 -21.65 -16.40
N ALA D 156 8.91 -22.29 -15.23
CA ALA D 156 8.90 -23.77 -15.21
C ALA D 156 7.47 -24.25 -15.38
N VAL D 157 7.26 -25.11 -16.39
CA VAL D 157 5.93 -25.60 -16.72
C VAL D 157 5.87 -27.14 -16.70
N PHE D 158 4.66 -27.67 -16.70
CA PHE D 158 4.39 -29.09 -16.83
C PHE D 158 4.98 -29.60 -18.14
N TYR D 159 5.33 -30.89 -18.19
CA TYR D 159 5.96 -31.49 -19.37
C TYR D 159 5.10 -31.40 -20.64
N SER D 160 3.80 -31.23 -20.44
CA SER D 160 2.83 -31.04 -21.51
C SER D 160 2.01 -29.77 -21.28
N ASN D 161 1.43 -29.22 -22.35
CA ASN D 161 0.52 -28.08 -22.20
C ASN D 161 -0.79 -28.50 -21.54
N ASN D 162 -1.05 -29.81 -21.57
CA ASN D 162 -2.26 -30.39 -21.00
C ASN D 162 -1.98 -30.97 -19.62
N TYR D 163 -2.36 -30.21 -18.59
CA TYR D 163 -2.18 -30.61 -17.21
C TYR D 163 -3.45 -31.25 -16.67
N TYR D 164 -3.59 -32.55 -16.90
CA TYR D 164 -4.80 -33.30 -16.51
C TYR D 164 -6.08 -32.60 -17.02
N SER D 165 -6.07 -32.29 -18.32
CA SER D 165 -7.17 -31.64 -19.07
C SER D 165 -7.40 -30.15 -18.74
N VAL D 166 -6.54 -29.58 -17.89
CA VAL D 166 -6.50 -28.12 -17.69
C VAL D 166 -5.40 -27.59 -18.60
N LEU D 167 -5.79 -26.81 -19.60
CA LEU D 167 -4.86 -26.41 -20.66
C LEU D 167 -4.15 -25.09 -20.36
N TYR D 168 -2.84 -25.07 -20.63
CA TYR D 168 -2.00 -23.88 -20.50
C TYR D 168 -2.40 -22.84 -21.54
N PRO D 169 -2.34 -21.54 -21.18
CA PRO D 169 -2.62 -20.47 -22.15
C PRO D 169 -1.41 -20.25 -23.05
N VAL D 170 -1.26 -21.13 -24.04
CA VAL D 170 -0.05 -21.22 -24.87
C VAL D 170 0.25 -19.94 -25.66
N SER D 171 -0.80 -19.18 -25.98
CA SER D 171 -0.64 -17.93 -26.70
C SER D 171 0.04 -16.89 -25.81
N ALA D 172 -0.46 -16.76 -24.59
CA ALA D 172 0.12 -15.84 -23.62
C ALA D 172 1.57 -16.20 -23.28
N VAL D 173 1.85 -17.51 -23.20
CA VAL D 173 3.20 -18.01 -22.93
C VAL D 173 4.18 -17.66 -24.05
N ALA D 174 3.80 -17.95 -25.29
CA ALA D 174 4.66 -17.76 -26.47
C ALA D 174 5.05 -16.30 -26.74
N SER D 175 4.17 -15.36 -26.40
CA SER D 175 4.45 -13.95 -26.66
C SER D 175 5.10 -13.24 -25.48
N SER D 176 4.78 -13.67 -24.25
CA SER D 176 5.25 -13.03 -23.02
C SER D 176 6.63 -13.46 -22.52
N LEU D 177 6.97 -14.74 -22.70
CA LEU D 177 8.19 -15.31 -22.12
C LEU D 177 9.28 -15.56 -23.15
N ASP D 178 10.53 -15.45 -22.71
CA ASP D 178 11.69 -15.83 -23.53
C ASP D 178 11.79 -17.36 -23.74
N TRP D 179 11.38 -18.15 -22.75
CA TRP D 179 11.23 -19.61 -22.88
C TRP D 179 10.50 -20.21 -21.69
N VAL D 180 10.11 -21.47 -21.81
CA VAL D 180 9.60 -22.22 -20.69
C VAL D 180 10.53 -23.38 -20.38
N ASN D 181 10.66 -23.67 -19.08
CA ASN D 181 11.45 -24.79 -18.60
C ASN D 181 10.54 -26.00 -18.47
N LEU D 182 10.63 -26.91 -19.45
CA LEU D 182 9.77 -28.09 -19.49
C LEU D 182 10.22 -29.12 -18.47
N MET D 183 9.42 -29.32 -17.44
CA MET D 183 9.74 -30.26 -16.37
C MET D 183 9.40 -31.70 -16.75
N ALA D 184 10.16 -32.24 -17.69
CA ALA D 184 9.94 -33.61 -18.16
C ALA D 184 10.59 -34.64 -17.23
N TYR D 185 10.09 -34.70 -16.01
CA TYR D 185 10.56 -35.65 -15.00
C TYR D 185 9.55 -35.82 -13.87
N ASP D 186 9.89 -36.61 -12.86
CA ASP D 186 8.92 -37.04 -11.83
C ASP D 186 7.73 -37.77 -12.45
N PHE D 187 7.96 -38.52 -13.53
CA PHE D 187 6.92 -39.32 -14.14
C PHE D 187 6.52 -40.48 -13.24
N TYR D 188 7.49 -41.06 -12.54
CA TYR D 188 7.28 -42.21 -11.70
C TYR D 188 8.04 -42.04 -10.42
N GLY D 189 7.42 -42.42 -9.31
CA GLY D 189 8.02 -42.42 -7.99
C GLY D 189 7.17 -43.32 -7.09
N PRO D 190 7.78 -43.85 -6.00
CA PRO D 190 7.10 -44.78 -5.09
C PRO D 190 5.95 -44.17 -4.29
N GLY D 191 5.94 -42.84 -4.16
CA GLY D 191 4.79 -42.12 -3.63
C GLY D 191 3.53 -42.22 -4.47
N TRP D 192 3.68 -42.44 -5.77
CA TRP D 192 2.48 -42.54 -6.65
C TRP D 192 2.50 -43.68 -7.67
N SER D 193 3.50 -44.55 -7.61
CA SER D 193 3.54 -45.71 -8.49
C SER D 193 3.91 -46.97 -7.71
N ARG D 194 3.04 -47.98 -7.78
CA ARG D 194 3.33 -49.27 -7.14
C ARG D 194 4.36 -50.10 -7.92
N VAL D 195 4.61 -49.75 -9.18
CA VAL D 195 5.65 -50.39 -9.99
C VAL D 195 6.84 -49.47 -10.31
N THR D 196 8.02 -50.06 -10.54
CA THR D 196 9.18 -49.32 -11.03
C THR D 196 8.86 -48.69 -12.38
N GLY D 197 9.47 -47.54 -12.66
CA GLY D 197 9.23 -46.84 -13.91
C GLY D 197 10.39 -45.91 -14.21
N PRO D 198 10.50 -45.46 -15.47
CA PRO D 198 11.54 -44.47 -15.80
C PRO D 198 11.06 -43.06 -15.47
N PRO D 199 11.58 -42.47 -14.37
CA PRO D 199 11.04 -41.21 -13.87
C PRO D 199 11.13 -40.01 -14.84
N ALA D 200 11.94 -40.12 -15.90
CA ALA D 200 12.07 -39.03 -16.87
C ALA D 200 12.15 -39.49 -18.33
N ALA D 201 11.53 -40.62 -18.64
CA ALA D 201 11.61 -41.22 -19.98
C ALA D 201 11.46 -40.19 -21.10
N LEU D 202 12.37 -40.20 -22.07
CA LEU D 202 12.22 -39.36 -23.25
C LEU D 202 11.18 -39.96 -24.20
N PHE D 203 11.05 -41.28 -24.20
CA PHE D 203 10.16 -42.00 -25.12
C PHE D 203 9.33 -43.07 -24.41
N ASP D 204 8.15 -43.36 -24.96
CA ASP D 204 7.29 -44.44 -24.45
C ASP D 204 6.79 -45.36 -25.55
N PRO D 205 7.50 -46.49 -25.79
CA PRO D 205 7.07 -47.50 -26.77
C PRO D 205 5.58 -47.87 -26.70
N SER D 206 4.98 -47.84 -25.51
CA SER D 206 3.55 -48.17 -25.34
C SER D 206 2.60 -46.98 -25.55
N ASN D 207 3.13 -45.76 -25.38
CA ASN D 207 2.38 -44.50 -25.50
C ASN D 207 1.21 -44.40 -24.50
N ALA D 208 1.35 -45.10 -23.38
CA ALA D 208 0.34 -45.12 -22.33
C ALA D 208 0.78 -44.35 -21.08
N GLY D 209 2.07 -44.02 -21.01
CA GLY D 209 2.60 -43.20 -19.93
C GLY D 209 3.19 -41.91 -20.45
N PRO D 210 3.69 -41.06 -19.55
CA PRO D 210 4.30 -39.80 -19.97
C PRO D 210 5.68 -39.99 -20.60
N SER D 211 6.10 -39.03 -21.42
CA SER D 211 7.45 -38.98 -21.95
C SER D 211 7.79 -37.56 -22.37
N GLY D 212 9.08 -37.24 -22.40
CA GLY D 212 9.53 -35.91 -22.79
C GLY D 212 9.16 -35.59 -24.23
N ASP D 213 9.30 -36.58 -25.10
CA ASP D 213 8.92 -36.47 -26.52
C ASP D 213 7.42 -36.14 -26.71
N ALA D 214 6.57 -36.83 -25.97
CA ALA D 214 5.13 -36.67 -26.15
C ALA D 214 4.62 -35.34 -25.57
N GLY D 215 5.22 -34.92 -24.46
CA GLY D 215 4.86 -33.63 -23.87
C GLY D 215 5.36 -32.47 -24.71
N THR D 216 6.60 -32.60 -25.22
CA THR D 216 7.20 -31.60 -26.08
C THR D 216 6.40 -31.43 -27.37
N ARG D 217 6.01 -32.55 -27.97
CA ARG D 217 5.15 -32.53 -29.15
C ARG D 217 3.85 -31.79 -28.85
N SER D 218 3.21 -32.13 -27.73
CA SER D 218 1.95 -31.53 -27.34
C SER D 218 2.04 -30.00 -27.20
N TRP D 219 3.12 -29.53 -26.57
CA TRP D 219 3.42 -28.10 -26.46
C TRP D 219 3.53 -27.44 -27.83
N ILE D 220 4.39 -27.98 -28.69
CA ILE D 220 4.63 -27.46 -30.03
C ILE D 220 3.34 -27.45 -30.90
N GLN D 221 2.57 -28.54 -30.83
CA GLN D 221 1.32 -28.66 -31.59
C GLN D 221 0.27 -27.64 -31.12
N ALA D 222 0.29 -27.32 -29.83
CA ALA D 222 -0.62 -26.31 -29.27
C ALA D 222 -0.15 -24.86 -29.53
N GLY D 223 0.95 -24.72 -30.27
CA GLY D 223 1.41 -23.38 -30.66
C GLY D 223 2.78 -22.95 -30.17
N LEU D 224 3.28 -23.56 -29.09
CA LEU D 224 4.58 -23.15 -28.54
C LEU D 224 5.69 -23.32 -29.56
N PRO D 225 6.38 -22.21 -29.92
CA PRO D 225 7.54 -22.38 -30.79
C PRO D 225 8.60 -23.25 -30.12
N ALA D 226 9.28 -24.07 -30.92
CA ALA D 226 10.26 -25.00 -30.41
C ALA D 226 11.44 -24.26 -29.81
N LYS D 227 11.80 -23.13 -30.39
CA LYS D 227 12.89 -22.31 -29.88
C LYS D 227 12.52 -21.53 -28.61
N LYS D 228 11.32 -21.77 -28.08
CA LYS D 228 10.97 -21.28 -26.74
C LYS D 228 10.78 -22.43 -25.74
N ALA D 229 11.28 -23.60 -26.09
CA ALA D 229 11.22 -24.78 -25.20
C ALA D 229 12.62 -25.10 -24.70
N VAL D 230 12.75 -25.27 -23.39
CA VAL D 230 14.01 -25.73 -22.79
C VAL D 230 13.69 -27.04 -22.04
N LEU D 231 14.28 -28.14 -22.51
CA LEU D 231 13.94 -29.46 -22.00
C LEU D 231 14.66 -29.76 -20.70
N GLY D 232 13.91 -30.03 -19.64
CA GLY D 232 14.50 -30.38 -18.35
C GLY D 232 14.83 -31.84 -18.19
N PHE D 233 15.86 -32.11 -17.38
CA PHE D 233 16.13 -33.44 -16.90
C PHE D 233 16.62 -33.42 -15.44
N PRO D 234 16.43 -34.53 -14.70
CA PRO D 234 16.78 -34.55 -13.29
C PRO D 234 18.20 -35.08 -13.03
N TYR D 235 18.89 -34.49 -12.07
CA TYR D 235 20.13 -35.05 -11.54
C TYR D 235 19.80 -35.80 -10.26
N TYR D 236 18.72 -36.56 -10.31
CA TYR D 236 18.27 -37.38 -9.19
C TYR D 236 17.35 -38.49 -9.72
N GLY D 237 17.12 -39.48 -8.88
CA GLY D 237 16.23 -40.57 -9.23
C GLY D 237 15.32 -40.93 -8.08
N TYR D 238 14.49 -41.96 -8.31
CA TYR D 238 13.62 -42.54 -7.30
C TYR D 238 13.99 -43.99 -7.08
N ALA D 239 14.04 -44.40 -5.81
CA ALA D 239 14.37 -45.76 -5.41
C ALA D 239 13.15 -46.51 -4.88
N TRP D 240 12.89 -47.70 -5.40
CA TRP D 240 11.81 -48.58 -4.93
C TRP D 240 12.38 -49.84 -4.27
N ARG D 241 11.58 -50.42 -3.39
CA ARG D 241 11.83 -51.76 -2.87
C ARG D 241 11.11 -52.79 -3.75
N LEU D 242 11.87 -53.64 -4.44
CA LEU D 242 11.31 -54.67 -5.33
C LEU D 242 10.65 -55.79 -4.52
N THR D 243 9.52 -56.30 -5.00
CA THR D 243 8.82 -57.43 -4.38
C THR D 243 9.68 -58.69 -4.49
N ASN D 244 10.16 -58.94 -5.71
CA ASN D 244 11.04 -60.06 -6.00
C ASN D 244 12.29 -59.55 -6.72
N ALA D 245 13.46 -59.94 -6.25
CA ALA D 245 14.73 -59.49 -6.83
C ALA D 245 14.96 -60.04 -8.24
N ASN D 246 14.16 -61.03 -8.63
CA ASN D 246 14.26 -61.63 -9.95
C ASN D 246 13.40 -60.89 -10.99
N SER D 247 12.58 -59.95 -10.52
CA SER D 247 11.84 -59.03 -11.38
C SER D 247 12.36 -57.62 -11.14
N HIS D 248 13.11 -57.10 -12.10
CA HIS D 248 13.96 -55.92 -11.87
C HIS D 248 14.11 -54.97 -13.05
N SER D 249 13.23 -55.06 -14.05
CA SER D 249 13.25 -54.07 -15.12
C SER D 249 12.19 -53.02 -14.85
N TYR D 250 11.79 -52.28 -15.88
CA TYR D 250 10.70 -51.32 -15.74
C TYR D 250 9.34 -52.00 -15.47
N TYR D 251 8.50 -51.35 -14.67
CA TYR D 251 7.15 -51.87 -14.31
C TYR D 251 7.21 -53.16 -13.49
N ALA D 252 8.30 -53.35 -12.76
CA ALA D 252 8.43 -54.46 -11.83
C ALA D 252 7.59 -54.20 -10.57
N PRO D 253 6.96 -55.25 -9.99
CA PRO D 253 6.23 -55.10 -8.72
C PRO D 253 7.13 -54.62 -7.59
N THR D 254 6.60 -53.74 -6.74
CA THR D 254 7.34 -53.21 -5.60
C THR D 254 6.49 -53.19 -4.33
N THR D 255 7.14 -53.05 -3.18
CA THR D 255 6.41 -52.97 -1.91
C THR D 255 6.49 -51.59 -1.28
N GLY D 256 7.12 -50.65 -1.97
CA GLY D 256 7.20 -49.27 -1.50
C GLY D 256 8.48 -48.59 -1.92
N ALA D 257 8.90 -47.59 -1.15
CA ALA D 257 10.09 -46.82 -1.45
C ALA D 257 11.32 -47.44 -0.79
N ALA D 258 12.50 -47.09 -1.31
CA ALA D 258 13.77 -47.54 -0.73
C ALA D 258 14.69 -46.35 -0.45
N ILE D 259 15.66 -46.54 0.45
CA ILE D 259 16.71 -45.55 0.76
C ILE D 259 16.24 -44.28 1.51
N SER D 260 15.16 -43.66 1.03
CA SER D 260 14.63 -42.43 1.62
C SER D 260 13.11 -42.54 1.67
N PRO D 261 12.44 -41.72 2.53
CA PRO D 261 10.98 -41.78 2.68
C PRO D 261 10.18 -41.73 1.36
N ASP D 262 10.54 -40.84 0.44
CA ASP D 262 9.85 -40.74 -0.85
C ASP D 262 10.59 -41.42 -2.01
N GLY D 263 11.73 -42.05 -1.70
CA GLY D 263 12.50 -42.76 -2.70
C GLY D 263 13.53 -41.91 -3.41
N SER D 264 13.47 -40.60 -3.22
CA SER D 264 14.33 -39.68 -3.94
C SER D 264 15.78 -39.72 -3.47
N ILE D 265 16.68 -39.63 -4.43
CA ILE D 265 18.13 -39.74 -4.16
C ILE D 265 18.88 -39.00 -5.27
N GLY D 266 19.82 -38.15 -4.91
CA GLY D 266 20.56 -37.38 -5.89
C GLY D 266 21.53 -38.26 -6.66
N TYR D 267 21.92 -37.80 -7.85
CA TYR D 267 22.83 -38.51 -8.74
C TYR D 267 24.18 -38.84 -8.10
N GLY D 268 24.77 -37.86 -7.41
CA GLY D 268 26.02 -38.10 -6.68
C GLY D 268 25.89 -39.32 -5.77
N GLN D 269 24.76 -39.41 -5.07
CA GLN D 269 24.48 -40.51 -4.16
C GLN D 269 24.16 -41.81 -4.89
N ILE D 270 23.58 -41.70 -6.09
CA ILE D 270 23.29 -42.87 -6.89
C ILE D 270 24.58 -43.55 -7.35
N ARG D 271 25.56 -42.75 -7.77
CA ARG D 271 26.89 -43.22 -8.15
C ARG D 271 27.60 -43.90 -6.99
N LYS D 272 27.46 -43.35 -5.78
CA LYS D 272 27.98 -43.99 -4.57
C LYS D 272 27.30 -45.34 -4.33
N PHE D 273 25.97 -45.34 -4.43
CA PHE D 273 25.18 -46.56 -4.28
C PHE D 273 25.70 -47.65 -5.22
N ILE D 274 25.91 -47.29 -6.47
CA ILE D 274 26.32 -48.24 -7.50
C ILE D 274 27.66 -48.90 -7.12
N VAL D 275 28.63 -48.06 -6.76
CA VAL D 275 29.96 -48.48 -6.35
C VAL D 275 29.90 -49.31 -5.05
N ASP D 276 29.24 -48.79 -4.02
CA ASP D 276 29.19 -49.44 -2.70
C ASP D 276 28.49 -50.81 -2.74
N ASN D 277 27.51 -50.96 -3.62
CA ASN D 277 26.70 -52.17 -3.66
C ASN D 277 27.01 -53.13 -4.83
N GLY D 278 27.99 -52.79 -5.66
CA GLY D 278 28.26 -53.56 -6.88
C GLY D 278 26.94 -53.73 -7.62
N ALA D 279 26.36 -52.62 -8.02
CA ALA D 279 25.03 -52.63 -8.57
C ALA D 279 25.06 -52.97 -10.07
N THR D 280 23.99 -53.61 -10.51
CA THR D 280 23.78 -53.85 -11.92
C THR D 280 23.28 -52.55 -12.52
N THR D 281 23.83 -52.19 -13.67
CA THR D 281 23.50 -50.90 -14.28
C THR D 281 23.02 -51.09 -15.70
N VAL D 282 21.98 -50.33 -16.04
CA VAL D 282 21.31 -50.44 -17.32
C VAL D 282 21.08 -49.05 -17.88
N TYR D 283 21.56 -48.81 -19.11
CA TYR D 283 21.01 -47.73 -19.92
C TYR D 283 20.02 -48.32 -20.94
N ASN D 284 18.74 -48.01 -20.77
CA ASN D 284 17.70 -48.50 -21.67
C ASN D 284 17.50 -47.48 -22.78
N SER D 285 17.82 -47.85 -24.01
CA SER D 285 17.79 -46.88 -25.09
C SER D 285 16.40 -46.74 -25.72
N THR D 286 15.50 -47.65 -25.39
CA THR D 286 14.13 -47.59 -25.90
C THR D 286 13.36 -46.41 -25.28
N VAL D 287 13.47 -46.27 -23.96
CA VAL D 287 12.82 -45.15 -23.26
C VAL D 287 13.74 -43.95 -23.10
N VAL D 288 15.05 -44.18 -23.23
CA VAL D 288 16.10 -43.22 -22.85
C VAL D 288 16.04 -42.92 -21.36
N GLY D 289 16.69 -43.77 -20.57
CA GLY D 289 16.60 -43.74 -19.13
C GLY D 289 17.58 -44.73 -18.56
N ASP D 290 18.12 -44.42 -17.38
CA ASP D 290 19.01 -45.32 -16.68
C ASP D 290 18.34 -45.93 -15.47
N TYR D 291 18.77 -47.12 -15.11
CA TYR D 291 18.42 -47.67 -13.81
C TYR D 291 19.51 -48.58 -13.30
N CYS D 292 19.47 -48.85 -12.00
CA CYS D 292 20.44 -49.70 -11.33
C CYS D 292 19.77 -50.43 -10.19
N TYR D 293 20.31 -51.60 -9.84
CA TYR D 293 19.72 -52.39 -8.77
C TYR D 293 20.73 -53.32 -8.11
N ALA D 294 20.50 -53.55 -6.82
CA ALA D 294 21.26 -54.49 -6.00
C ALA D 294 20.27 -55.10 -5.02
N GLY D 295 20.27 -56.43 -4.94
CA GLY D 295 19.30 -57.13 -4.11
C GLY D 295 17.91 -56.62 -4.48
N THR D 296 17.19 -56.06 -3.51
CA THR D 296 15.83 -55.61 -3.78
C THR D 296 15.71 -54.08 -3.93
N ASN D 297 16.85 -53.39 -3.96
CA ASN D 297 16.90 -51.95 -4.18
C ASN D 297 17.03 -51.59 -5.66
N TRP D 298 16.06 -50.84 -6.19
CA TRP D 298 15.99 -50.48 -7.60
C TRP D 298 15.87 -48.96 -7.73
N ILE D 299 16.75 -48.33 -8.50
CA ILE D 299 16.72 -46.86 -8.71
C ILE D 299 16.61 -46.48 -10.19
N GLY D 300 15.63 -45.65 -10.54
CA GLY D 300 15.51 -45.12 -11.89
C GLY D 300 15.94 -43.66 -11.88
N TYR D 301 16.78 -43.27 -12.83
CA TYR D 301 17.42 -41.95 -12.82
C TYR D 301 18.01 -41.66 -14.21
N ASP D 302 18.65 -40.51 -14.37
CA ASP D 302 19.38 -40.20 -15.60
C ASP D 302 20.87 -40.29 -15.35
N ASP D 303 21.54 -41.18 -16.08
CA ASP D 303 23.00 -41.19 -16.10
C ASP D 303 23.49 -40.59 -17.42
N ASN D 304 24.81 -40.67 -17.62
CA ASN D 304 25.49 -40.10 -18.79
C ASN D 304 24.78 -40.28 -20.14
N GLN D 305 24.35 -41.51 -20.43
CA GLN D 305 23.77 -41.80 -21.75
C GLN D 305 22.38 -41.20 -21.93
N SER D 306 21.61 -41.13 -20.83
CA SER D 306 20.32 -40.47 -20.86
C SER D 306 20.49 -38.99 -21.13
N ILE D 307 21.44 -38.38 -20.43
CA ILE D 307 21.71 -36.95 -20.54
C ILE D 307 22.18 -36.58 -21.95
N VAL D 308 23.16 -37.33 -22.46
CA VAL D 308 23.72 -37.10 -23.78
C VAL D 308 22.64 -37.25 -24.86
N THR D 309 21.82 -38.28 -24.74
CA THR D 309 20.72 -38.49 -25.69
C THR D 309 19.66 -37.39 -25.68
N LYS D 310 19.26 -36.93 -24.48
CA LYS D 310 18.30 -35.83 -24.34
C LYS D 310 18.84 -34.49 -24.86
N VAL D 311 20.11 -34.22 -24.61
CA VAL D 311 20.77 -33.01 -25.12
C VAL D 311 20.79 -33.01 -26.66
N ARG D 312 21.18 -34.13 -27.27
CA ARG D 312 21.13 -34.33 -28.72
C ARG D 312 19.71 -34.18 -29.26
N TYR D 313 18.75 -34.82 -28.60
CA TYR D 313 17.34 -34.62 -28.92
C TYR D 313 17.01 -33.12 -28.96
N ALA D 314 17.32 -32.42 -27.88
CA ALA D 314 17.02 -30.99 -27.76
C ALA D 314 17.56 -30.18 -28.95
N LYS D 315 18.81 -30.41 -29.29
CA LYS D 315 19.42 -29.71 -30.41
C LYS D 315 18.78 -30.07 -31.77
N GLN D 316 18.56 -31.37 -32.02
CA GLN D 316 18.08 -31.81 -33.32
C GLN D 316 16.62 -31.46 -33.58
N ARG D 317 15.81 -31.48 -32.53
CA ARG D 317 14.41 -31.11 -32.64
C ARG D 317 14.19 -29.58 -32.68
N GLY D 318 15.28 -28.83 -32.70
CA GLY D 318 15.22 -27.37 -32.78
C GLY D 318 14.70 -26.67 -31.55
N LEU D 319 14.88 -27.29 -30.38
CA LEU D 319 14.57 -26.67 -29.09
C LEU D 319 15.63 -25.62 -28.74
N LEU D 320 15.29 -24.72 -27.82
CA LEU D 320 16.22 -23.68 -27.39
C LEU D 320 17.42 -24.25 -26.60
N GLY D 321 17.16 -25.28 -25.81
CA GLY D 321 18.23 -25.90 -25.00
C GLY D 321 17.73 -26.88 -23.95
N TYR D 322 18.45 -26.95 -22.83
CA TYR D 322 18.17 -27.93 -21.77
C TYR D 322 18.45 -27.32 -20.41
N PHE D 323 17.83 -27.87 -19.37
CA PHE D 323 18.23 -27.51 -18.02
C PHE D 323 18.19 -28.75 -17.13
N SER D 324 18.88 -28.66 -16.00
CA SER D 324 18.82 -29.73 -15.03
C SER D 324 18.40 -29.23 -13.65
N TRP D 325 17.75 -30.13 -12.90
CA TRP D 325 17.54 -29.97 -11.48
C TRP D 325 18.32 -31.09 -10.79
N HIS D 326 19.44 -30.79 -10.10
CA HIS D 326 19.96 -29.45 -9.84
C HIS D 326 21.50 -29.53 -9.75
N VAL D 327 22.16 -28.37 -9.86
CA VAL D 327 23.62 -28.29 -9.99
C VAL D 327 24.40 -28.95 -8.84
N GLY D 328 23.82 -28.96 -7.66
CA GLY D 328 24.44 -29.58 -6.49
C GLY D 328 24.34 -31.09 -6.40
N ALA D 329 23.54 -31.71 -7.27
CA ALA D 329 23.35 -33.17 -7.24
C ALA D 329 24.18 -33.91 -8.27
N ASP D 330 24.93 -33.18 -9.08
CA ASP D 330 25.81 -33.77 -10.07
C ASP D 330 27.03 -34.37 -9.34
N ASP D 331 27.81 -35.18 -10.05
CA ASP D 331 29.05 -35.75 -9.50
C ASP D 331 30.25 -35.13 -10.23
N ASN D 332 30.93 -34.20 -9.55
CA ASN D 332 32.05 -33.47 -10.14
C ASN D 332 31.74 -32.87 -11.53
N SER D 333 30.56 -32.24 -11.65
CA SER D 333 30.05 -31.65 -12.90
C SER D 333 29.94 -32.64 -14.07
N GLY D 334 29.99 -33.94 -13.75
CA GLY D 334 30.07 -34.99 -14.77
C GLY D 334 28.96 -34.94 -15.81
N LEU D 335 27.71 -34.90 -15.36
CA LEU D 335 26.57 -34.85 -16.28
C LEU D 335 26.48 -33.53 -17.04
N SER D 336 26.73 -32.41 -16.37
CA SER D 336 26.72 -31.08 -17.01
C SER D 336 27.82 -30.90 -18.07
N ARG D 337 29.00 -31.45 -17.78
CA ARG D 337 30.11 -31.45 -18.73
C ARG D 337 29.78 -32.31 -19.95
N ALA D 338 29.21 -33.49 -19.70
CA ALA D 338 28.75 -34.36 -20.78
C ALA D 338 27.68 -33.67 -21.62
N ALA D 339 26.78 -32.94 -20.95
CA ALA D 339 25.69 -32.24 -21.64
C ALA D 339 26.19 -31.14 -22.56
N SER D 340 27.09 -30.32 -22.04
CA SER D 340 27.65 -29.17 -22.76
C SER D 340 28.44 -29.65 -23.97
N GLN D 341 29.30 -30.66 -23.76
CA GLN D 341 30.08 -31.23 -24.84
C GLN D 341 29.19 -31.85 -25.93
N ALA D 342 28.16 -32.56 -25.51
CA ALA D 342 27.21 -33.18 -26.46
C ALA D 342 26.46 -32.15 -27.29
N TRP D 343 26.04 -31.05 -26.67
CA TRP D 343 25.39 -29.98 -27.43
C TRP D 343 26.34 -29.40 -28.48
N ASP D 344 27.57 -29.10 -28.07
CA ASP D 344 28.56 -28.51 -28.96
C ASP D 344 29.02 -29.42 -30.11
N ALA D 345 28.89 -30.73 -29.96
CA ALA D 345 29.35 -31.68 -30.97
C ALA D 345 28.35 -31.99 -32.10
N THR D 346 27.05 -31.93 -31.79
CA THR D 346 26.01 -32.36 -32.75
C THR D 346 25.63 -31.30 -33.77
#